data_1Q1L
#
_entry.id   1Q1L
#
_cell.length_a   153.428
_cell.length_b   95.959
_cell.length_c   113.462
_cell.angle_alpha   90.00
_cell.angle_beta   93.04
_cell.angle_gamma   90.00
#
_symmetry.space_group_name_H-M   'C 1 2 1'
#
loop_
_entity.id
_entity.type
_entity.pdbx_description
1 polymer 'Chorismate synthase'
2 water water
#
_entity_poly.entity_id   1
_entity_poly.type   'polypeptide(L)'
_entity_poly.pdbx_seq_one_letter_code
;GSH(MSE)SLRYLRFLTAGESHGKGLTAILEGIPANLPLSEEEINHELRRRQRGYGRGGRMKIEKDTAEILSGVRFGKTL
GSPIALFIRNRDWENWKEKMAIEGEPSPSVVPFTRPRPGHADLSGGIKYNQRDLRNILERASARETAARVAVGAVCKKFL
SEFGIKIGSFVVSIGQKEVEELKDKSYFANPEKLLSYHEKAEDSELRIPFPEKDEEFKTYIDEVKEKGESLGGVFEVFAL
NVPPGLGSHIQWDRRIDGRIAQA(MSE)(MSE)SIQAIKGVEIGLGFEAARRFGSQVHDEIGWSEGKGYFRHSNNLGGTE
GGITNG(MSE)PIVVRVA(MSE)KPIPTLKNPLRSVDIETKEEMKAGKERTDIVAVPAASVVGEA(MSE)LAIVLADALL
EKLGGDF(MSE)EEVKKRFEDYVNHVKSF
;
_entity_poly.pdbx_strand_id   A,B,C,D
#
# COMPACT_ATOMS: atom_id res chain seq x y z
N SER A 5 -4.93 -5.72 3.89
CA SER A 5 -4.09 -5.38 2.72
C SER A 5 -3.09 -6.49 2.41
N LEU A 6 -3.10 -6.95 1.16
CA LEU A 6 -2.20 -8.01 0.71
C LEU A 6 -0.79 -7.48 0.47
N ARG A 7 0.20 -8.36 0.53
CA ARG A 7 1.59 -7.97 0.32
C ARG A 7 2.05 -8.13 -1.13
N TYR A 8 1.55 -9.17 -1.80
CA TYR A 8 1.95 -9.46 -3.17
C TYR A 8 0.83 -9.33 -4.21
N LEU A 9 -0.28 -10.05 -3.98
CA LEU A 9 -1.41 -10.01 -4.90
C LEU A 9 -2.18 -8.70 -4.71
N ARG A 10 -2.99 -8.38 -5.71
CA ARG A 10 -3.80 -7.17 -5.66
C ARG A 10 -5.09 -7.50 -6.37
N PHE A 11 -6.21 -7.02 -5.84
CA PHE A 11 -7.47 -7.26 -6.50
C PHE A 11 -8.50 -6.25 -6.05
N LEU A 12 -9.47 -6.00 -6.90
CA LEU A 12 -10.56 -5.11 -6.59
C LEU A 12 -11.82 -5.77 -7.11
N THR A 13 -12.93 -5.55 -6.42
CA THR A 13 -14.21 -6.10 -6.86
C THR A 13 -15.17 -4.93 -6.91
N ALA A 14 -16.26 -5.09 -7.66
CA ALA A 14 -17.27 -4.04 -7.80
C ALA A 14 -18.58 -4.63 -8.26
N GLY A 15 -19.65 -3.85 -8.13
CA GLY A 15 -20.96 -4.31 -8.55
C GLY A 15 -21.97 -4.25 -7.44
N GLU A 16 -23.22 -3.91 -7.79
CA GLU A 16 -24.29 -3.85 -6.80
C GLU A 16 -25.10 -5.15 -6.93
N SER A 17 -25.82 -5.53 -5.88
CA SER A 17 -26.61 -6.75 -5.90
C SER A 17 -27.63 -6.77 -7.03
N HIS A 18 -28.23 -5.62 -7.31
CA HIS A 18 -29.21 -5.54 -8.39
C HIS A 18 -28.72 -4.61 -9.50
N GLY A 19 -27.63 -5.02 -10.13
CA GLY A 19 -27.05 -4.25 -11.21
C GLY A 19 -26.72 -5.22 -12.31
N LYS A 20 -26.04 -4.75 -13.35
CA LYS A 20 -25.68 -5.61 -14.46
C LYS A 20 -24.93 -6.84 -13.97
N GLY A 21 -23.99 -6.64 -13.05
CA GLY A 21 -23.23 -7.77 -12.54
C GLY A 21 -22.11 -7.39 -11.60
N LEU A 22 -21.25 -8.37 -11.29
CA LEU A 22 -20.13 -8.13 -10.39
C LEU A 22 -18.85 -8.21 -11.19
N THR A 23 -17.93 -7.28 -10.94
CA THR A 23 -16.66 -7.28 -11.66
C THR A 23 -15.49 -7.40 -10.69
N ALA A 24 -14.46 -8.11 -11.12
CA ALA A 24 -13.27 -8.29 -10.29
C ALA A 24 -12.04 -8.32 -11.17
N ILE A 25 -10.96 -7.73 -10.66
CA ILE A 25 -9.69 -7.75 -11.35
C ILE A 25 -8.67 -8.20 -10.33
N LEU A 26 -7.97 -9.28 -10.67
CA LEU A 26 -6.95 -9.88 -9.82
C LEU A 26 -5.61 -9.77 -10.53
N GLU A 27 -4.61 -9.26 -9.83
CA GLU A 27 -3.29 -9.10 -10.42
C GLU A 27 -2.20 -9.75 -9.56
N GLY A 28 -1.25 -10.41 -10.20
CA GLY A 28 -0.17 -11.03 -9.46
C GLY A 28 -0.02 -12.53 -9.60
N ILE A 29 -1.05 -13.20 -10.11
CA ILE A 29 -0.94 -14.65 -10.28
C ILE A 29 0.08 -14.89 -11.39
N PRO A 30 1.08 -15.75 -11.16
CA PRO A 30 2.09 -16.00 -12.19
C PRO A 30 1.53 -16.50 -13.51
N ALA A 31 2.35 -16.35 -14.55
CA ALA A 31 2.00 -16.79 -15.90
C ALA A 31 2.16 -18.28 -16.03
N ASN A 32 1.40 -18.88 -16.95
CA ASN A 32 1.46 -20.30 -17.25
C ASN A 32 0.71 -21.20 -16.27
N LEU A 33 -0.23 -20.61 -15.55
CA LEU A 33 -1.05 -21.38 -14.61
C LEU A 33 -2.32 -21.79 -15.35
N PRO A 34 -2.59 -23.09 -15.46
CA PRO A 34 -3.81 -23.51 -16.17
C PRO A 34 -5.01 -22.96 -15.41
N LEU A 35 -5.92 -22.28 -16.12
CA LEU A 35 -7.10 -21.71 -15.47
C LEU A 35 -8.30 -21.73 -16.42
N SER A 36 -9.45 -22.18 -15.92
CA SER A 36 -10.66 -22.24 -16.73
C SER A 36 -11.83 -21.59 -16.01
N GLU A 37 -12.87 -21.25 -16.77
CA GLU A 37 -14.05 -20.66 -16.17
C GLU A 37 -14.78 -21.71 -15.32
N GLU A 38 -14.73 -22.97 -15.75
CA GLU A 38 -15.40 -24.05 -15.02
C GLU A 38 -14.89 -24.15 -13.58
N GLU A 39 -13.58 -24.01 -13.39
CA GLU A 39 -12.99 -24.08 -12.07
C GLU A 39 -13.57 -22.95 -11.21
N ILE A 40 -13.73 -21.78 -11.83
CA ILE A 40 -14.26 -20.63 -11.12
C ILE A 40 -15.75 -20.85 -10.86
N ASN A 41 -16.47 -21.27 -11.90
CA ASN A 41 -17.90 -21.52 -11.76
C ASN A 41 -18.18 -22.57 -10.69
N HIS A 42 -17.34 -23.58 -10.59
CA HIS A 42 -17.55 -24.61 -9.59
C HIS A 42 -17.64 -24.00 -8.19
N GLU A 43 -16.76 -23.04 -7.88
CA GLU A 43 -16.79 -22.41 -6.58
C GLU A 43 -18.02 -21.52 -6.43
N LEU A 44 -18.39 -20.83 -7.50
CA LEU A 44 -19.57 -19.97 -7.45
C LEU A 44 -20.81 -20.81 -7.17
N ARG A 45 -20.83 -22.03 -7.69
CA ARG A 45 -21.97 -22.92 -7.47
C ARG A 45 -22.07 -23.40 -6.03
N ARG A 46 -20.93 -23.64 -5.39
CA ARG A 46 -20.92 -24.08 -4.01
C ARG A 46 -21.47 -22.99 -3.09
N ARG A 47 -21.13 -21.73 -3.38
CA ARG A 47 -21.60 -20.62 -2.56
C ARG A 47 -23.12 -20.47 -2.72
N GLN A 48 -23.61 -20.58 -3.96
CA GLN A 48 -25.04 -20.45 -4.20
C GLN A 48 -25.86 -21.47 -3.42
N ARG A 49 -25.43 -22.73 -3.42
CA ARG A 49 -26.13 -23.78 -2.70
C ARG A 49 -25.96 -23.65 -1.20
N GLY A 50 -25.32 -22.57 -0.76
CA GLY A 50 -25.09 -22.36 0.65
C GLY A 50 -26.17 -21.59 1.39
N TYR A 51 -27.13 -21.03 0.65
CA TYR A 51 -28.22 -20.28 1.26
C TYR A 51 -29.43 -21.17 1.49
N GLY A 52 -29.36 -22.40 0.97
CA GLY A 52 -30.46 -23.33 1.12
C GLY A 52 -30.76 -24.07 -0.16
N ILE A 59 -31.88 -19.00 -16.50
CA ILE A 59 -30.66 -19.37 -15.78
C ILE A 59 -30.70 -18.88 -14.35
N GLU A 60 -30.09 -19.66 -13.45
CA GLU A 60 -30.06 -19.30 -12.03
C GLU A 60 -28.64 -19.45 -11.47
N LYS A 61 -27.88 -20.38 -12.04
CA LYS A 61 -26.52 -20.64 -11.60
C LYS A 61 -25.55 -19.51 -11.93
N ASP A 62 -24.78 -19.09 -10.92
CA ASP A 62 -23.79 -18.03 -11.10
C ASP A 62 -22.66 -18.53 -11.99
N THR A 63 -22.26 -17.70 -12.94
CA THR A 63 -21.17 -18.04 -13.83
C THR A 63 -20.29 -16.82 -14.04
N ALA A 64 -18.99 -17.08 -14.17
CA ALA A 64 -18.06 -16.00 -14.37
C ALA A 64 -17.49 -16.08 -15.78
N GLU A 65 -17.30 -14.92 -16.40
CA GLU A 65 -16.72 -14.88 -17.72
C GLU A 65 -15.34 -14.26 -17.55
N ILE A 66 -14.33 -14.91 -18.10
CA ILE A 66 -12.98 -14.36 -18.01
C ILE A 66 -12.83 -13.34 -19.13
N LEU A 67 -12.51 -12.10 -18.76
CA LEU A 67 -12.37 -11.02 -19.72
C LEU A 67 -10.94 -10.75 -20.17
N SER A 68 -9.97 -11.30 -19.44
CA SER A 68 -8.57 -11.09 -19.79
C SER A 68 -7.66 -11.89 -18.89
N GLY A 69 -6.37 -11.88 -19.22
CA GLY A 69 -5.38 -12.58 -18.42
C GLY A 69 -5.19 -14.06 -18.72
N VAL A 70 -6.00 -14.61 -19.61
CA VAL A 70 -5.91 -16.02 -19.93
C VAL A 70 -6.00 -16.31 -21.42
N ARG A 71 -5.09 -17.14 -21.92
CA ARG A 71 -5.08 -17.49 -23.33
C ARG A 71 -4.71 -18.96 -23.47
N PHE A 72 -5.47 -19.69 -24.28
CA PHE A 72 -5.23 -21.11 -24.51
C PHE A 72 -5.19 -21.88 -23.19
N GLY A 73 -6.09 -21.54 -22.29
CA GLY A 73 -6.17 -22.22 -21.01
C GLY A 73 -5.15 -21.88 -19.95
N LYS A 74 -4.23 -20.97 -20.25
CA LYS A 74 -3.20 -20.60 -19.29
C LYS A 74 -3.14 -19.09 -19.02
N THR A 75 -2.71 -18.73 -17.81
CA THR A 75 -2.59 -17.32 -17.44
C THR A 75 -1.44 -16.69 -18.22
N LEU A 76 -1.61 -15.45 -18.63
CA LEU A 76 -0.58 -14.73 -19.38
C LEU A 76 0.38 -14.06 -18.43
N GLY A 77 -0.13 -13.71 -17.24
CA GLY A 77 0.68 -13.03 -16.25
C GLY A 77 0.13 -11.62 -16.10
N SER A 78 -0.74 -11.24 -17.03
CA SER A 78 -1.37 -9.92 -17.01
C SER A 78 -2.56 -9.99 -16.06
N PRO A 79 -3.16 -8.83 -15.72
CA PRO A 79 -4.32 -8.87 -14.81
C PRO A 79 -5.46 -9.75 -15.32
N ILE A 80 -6.11 -10.44 -14.39
CA ILE A 80 -7.23 -11.31 -14.72
C ILE A 80 -8.53 -10.60 -14.33
N ALA A 81 -9.37 -10.33 -15.32
CA ALA A 81 -10.64 -9.65 -15.09
C ALA A 81 -11.78 -10.64 -15.26
N LEU A 82 -12.72 -10.60 -14.33
CA LEU A 82 -13.87 -11.49 -14.35
C LEU A 82 -15.15 -10.69 -14.24
N PHE A 83 -16.21 -11.20 -14.85
CA PHE A 83 -17.51 -10.55 -14.77
C PHE A 83 -18.54 -11.62 -14.45
N ILE A 84 -19.39 -11.35 -13.46
CA ILE A 84 -20.44 -12.28 -13.07
C ILE A 84 -21.78 -11.61 -13.26
N ARG A 85 -22.52 -12.02 -14.27
CA ARG A 85 -23.83 -11.43 -14.54
C ARG A 85 -24.81 -11.76 -13.42
N ASN A 86 -25.65 -10.80 -13.08
CA ASN A 86 -26.64 -11.00 -12.03
C ASN A 86 -27.87 -11.70 -12.60
N ARG A 87 -28.02 -11.63 -13.93
CA ARG A 87 -29.12 -12.27 -14.64
C ARG A 87 -30.50 -11.74 -14.27
N ASP A 88 -30.76 -11.62 -12.98
CA ASP A 88 -32.04 -11.11 -12.50
C ASP A 88 -32.05 -9.61 -12.78
N TRP A 89 -31.55 -9.25 -13.96
CA TRP A 89 -31.48 -7.85 -14.37
C TRP A 89 -32.48 -7.56 -15.48
N GLY A 121 -23.09 4.09 6.86
CA GLY A 121 -23.46 3.73 5.50
C GLY A 121 -24.25 4.84 4.84
N GLY A 122 -25.56 4.83 5.04
CA GLY A 122 -26.42 5.86 4.47
C GLY A 122 -25.97 7.23 4.94
N ILE A 123 -25.56 7.30 6.21
CA ILE A 123 -25.08 8.54 6.80
C ILE A 123 -23.70 8.87 6.21
N LYS A 124 -22.82 7.89 6.28
CA LYS A 124 -21.45 8.03 5.78
C LYS A 124 -21.39 8.61 4.37
N TYR A 125 -22.09 7.96 3.44
CA TYR A 125 -22.12 8.39 2.04
C TYR A 125 -23.29 9.31 1.70
N ASN A 126 -24.01 9.74 2.73
CA ASN A 126 -25.16 10.63 2.55
C ASN A 126 -26.12 10.08 1.50
N GLN A 127 -26.68 8.90 1.79
CA GLN A 127 -27.63 8.26 0.88
C GLN A 127 -28.95 8.03 1.58
N ARG A 128 -29.89 8.96 1.41
CA ARG A 128 -31.21 8.86 2.02
C ARG A 128 -31.81 7.49 1.73
N ASP A 129 -31.60 7.02 0.51
CA ASP A 129 -32.09 5.71 0.09
C ASP A 129 -31.03 4.67 0.39
N LEU A 130 -31.21 3.96 1.50
CA LEU A 130 -30.25 2.93 1.92
C LEU A 130 -30.13 1.80 0.92
N ARG A 131 -30.87 1.90 -0.18
CA ARG A 131 -30.82 0.87 -1.22
C ARG A 131 -29.46 0.89 -1.91
N ASN A 132 -28.93 2.09 -2.14
CA ASN A 132 -27.63 2.25 -2.78
C ASN A 132 -26.52 1.68 -1.89
N ILE A 133 -26.77 1.65 -0.58
CA ILE A 133 -25.79 1.14 0.37
C ILE A 133 -25.88 -0.40 0.44
N LEU A 134 -27.09 -0.90 0.64
CA LEU A 134 -27.29 -2.35 0.74
C LEU A 134 -26.97 -3.05 -0.59
N GLU A 135 -27.28 -2.39 -1.71
CA GLU A 135 -27.01 -2.96 -3.03
C GLU A 135 -25.57 -3.45 -3.12
N ARG A 136 -24.63 -2.61 -2.68
CA ARG A 136 -23.21 -2.94 -2.71
C ARG A 136 -22.75 -3.73 -1.48
N ALA A 137 -23.39 -3.49 -0.35
CA ALA A 137 -23.03 -4.16 0.90
C ALA A 137 -23.43 -5.62 0.94
N SER A 138 -24.62 -5.90 0.42
CA SER A 138 -25.16 -7.27 0.41
C SER A 138 -24.14 -8.36 0.15
N ALA A 139 -24.37 -9.52 0.77
CA ALA A 139 -23.50 -10.68 0.63
C ALA A 139 -23.34 -11.06 -0.83
N ARG A 140 -23.98 -10.29 -1.71
CA ARG A 140 -23.90 -10.53 -3.15
C ARG A 140 -22.44 -10.35 -3.55
N GLU A 141 -21.77 -9.41 -2.91
CA GLU A 141 -20.37 -9.09 -3.18
C GLU A 141 -19.44 -10.27 -2.90
N THR A 142 -19.82 -11.15 -1.96
CA THR A 142 -18.98 -12.29 -1.64
C THR A 142 -18.80 -13.19 -2.85
N ALA A 143 -19.73 -13.12 -3.80
CA ALA A 143 -19.62 -13.94 -5.00
C ALA A 143 -18.36 -13.55 -5.78
N ALA A 144 -18.03 -12.27 -5.80
CA ALA A 144 -16.83 -11.82 -6.50
C ALA A 144 -15.61 -12.28 -5.70
N ARG A 145 -15.73 -12.31 -4.37
CA ARG A 145 -14.64 -12.75 -3.53
C ARG A 145 -14.34 -14.22 -3.79
N VAL A 146 -15.40 -14.99 -4.00
CA VAL A 146 -15.24 -16.41 -4.25
C VAL A 146 -14.58 -16.66 -5.60
N ALA A 147 -14.88 -15.81 -6.58
CA ALA A 147 -14.28 -15.95 -7.92
C ALA A 147 -12.77 -15.69 -7.85
N VAL A 148 -12.38 -14.61 -7.14
CA VAL A 148 -10.97 -14.30 -7.00
C VAL A 148 -10.30 -15.44 -6.23
N GLY A 149 -11.00 -15.91 -5.21
CA GLY A 149 -10.47 -17.01 -4.41
C GLY A 149 -10.33 -18.30 -5.19
N ALA A 150 -11.22 -18.54 -6.13
CA ALA A 150 -11.15 -19.75 -6.94
C ALA A 150 -9.84 -19.77 -7.71
N VAL A 151 -9.40 -18.61 -8.18
CA VAL A 151 -8.15 -18.53 -8.91
C VAL A 151 -6.99 -18.82 -7.97
N CYS A 152 -7.05 -18.26 -6.77
CA CYS A 152 -5.99 -18.47 -5.80
C CYS A 152 -5.91 -19.93 -5.38
N LYS A 153 -7.06 -20.59 -5.28
CA LYS A 153 -7.07 -22.01 -4.92
C LYS A 153 -6.36 -22.81 -6.01
N LYS A 154 -6.68 -22.51 -7.27
CA LYS A 154 -6.04 -23.24 -8.37
C LYS A 154 -4.52 -23.06 -8.25
N PHE A 155 -4.10 -21.82 -8.00
CA PHE A 155 -2.68 -21.53 -7.84
C PHE A 155 -2.06 -22.39 -6.72
N LEU A 156 -2.72 -22.41 -5.57
CA LEU A 156 -2.24 -23.15 -4.40
C LEU A 156 -2.17 -24.65 -4.61
N SER A 157 -3.13 -25.19 -5.35
CA SER A 157 -3.16 -26.63 -5.61
C SER A 157 -1.94 -27.09 -6.40
N GLU A 158 -1.32 -26.18 -7.15
CA GLU A 158 -0.14 -26.54 -7.93
C GLU A 158 1.00 -26.90 -7.01
N PHE A 159 0.90 -26.48 -5.75
CA PHE A 159 1.95 -26.78 -4.78
C PHE A 159 1.45 -27.85 -3.81
N GLY A 160 0.30 -28.45 -4.13
CA GLY A 160 -0.25 -29.48 -3.27
C GLY A 160 -0.99 -28.95 -2.07
N ILE A 161 -1.20 -27.63 -2.04
CA ILE A 161 -1.90 -26.99 -0.93
C ILE A 161 -3.41 -27.08 -1.14
N LYS A 162 -4.09 -27.73 -0.20
N LYS A 162 -4.09 -27.73 -0.20
CA LYS A 162 -5.61 -27.91 -0.29
CA LYS A 162 -5.61 -27.91 -0.29
C LYS A 162 -6.40 -27.05 0.86
C LYS A 162 -6.40 -27.05 0.86
N ILE A 163 -7.48 -26.41 0.43
CA ILE A 163 -8.26 -25.61 1.34
C ILE A 163 -9.66 -26.21 1.37
N GLY A 164 -10.25 -26.29 2.56
CA GLY A 164 -11.57 -26.84 2.69
C GLY A 164 -12.21 -26.32 3.94
N SER A 165 -13.44 -26.73 4.20
CA SER A 165 -14.17 -26.28 5.39
C SER A 165 -15.42 -27.12 5.63
N PHE A 166 -16.11 -26.80 6.71
CA PHE A 166 -17.33 -27.50 7.07
C PHE A 166 -17.99 -26.79 8.25
N VAL A 167 -19.31 -26.86 8.31
CA VAL A 167 -20.07 -26.22 9.38
C VAL A 167 -20.01 -27.07 10.65
N VAL A 168 -19.86 -26.42 11.80
CA VAL A 168 -19.79 -27.13 13.07
C VAL A 168 -20.97 -26.82 14.00
N SER A 169 -21.75 -25.81 13.64
CA SER A 169 -22.90 -25.42 14.44
C SER A 169 -23.81 -24.45 13.70
N ILE A 170 -25.11 -24.63 13.88
CA ILE A 170 -26.13 -23.76 13.28
C ILE A 170 -27.11 -23.51 14.41
N GLY A 171 -27.23 -22.24 14.82
CA GLY A 171 -28.12 -21.93 15.92
C GLY A 171 -27.56 -22.57 17.17
N GLN A 172 -28.43 -23.09 18.01
CA GLN A 172 -27.99 -23.73 19.25
C GLN A 172 -27.55 -25.17 19.03
N LYS A 173 -27.85 -25.71 17.85
CA LYS A 173 -27.49 -27.09 17.53
C LYS A 173 -26.08 -27.22 16.95
N GLU A 174 -25.24 -27.97 17.65
CA GLU A 174 -23.86 -28.16 17.23
C GLU A 174 -23.55 -29.59 16.79
N VAL A 175 -22.49 -29.76 16.02
CA VAL A 175 -22.08 -31.09 15.58
C VAL A 175 -21.24 -31.60 16.74
N GLU A 176 -21.87 -32.39 17.60
CA GLU A 176 -21.23 -32.94 18.79
C GLU A 176 -19.99 -33.78 18.54
N GLU A 177 -19.95 -34.50 17.42
CA GLU A 177 -18.80 -35.32 17.10
C GLU A 177 -17.51 -34.52 16.97
N LEU A 178 -17.63 -33.21 16.76
CA LEU A 178 -16.45 -32.36 16.58
C LEU A 178 -16.04 -31.51 17.77
N LYS A 179 -16.58 -31.80 18.94
CA LYS A 179 -16.24 -31.03 20.14
C LYS A 179 -14.78 -31.26 20.53
N ASP A 180 -14.28 -32.47 20.30
CA ASP A 180 -12.88 -32.80 20.60
C ASP A 180 -12.09 -32.30 19.39
N LYS A 181 -11.21 -31.32 19.61
CA LYS A 181 -10.45 -30.72 18.50
C LYS A 181 -9.11 -31.36 18.14
N SER A 182 -8.92 -32.62 18.51
CA SER A 182 -7.67 -33.29 18.19
C SER A 182 -7.50 -33.44 16.69
N TYR A 183 -8.62 -33.48 15.96
CA TYR A 183 -8.55 -33.63 14.51
C TYR A 183 -7.85 -32.45 13.81
N PHE A 184 -7.62 -31.35 14.53
CA PHE A 184 -6.93 -30.18 13.97
C PHE A 184 -5.54 -30.59 13.49
N ALA A 185 -5.02 -31.69 14.04
CA ALA A 185 -3.70 -32.16 13.66
C ALA A 185 -3.79 -33.35 12.73
N ASN A 186 -4.96 -33.56 12.11
CA ASN A 186 -5.14 -34.71 11.24
C ASN A 186 -5.62 -34.35 9.83
N PRO A 187 -4.68 -34.18 8.88
CA PRO A 187 -5.03 -33.83 7.50
C PRO A 187 -6.10 -34.74 6.89
N GLU A 188 -5.93 -36.04 7.06
CA GLU A 188 -6.89 -37.01 6.53
C GLU A 188 -8.29 -36.78 7.08
N LYS A 189 -8.40 -36.52 8.38
CA LYS A 189 -9.71 -36.27 8.98
C LYS A 189 -10.33 -34.98 8.44
N LEU A 190 -9.57 -33.90 8.49
CA LEU A 190 -10.03 -32.60 8.00
C LEU A 190 -10.56 -32.76 6.57
N LEU A 191 -9.73 -33.34 5.71
CA LEU A 191 -10.12 -33.54 4.31
C LEU A 191 -11.39 -34.38 4.27
N SER A 192 -11.46 -35.35 5.16
CA SER A 192 -12.61 -36.25 5.26
C SER A 192 -13.87 -35.45 5.58
N TYR A 193 -13.79 -34.57 6.57
CA TYR A 193 -14.93 -33.77 6.96
C TYR A 193 -15.37 -32.84 5.84
N HIS A 194 -14.42 -32.31 5.10
CA HIS A 194 -14.75 -31.42 3.99
C HIS A 194 -15.48 -32.20 2.90
N GLU A 195 -14.98 -33.40 2.60
CA GLU A 195 -15.60 -34.22 1.58
C GLU A 195 -17.04 -34.55 1.94
N LYS A 196 -17.28 -34.90 3.20
CA LYS A 196 -18.64 -35.22 3.63
C LYS A 196 -19.51 -33.96 3.61
N ALA A 197 -18.95 -32.83 4.01
CA ALA A 197 -19.70 -31.58 4.00
C ALA A 197 -20.24 -31.32 2.61
N GLU A 198 -19.47 -31.73 1.60
CA GLU A 198 -19.89 -31.54 0.22
C GLU A 198 -21.11 -32.38 -0.11
N ASP A 199 -21.40 -33.36 0.74
CA ASP A 199 -22.58 -34.21 0.54
C ASP A 199 -23.68 -33.81 1.50
N SER A 200 -23.54 -32.64 2.10
CA SER A 200 -24.53 -32.17 3.06
C SER A 200 -25.21 -30.93 2.51
N GLU A 201 -26.52 -30.83 2.75
CA GLU A 201 -27.29 -29.70 2.28
C GLU A 201 -26.97 -28.49 3.14
N LEU A 202 -26.29 -28.73 4.25
CA LEU A 202 -25.90 -27.68 5.19
C LEU A 202 -24.38 -27.68 5.39
N ARG A 203 -23.69 -28.46 4.57
CA ARG A 203 -22.23 -28.57 4.64
C ARG A 203 -21.72 -28.99 6.02
N ILE A 204 -22.47 -29.86 6.68
CA ILE A 204 -22.04 -30.38 7.98
C ILE A 204 -21.30 -31.68 7.68
N PRO A 205 -20.26 -31.98 8.48
CA PRO A 205 -19.42 -33.18 8.33
C PRO A 205 -20.14 -34.53 8.39
N PHE A 206 -21.39 -34.55 8.83
CA PHE A 206 -22.15 -35.80 8.93
C PHE A 206 -23.51 -35.65 8.29
N PRO A 207 -23.60 -35.86 6.97
CA PRO A 207 -24.86 -35.75 6.22
C PRO A 207 -26.05 -36.46 6.84
N GLU A 208 -25.82 -37.60 7.49
CA GLU A 208 -26.93 -38.32 8.10
C GLU A 208 -27.69 -37.39 9.04
N LYS A 209 -26.95 -36.47 9.66
CA LYS A 209 -27.52 -35.49 10.59
C LYS A 209 -28.38 -34.44 9.90
N ASP A 210 -28.25 -34.35 8.58
CA ASP A 210 -29.00 -33.36 7.80
C ASP A 210 -30.46 -33.25 8.21
N GLU A 211 -31.21 -34.34 8.01
CA GLU A 211 -32.63 -34.36 8.35
C GLU A 211 -32.85 -33.82 9.76
N GLU A 212 -32.00 -34.25 10.68
CA GLU A 212 -32.08 -33.81 12.06
C GLU A 212 -31.94 -32.29 12.15
N PHE A 213 -30.93 -31.75 11.46
CA PHE A 213 -30.71 -30.31 11.45
C PHE A 213 -31.83 -29.58 10.73
N LYS A 214 -32.26 -30.13 9.60
CA LYS A 214 -33.34 -29.52 8.83
C LYS A 214 -34.59 -29.35 9.69
N THR A 215 -34.76 -30.24 10.66
CA THR A 215 -35.91 -30.20 11.55
C THR A 215 -35.77 -29.01 12.50
N TYR A 216 -34.66 -28.96 13.22
CA TYR A 216 -34.41 -27.86 14.17
C TYR A 216 -34.61 -26.52 13.47
N ILE A 217 -34.03 -26.40 12.28
CA ILE A 217 -34.13 -25.17 11.50
C ILE A 217 -35.57 -24.76 11.27
N ASP A 218 -36.35 -25.60 10.58
CA ASP A 218 -37.74 -25.30 10.31
C ASP A 218 -38.47 -25.02 11.62
N GLU A 219 -38.09 -25.76 12.66
CA GLU A 219 -38.67 -25.61 13.98
C GLU A 219 -38.45 -24.19 14.49
N VAL A 220 -37.40 -23.54 13.98
CA VAL A 220 -37.06 -22.18 14.38
C VAL A 220 -37.61 -21.15 13.41
N LYS A 221 -37.54 -21.45 12.12
CA LYS A 221 -38.03 -20.53 11.09
C LYS A 221 -39.53 -20.32 11.16
N GLU A 222 -40.23 -21.23 11.82
CA GLU A 222 -41.68 -21.12 11.97
C GLU A 222 -42.00 -20.11 13.07
N LYS A 223 -40.99 -19.77 13.87
CA LYS A 223 -41.15 -18.82 14.96
C LYS A 223 -40.63 -17.46 14.50
N GLY A 224 -40.48 -17.29 13.19
CA GLY A 224 -39.97 -16.03 12.66
C GLY A 224 -38.64 -15.68 13.28
N GLU A 225 -37.72 -16.63 13.27
CA GLU A 225 -36.39 -16.41 13.84
C GLU A 225 -35.29 -16.79 12.86
N SER A 226 -34.22 -16.02 12.86
CA SER A 226 -33.08 -16.27 11.98
C SER A 226 -31.97 -16.96 12.77
N LEU A 227 -31.11 -17.69 12.07
CA LEU A 227 -30.02 -18.42 12.72
C LEU A 227 -28.62 -18.03 12.28
N GLY A 228 -27.68 -18.16 13.20
CA GLY A 228 -26.29 -17.87 12.92
C GLY A 228 -25.58 -19.21 12.85
N GLY A 229 -24.25 -19.19 12.86
CA GLY A 229 -23.53 -20.44 12.78
C GLY A 229 -22.03 -20.30 12.90
N VAL A 230 -21.35 -21.43 13.01
CA VAL A 230 -19.91 -21.46 13.13
C VAL A 230 -19.34 -22.50 12.18
N PHE A 231 -18.26 -22.15 11.51
CA PHE A 231 -17.62 -23.11 10.62
C PHE A 231 -16.11 -23.07 10.80
N GLU A 232 -15.43 -24.10 10.34
CA GLU A 232 -13.99 -24.16 10.44
C GLU A 232 -13.43 -24.27 9.03
N VAL A 233 -12.40 -23.50 8.76
CA VAL A 233 -11.76 -23.50 7.45
C VAL A 233 -10.34 -23.97 7.68
N PHE A 234 -9.84 -24.81 6.79
CA PHE A 234 -8.48 -25.31 6.94
C PHE A 234 -7.75 -25.30 5.62
N ALA A 235 -6.42 -25.35 5.72
CA ALA A 235 -5.55 -25.40 4.56
C ALA A 235 -4.51 -26.45 4.91
N LEU A 236 -4.29 -27.41 4.01
CA LEU A 236 -3.34 -28.48 4.23
C LEU A 236 -2.07 -28.34 3.39
N ASN A 237 -0.97 -28.85 3.93
CA ASN A 237 0.33 -28.84 3.27
C ASN A 237 0.96 -27.47 3.08
N VAL A 238 0.67 -26.54 3.98
CA VAL A 238 1.25 -25.23 3.91
C VAL A 238 2.60 -25.34 4.61
N PRO A 239 3.69 -24.97 3.92
CA PRO A 239 5.01 -25.07 4.53
C PRO A 239 5.19 -24.04 5.65
N PRO A 240 6.19 -24.24 6.52
CA PRO A 240 6.46 -23.32 7.62
C PRO A 240 7.16 -22.12 7.00
N GLY A 241 7.04 -20.95 7.61
CA GLY A 241 7.74 -19.79 7.07
C GLY A 241 6.92 -18.72 6.40
N LEU A 242 5.63 -18.95 6.18
CA LEU A 242 4.79 -17.95 5.54
C LEU A 242 4.35 -16.94 6.59
N GLY A 243 4.29 -15.67 6.21
CA GLY A 243 3.93 -14.63 7.16
C GLY A 243 5.23 -14.32 7.86
N SER A 244 5.22 -13.34 8.76
CA SER A 244 6.46 -12.98 9.45
C SER A 244 6.20 -12.29 10.78
N HIS A 245 7.16 -12.40 11.68
CA HIS A 245 7.04 -11.81 13.01
C HIS A 245 7.70 -10.44 13.10
N ILE A 246 8.46 -10.05 12.08
CA ILE A 246 9.18 -8.77 12.12
C ILE A 246 8.35 -7.49 12.26
N GLN A 247 7.13 -7.48 11.75
CA GLN A 247 6.27 -6.31 11.87
C GLN A 247 4.86 -6.81 12.11
N TRP A 248 4.09 -6.06 12.90
CA TRP A 248 2.74 -6.47 13.26
C TRP A 248 1.84 -6.84 12.08
N ASP A 249 1.91 -6.04 11.01
CA ASP A 249 1.07 -6.29 9.84
C ASP A 249 1.52 -7.44 8.95
N ARG A 250 2.63 -8.08 9.27
CA ARG A 250 3.10 -9.21 8.47
C ARG A 250 2.73 -10.56 9.09
N ARG A 251 2.29 -10.53 10.33
CA ARG A 251 1.90 -11.75 11.02
C ARG A 251 0.75 -12.44 10.30
N ILE A 252 0.93 -13.71 9.98
CA ILE A 252 -0.06 -14.48 9.25
C ILE A 252 -1.43 -14.54 9.94
N ASP A 253 -1.43 -14.64 11.27
CA ASP A 253 -2.69 -14.72 12.02
C ASP A 253 -3.51 -13.44 11.85
N GLY A 254 -2.85 -12.30 11.95
CA GLY A 254 -3.55 -11.04 11.77
C GLY A 254 -4.16 -10.97 10.38
N ARG A 255 -3.40 -11.36 9.37
CA ARG A 255 -3.90 -11.32 8.00
C ARG A 255 -5.10 -12.25 7.82
N ILE A 256 -5.02 -13.44 8.38
CA ILE A 256 -6.13 -14.38 8.29
C ILE A 256 -7.34 -13.74 8.98
N ALA A 257 -7.11 -13.18 10.16
CA ALA A 257 -8.18 -12.54 10.93
C ALA A 257 -8.93 -11.45 10.15
N GLN A 258 -8.19 -10.58 9.47
CA GLN A 258 -8.84 -9.53 8.70
C GLN A 258 -9.66 -10.11 7.56
N ALA A 259 -9.09 -11.07 6.84
CA ALA A 259 -9.79 -11.67 5.71
C ALA A 259 -11.09 -12.33 6.12
N SER A 262 -13.72 -9.77 7.71
CA SER A 262 -14.23 -8.85 6.70
C SER A 262 -15.47 -9.41 6.01
N ILE A 263 -15.70 -10.70 6.15
CA ILE A 263 -16.88 -11.33 5.54
C ILE A 263 -18.13 -10.83 6.25
N GLN A 264 -19.17 -10.52 5.49
CA GLN A 264 -20.41 -10.03 6.08
C GLN A 264 -20.95 -10.98 7.14
N ALA A 265 -21.45 -10.40 8.24
CA ALA A 265 -22.02 -11.16 9.35
C ALA A 265 -21.03 -11.86 10.27
N ILE A 266 -19.75 -11.87 9.92
CA ILE A 266 -18.75 -12.54 10.74
C ILE A 266 -18.39 -11.66 11.94
N LYS A 267 -18.57 -12.20 13.14
CA LYS A 267 -18.28 -11.45 14.36
C LYS A 267 -17.17 -12.04 15.22
N GLY A 268 -16.68 -13.22 14.84
CA GLY A 268 -15.63 -13.83 15.62
C GLY A 268 -14.72 -14.71 14.81
N VAL A 269 -13.45 -14.76 15.21
CA VAL A 269 -12.48 -15.59 14.51
C VAL A 269 -11.44 -16.12 15.48
N GLU A 270 -11.14 -17.41 15.37
CA GLU A 270 -10.13 -18.03 16.21
C GLU A 270 -9.17 -18.79 15.34
N ILE A 271 -7.90 -18.79 15.72
CA ILE A 271 -6.90 -19.56 14.99
C ILE A 271 -6.66 -20.76 15.91
N GLY A 272 -7.01 -21.95 15.44
CA GLY A 272 -6.83 -23.13 16.25
C GLY A 272 -7.86 -23.17 17.37
N LEU A 273 -7.40 -23.56 18.57
CA LEU A 273 -8.27 -23.67 19.75
C LEU A 273 -8.95 -22.36 20.11
N GLY A 274 -8.24 -21.24 19.96
CA GLY A 274 -8.82 -19.93 20.25
C GLY A 274 -9.14 -19.58 21.70
N PHE A 275 -10.38 -19.14 21.94
CA PHE A 275 -10.82 -18.77 23.27
C PHE A 275 -10.71 -19.93 24.26
N GLU A 276 -10.88 -21.15 23.79
CA GLU A 276 -10.77 -22.31 24.66
C GLU A 276 -9.34 -22.42 25.14
N ALA A 277 -8.38 -22.04 24.29
CA ALA A 277 -6.96 -22.10 24.61
C ALA A 277 -6.60 -21.13 25.73
N ALA A 278 -7.39 -20.06 25.86
CA ALA A 278 -7.14 -19.06 26.89
C ALA A 278 -7.63 -19.52 28.26
N ARG A 279 -8.37 -20.63 28.28
CA ARG A 279 -8.89 -21.16 29.53
C ARG A 279 -8.10 -22.40 29.99
N ARG A 280 -7.17 -22.84 29.16
CA ARG A 280 -6.38 -24.03 29.48
C ARG A 280 -4.99 -23.70 30.00
N PHE A 281 -4.31 -24.72 30.51
CA PHE A 281 -2.96 -24.58 31.02
C PHE A 281 -1.99 -24.64 29.86
N GLY A 282 -0.87 -23.92 29.97
CA GLY A 282 0.11 -23.93 28.90
C GLY A 282 0.43 -25.33 28.40
N SER A 283 0.58 -26.27 29.34
CA SER A 283 0.92 -27.65 28.98
C SER A 283 -0.18 -28.37 28.19
N GLN A 284 -1.43 -27.97 28.39
CA GLN A 284 -2.53 -28.60 27.67
C GLN A 284 -2.86 -27.89 26.37
N VAL A 285 -2.02 -26.92 26.00
CA VAL A 285 -2.21 -26.18 24.76
C VAL A 285 -1.00 -26.41 23.87
N HIS A 286 0.17 -26.35 24.48
CA HIS A 286 1.45 -26.54 23.77
C HIS A 286 1.46 -27.72 22.82
N ASP A 287 1.86 -27.46 21.58
CA ASP A 287 1.94 -28.53 20.58
C ASP A 287 3.36 -29.06 20.60
N GLU A 288 3.53 -30.28 21.12
CA GLU A 288 4.84 -30.90 21.23
C GLU A 288 5.58 -31.00 19.90
N ILE A 289 6.85 -30.59 19.91
CA ILE A 289 7.67 -30.62 18.72
C ILE A 289 8.29 -31.99 18.48
N GLY A 290 8.14 -32.47 17.25
CA GLY A 290 8.68 -33.75 16.87
C GLY A 290 9.64 -33.55 15.71
N TRP A 291 10.34 -34.60 15.31
CA TRP A 291 11.29 -34.49 14.21
C TRP A 291 11.58 -35.89 13.66
N SER A 292 11.84 -35.96 12.36
CA SER A 292 12.15 -37.21 11.69
C SER A 292 13.17 -36.95 10.59
N GLU A 293 13.98 -37.95 10.29
CA GLU A 293 15.00 -37.82 9.26
C GLU A 293 14.42 -37.42 7.91
N GLY A 294 13.39 -38.14 7.47
CA GLY A 294 12.80 -37.83 6.18
C GLY A 294 11.53 -37.01 6.31
N LYS A 295 11.57 -35.95 7.11
CA LYS A 295 10.38 -35.14 7.30
C LYS A 295 10.69 -33.82 7.99
N GLY A 296 11.80 -33.77 8.72
CA GLY A 296 12.14 -32.55 9.42
C GLY A 296 11.27 -32.38 10.65
N TYR A 297 11.06 -31.14 11.08
CA TYR A 297 10.25 -30.85 12.26
C TYR A 297 8.75 -30.85 11.98
N PHE A 298 7.98 -31.15 13.02
CA PHE A 298 6.52 -31.17 12.96
C PHE A 298 5.99 -31.11 14.38
N ARG A 299 4.67 -31.13 14.54
CA ARG A 299 4.06 -31.06 15.87
C ARG A 299 3.19 -32.29 16.11
N HIS A 300 3.02 -32.67 17.38
CA HIS A 300 2.20 -33.83 17.72
C HIS A 300 0.72 -33.53 17.92
N SER A 301 0.39 -32.25 17.97
CA SER A 301 -0.99 -31.80 18.11
C SER A 301 -1.04 -30.44 17.40
N ASN A 302 -2.23 -29.88 17.23
CA ASN A 302 -2.33 -28.61 16.52
C ASN A 302 -3.35 -27.64 17.12
N ASN A 303 -3.18 -27.35 18.41
CA ASN A 303 -4.07 -26.43 19.10
C ASN A 303 -3.81 -25.00 18.66
N LEU A 304 -2.64 -24.78 18.05
CA LEU A 304 -2.26 -23.44 17.57
C LEU A 304 -2.87 -23.12 16.21
N GLY A 305 -3.44 -24.12 15.56
CA GLY A 305 -4.06 -23.89 14.26
C GLY A 305 -3.07 -23.61 13.14
N GLY A 306 -1.90 -24.23 13.21
CA GLY A 306 -0.90 -24.07 12.16
C GLY A 306 -0.03 -22.81 12.14
N THR A 307 -0.14 -21.96 13.14
CA THR A 307 0.67 -20.75 13.19
C THR A 307 1.31 -20.56 14.57
N GLU A 308 2.55 -20.09 14.57
CA GLU A 308 3.30 -19.84 15.81
C GLU A 308 4.05 -18.52 15.67
N GLY A 309 3.75 -17.57 16.54
CA GLY A 309 4.43 -16.29 16.51
C GLY A 309 4.34 -15.50 15.21
N GLY A 310 3.19 -15.57 14.55
CA GLY A 310 3.01 -14.84 13.32
C GLY A 310 3.43 -15.56 12.06
N ILE A 311 4.00 -16.75 12.21
CA ILE A 311 4.47 -17.53 11.06
C ILE A 311 3.78 -18.90 11.01
N THR A 312 3.57 -19.43 9.80
CA THR A 312 2.95 -20.74 9.65
C THR A 312 3.86 -21.84 10.21
N ASN A 313 3.22 -22.91 10.69
CA ASN A 313 3.83 -24.08 11.33
C ASN A 313 4.23 -25.27 10.48
N GLY A 314 3.51 -25.48 9.39
CA GLY A 314 3.78 -26.63 8.57
C GLY A 314 2.62 -27.53 8.92
N PRO A 316 -1.50 -28.15 9.77
CA PRO A 316 -2.67 -27.61 9.06
C PRO A 316 -3.09 -26.26 9.62
N ILE A 317 -3.45 -25.34 8.73
CA ILE A 317 -3.92 -24.04 9.16
C ILE A 317 -5.38 -24.26 9.50
N VAL A 318 -5.80 -23.88 10.70
CA VAL A 318 -7.17 -24.09 11.10
C VAL A 318 -7.75 -22.82 11.68
N VAL A 319 -8.85 -22.37 11.09
CA VAL A 319 -9.51 -21.15 11.51
C VAL A 319 -10.97 -21.39 11.84
N ARG A 320 -11.42 -20.86 12.97
CA ARG A 320 -12.81 -21.01 13.40
C ARG A 320 -13.49 -19.67 13.21
N VAL A 321 -14.65 -19.67 12.55
CA VAL A 321 -15.35 -18.44 12.22
C VAL A 321 -16.80 -18.41 12.68
N ALA A 322 -17.18 -17.32 13.33
CA ALA A 322 -18.54 -17.17 13.86
C ALA A 322 -19.37 -16.17 13.06
N LYS A 324 -23.01 -14.20 12.82
CA LYS A 324 -24.19 -13.83 13.58
C LYS A 324 -25.45 -14.10 12.77
N PRO A 325 -26.62 -14.17 13.44
CA PRO A 325 -27.88 -14.42 12.77
C PRO A 325 -28.16 -13.37 11.70
N ILE A 326 -28.59 -13.83 10.53
CA ILE A 326 -28.89 -12.96 9.41
C ILE A 326 -30.16 -12.12 9.68
N PRO A 327 -30.28 -10.95 9.02
CA PRO A 327 -31.42 -10.06 9.19
C PRO A 327 -32.26 -10.17 10.46
N THR A 328 -33.52 -9.76 10.36
CA THR A 328 -34.47 -9.78 11.48
C THR A 328 -33.77 -9.65 12.83
N ILE A 353 -33.48 -20.15 4.88
CA ILE A 353 -32.47 -19.39 4.17
C ILE A 353 -31.20 -19.25 5.03
N VAL A 354 -30.82 -20.33 5.70
CA VAL A 354 -29.63 -20.33 6.55
C VAL A 354 -28.42 -20.00 5.68
N ALA A 355 -27.59 -19.07 6.13
CA ALA A 355 -26.44 -18.65 5.35
C ALA A 355 -25.07 -19.16 5.78
N VAL A 356 -24.98 -19.84 6.92
CA VAL A 356 -23.69 -20.33 7.37
C VAL A 356 -22.97 -21.23 6.36
N PRO A 357 -23.72 -22.05 5.59
CA PRO A 357 -23.06 -22.91 4.61
C PRO A 357 -22.34 -22.09 3.54
N ALA A 358 -23.02 -21.07 3.04
CA ALA A 358 -22.44 -20.20 2.03
C ALA A 358 -21.23 -19.50 2.64
N ALA A 359 -21.40 -19.00 3.86
CA ALA A 359 -20.33 -18.29 4.54
C ALA A 359 -19.06 -19.13 4.54
N SER A 360 -19.18 -20.40 4.92
CA SER A 360 -18.03 -21.28 4.96
C SER A 360 -17.32 -21.34 3.61
N VAL A 361 -18.07 -21.29 2.52
CA VAL A 361 -17.45 -21.35 1.20
C VAL A 361 -16.69 -20.05 0.92
N VAL A 362 -17.21 -18.93 1.41
CA VAL A 362 -16.53 -17.64 1.23
C VAL A 362 -15.29 -17.66 2.12
N GLY A 363 -15.40 -18.37 3.25
CA GLY A 363 -14.27 -18.46 4.16
C GLY A 363 -13.10 -19.15 3.49
N GLU A 364 -13.39 -20.16 2.69
CA GLU A 364 -12.36 -20.89 1.98
C GLU A 364 -11.69 -19.96 0.98
N ALA A 365 -12.50 -19.16 0.30
CA ALA A 365 -11.99 -18.21 -0.68
C ALA A 365 -11.04 -17.20 -0.03
N LEU A 367 -9.32 -17.48 2.79
CA LEU A 367 -8.12 -18.15 3.25
C LEU A 367 -7.19 -18.44 2.07
N ALA A 368 -7.75 -18.81 0.92
CA ALA A 368 -6.94 -19.10 -0.25
C ALA A 368 -6.24 -17.84 -0.76
N ILE A 369 -6.91 -16.70 -0.64
CA ILE A 369 -6.34 -15.44 -1.07
C ILE A 369 -5.16 -15.05 -0.18
N VAL A 370 -5.36 -15.17 1.12
CA VAL A 370 -4.32 -14.83 2.08
C VAL A 370 -3.11 -15.73 1.91
N LEU A 371 -3.36 -17.03 1.76
CA LEU A 371 -2.27 -17.97 1.61
C LEU A 371 -1.54 -17.85 0.30
N ALA A 372 -2.27 -17.62 -0.79
CA ALA A 372 -1.65 -17.45 -2.10
C ALA A 372 -0.77 -16.21 -2.04
N ASP A 373 -1.29 -15.17 -1.43
CA ASP A 373 -0.56 -13.92 -1.27
C ASP A 373 0.73 -14.14 -0.47
N ALA A 374 0.60 -14.81 0.67
CA ALA A 374 1.74 -15.09 1.54
C ALA A 374 2.76 -16.03 0.90
N LEU A 375 2.29 -16.94 0.03
CA LEU A 375 3.20 -17.85 -0.62
C LEU A 375 3.99 -17.09 -1.67
N LEU A 376 3.31 -16.24 -2.44
CA LEU A 376 4.00 -15.46 -3.47
C LEU A 376 4.97 -14.46 -2.84
N GLU A 377 4.64 -13.96 -1.66
CA GLU A 377 5.48 -13.02 -0.92
C GLU A 377 6.81 -13.68 -0.56
N LYS A 378 6.73 -14.96 -0.19
CA LYS A 378 7.91 -15.73 0.19
C LYS A 378 8.73 -16.18 -1.02
N LEU A 379 8.03 -16.67 -2.04
CA LEU A 379 8.67 -17.18 -3.26
C LEU A 379 8.99 -16.17 -4.35
N GLY A 380 8.12 -15.19 -4.57
CA GLY A 380 8.34 -14.24 -5.65
C GLY A 380 8.03 -14.99 -6.93
N GLY A 381 8.49 -14.50 -8.08
CA GLY A 381 8.25 -15.20 -9.34
C GLY A 381 7.18 -14.62 -10.25
N ASP A 382 7.35 -14.82 -11.54
CA ASP A 382 6.41 -14.31 -12.53
C ASP A 382 5.79 -15.42 -13.39
N PHE A 383 6.35 -16.62 -13.33
CA PHE A 383 5.80 -17.76 -14.05
C PHE A 383 5.86 -19.00 -13.16
N GLU A 385 6.79 -22.15 -13.48
CA GLU A 385 8.01 -22.95 -13.45
C GLU A 385 8.99 -22.36 -12.43
N GLU A 386 9.08 -21.04 -12.42
CA GLU A 386 9.99 -20.31 -11.53
C GLU A 386 9.59 -20.44 -10.05
N VAL A 387 8.30 -20.23 -9.78
CA VAL A 387 7.77 -20.31 -8.43
C VAL A 387 7.87 -21.74 -7.87
N LYS A 388 7.52 -22.71 -8.70
CA LYS A 388 7.57 -24.11 -8.26
C LYS A 388 8.98 -24.55 -7.90
N LYS A 389 9.97 -24.07 -8.65
CA LYS A 389 11.35 -24.42 -8.37
C LYS A 389 11.78 -23.84 -7.03
N ARG A 390 11.35 -22.61 -6.74
CA ARG A 390 11.72 -21.97 -5.48
C ARG A 390 11.01 -22.63 -4.29
N PHE A 391 9.82 -23.15 -4.55
CA PHE A 391 9.04 -23.82 -3.51
C PHE A 391 9.80 -25.09 -3.13
N GLU A 392 10.19 -25.85 -4.15
CA GLU A 392 10.92 -27.11 -3.98
C GLU A 392 12.23 -26.92 -3.23
N ASP A 393 12.98 -25.90 -3.57
CA ASP A 393 14.25 -25.62 -2.90
C ASP A 393 13.97 -25.24 -1.45
N TYR A 394 12.95 -24.42 -1.25
CA TYR A 394 12.60 -23.97 0.11
C TYR A 394 12.12 -25.12 0.99
N VAL A 395 11.30 -26.00 0.43
CA VAL A 395 10.80 -27.15 1.20
C VAL A 395 11.96 -28.07 1.57
N ASN A 396 12.94 -28.17 0.66
CA ASN A 396 14.12 -29.00 0.88
C ASN A 396 14.93 -28.39 2.01
N HIS A 397 14.96 -27.07 2.07
CA HIS A 397 15.68 -26.34 3.10
C HIS A 397 14.98 -26.57 4.45
N VAL A 398 13.65 -26.56 4.43
CA VAL A 398 12.90 -26.78 5.65
C VAL A 398 13.19 -28.17 6.21
N LYS A 399 12.95 -29.20 5.39
CA LYS A 399 13.17 -30.58 5.78
C LYS A 399 14.54 -30.89 6.38
N SER A 400 15.58 -30.25 5.87
CA SER A 400 16.92 -30.50 6.35
C SER A 400 17.43 -29.50 7.38
N PHE A 401 16.55 -28.60 7.83
CA PHE A 401 16.98 -27.59 8.80
C PHE A 401 17.45 -28.19 10.12
N SER B 5 4.57 3.29 -3.11
CA SER B 5 5.70 3.47 -4.06
C SER B 5 6.44 2.15 -4.28
N LEU B 6 7.23 1.76 -3.28
CA LEU B 6 7.99 0.53 -3.35
C LEU B 6 7.03 -0.66 -3.22
N ARG B 7 7.41 -1.81 -3.76
CA ARG B 7 6.56 -2.98 -3.71
C ARG B 7 7.02 -4.09 -2.78
N TYR B 8 8.25 -4.00 -2.30
CA TYR B 8 8.79 -5.02 -1.41
C TYR B 8 9.39 -4.41 -0.16
N LEU B 9 10.34 -3.51 -0.35
CA LEU B 9 10.99 -2.83 0.76
C LEU B 9 10.06 -1.76 1.31
N ARG B 10 10.27 -1.40 2.57
CA ARG B 10 9.50 -0.37 3.23
C ARG B 10 10.47 0.41 4.07
N PHE B 11 10.29 1.71 4.14
CA PHE B 11 11.16 2.52 4.97
C PHE B 11 10.52 3.88 5.21
N LEU B 12 10.91 4.50 6.32
CA LEU B 12 10.43 5.81 6.69
C LEU B 12 11.60 6.54 7.30
N THR B 13 11.65 7.85 7.08
CA THR B 13 12.71 8.69 7.64
C THR B 13 11.99 9.79 8.41
N ALA B 14 12.67 10.35 9.41
CA ALA B 14 12.10 11.40 10.21
C ALA B 14 13.22 12.27 10.76
N GLY B 15 12.88 13.48 11.19
CA GLY B 15 13.88 14.36 11.73
C GLY B 15 13.82 15.75 11.13
N GLU B 16 14.12 16.75 11.96
CA GLU B 16 14.13 18.13 11.53
C GLU B 16 15.57 18.55 11.24
N SER B 17 15.73 19.55 10.37
CA SER B 17 17.04 20.06 9.97
C SER B 17 17.98 20.33 11.15
N HIS B 18 17.46 20.95 12.20
CA HIS B 18 18.29 21.27 13.36
C HIS B 18 17.85 20.56 14.65
N GLY B 19 17.07 19.50 14.50
CA GLY B 19 16.62 18.75 15.66
C GLY B 19 17.74 17.89 16.21
N LYS B 20 17.40 16.96 17.09
CA LYS B 20 18.39 16.06 17.67
C LYS B 20 19.11 15.26 16.58
N GLY B 21 18.39 14.97 15.50
CA GLY B 21 18.99 14.21 14.42
C GLY B 21 18.01 13.62 13.43
N LEU B 22 18.49 12.67 12.64
CA LEU B 22 17.67 12.01 11.62
C LEU B 22 17.47 10.53 11.95
N THR B 23 16.25 10.06 11.82
CA THR B 23 15.94 8.66 12.09
C THR B 23 15.39 7.99 10.84
N ALA B 24 15.65 6.70 10.70
CA ALA B 24 15.15 5.95 9.57
C ALA B 24 15.02 4.48 9.94
N ILE B 25 14.03 3.83 9.33
CA ILE B 25 13.79 2.42 9.57
C ILE B 25 13.55 1.82 8.19
N LEU B 26 14.32 0.79 7.87
CA LEU B 26 14.24 0.09 6.59
C LEU B 26 13.88 -1.36 6.84
N GLU B 27 12.80 -1.82 6.23
CA GLU B 27 12.34 -3.19 6.41
C GLU B 27 12.31 -3.95 5.09
N GLY B 28 12.75 -5.21 5.10
CA GLY B 28 12.72 -5.99 3.89
C GLY B 28 14.07 -6.52 3.39
N ILE B 29 15.17 -5.97 3.89
CA ILE B 29 16.49 -6.45 3.47
C ILE B 29 16.62 -7.87 4.03
N PRO B 30 17.08 -8.83 3.20
CA PRO B 30 17.25 -10.21 3.64
C PRO B 30 18.23 -10.40 4.80
N ALA B 31 18.04 -11.49 5.54
CA ALA B 31 18.90 -11.83 6.66
C ALA B 31 20.25 -12.33 6.15
N ASN B 32 21.26 -12.21 6.99
CA ASN B 32 22.63 -12.66 6.70
C ASN B 32 23.41 -11.84 5.68
N LEU B 33 23.10 -10.55 5.61
CA LEU B 33 23.80 -9.65 4.71
C LEU B 33 24.84 -8.89 5.54
N PRO B 34 26.12 -8.94 5.13
CA PRO B 34 27.14 -8.22 5.90
C PRO B 34 26.86 -6.72 5.83
N LEU B 35 26.82 -6.05 6.97
CA LEU B 35 26.55 -4.63 7.00
C LEU B 35 27.19 -3.95 8.20
N SER B 36 27.88 -2.85 7.95
CA SER B 36 28.55 -2.10 9.00
C SER B 36 28.24 -0.61 8.87
N GLU B 37 28.43 0.13 9.96
CA GLU B 37 28.19 1.57 9.97
C GLU B 37 29.10 2.30 9.00
N GLU B 38 30.34 1.83 8.88
N GLU B 38 30.34 1.83 8.88
CA GLU B 38 31.35 2.49 7.94
CA GLU B 38 31.35 2.49 7.94
C GLU B 38 30.82 2.48 6.39
C GLU B 38 30.82 2.48 6.39
N GLU B 39 30.13 1.41 6.02
CA GLU B 39 29.58 1.28 4.69
C GLU B 39 28.53 2.38 4.52
N ILE B 40 27.83 2.68 5.61
CA ILE B 40 26.81 3.71 5.58
C ILE B 40 27.46 5.09 5.67
N ASN B 41 28.41 5.25 6.59
CA ASN B 41 29.09 6.52 6.77
C ASN B 41 29.84 6.97 5.52
N HIS B 42 30.39 6.01 4.79
CA HIS B 42 31.11 6.33 3.56
C HIS B 42 30.18 7.08 2.61
N GLU B 43 28.95 6.60 2.46
CA GLU B 43 27.99 7.25 1.57
C GLU B 43 27.57 8.59 2.14
N LEU B 44 27.43 8.68 3.46
CA LEU B 44 27.03 9.94 4.08
C LEU B 44 28.09 11.00 3.83
N ARG B 45 29.36 10.59 3.85
CA ARG B 45 30.45 11.53 3.62
C ARG B 45 30.47 12.04 2.20
N ARG B 46 30.30 11.14 1.22
CA ARG B 46 30.29 11.56 -0.17
C ARG B 46 29.24 12.65 -0.38
N ARG B 47 28.11 12.54 0.32
CA ARG B 47 27.04 13.52 0.22
C ARG B 47 27.48 14.88 0.78
N GLN B 48 28.10 14.87 1.95
CA GLN B 48 28.57 16.10 2.58
C GLN B 48 29.56 16.85 1.71
N ARG B 49 30.46 16.10 1.07
CA ARG B 49 31.47 16.69 0.19
C ARG B 49 30.84 17.22 -1.09
N GLY B 50 29.55 16.90 -1.29
CA GLY B 50 28.85 17.34 -2.47
C GLY B 50 28.32 18.76 -2.39
N TYR B 51 28.54 19.41 -1.25
CA TYR B 51 28.08 20.79 -1.06
C TYR B 51 29.25 21.76 -1.04
N LYS B 61 31.49 15.66 9.82
CA LYS B 61 31.43 14.24 9.44
C LYS B 61 30.12 13.59 9.88
N ASP B 62 29.24 13.34 8.92
CA ASP B 62 27.97 12.69 9.22
C ASP B 62 28.19 11.21 9.48
N THR B 63 27.61 10.70 10.56
CA THR B 63 27.74 9.29 10.88
C THR B 63 26.39 8.73 11.29
N ALA B 64 26.16 7.47 10.93
CA ALA B 64 24.90 6.81 11.25
C ALA B 64 25.14 5.76 12.32
N GLU B 65 24.18 5.59 13.20
CA GLU B 65 24.28 4.60 14.27
C GLU B 65 23.20 3.55 14.06
N ILE B 66 23.62 2.29 13.97
CA ILE B 66 22.67 1.20 13.79
C ILE B 66 22.06 0.87 15.15
N LEU B 67 20.74 1.00 15.25
CA LEU B 67 20.04 0.76 16.50
C LEU B 67 19.34 -0.59 16.55
N SER B 68 19.36 -1.33 15.44
CA SER B 68 18.72 -2.64 15.38
C SER B 68 18.86 -3.25 14.00
N GLY B 69 18.53 -4.54 13.90
CA GLY B 69 18.60 -5.24 12.64
C GLY B 69 19.95 -5.81 12.26
N VAL B 70 20.94 -5.62 13.12
CA VAL B 70 22.28 -6.12 12.83
C VAL B 70 22.96 -6.72 14.06
N ARG B 71 23.48 -7.94 13.90
CA ARG B 71 24.19 -8.64 14.96
C ARG B 71 25.39 -9.35 14.38
N PHE B 72 26.57 -9.08 14.95
CA PHE B 72 27.81 -9.68 14.49
C PHE B 72 28.10 -9.33 13.04
N GLY B 73 27.89 -8.07 12.68
CA GLY B 73 28.16 -7.60 11.33
C GLY B 73 27.20 -8.06 10.24
N LYS B 74 26.17 -8.81 10.60
CA LYS B 74 25.20 -9.29 9.62
C LYS B 74 23.77 -8.91 9.96
N THR B 75 22.93 -8.75 8.93
CA THR B 75 21.53 -8.39 9.14
C THR B 75 20.79 -9.59 9.75
N LEU B 76 19.89 -9.31 10.68
CA LEU B 76 19.10 -10.35 11.34
C LEU B 76 17.85 -10.66 10.54
N GLY B 77 17.46 -9.73 9.67
CA GLY B 77 16.27 -9.92 8.87
C GLY B 77 15.14 -9.05 9.41
N SER B 78 15.37 -8.46 10.58
CA SER B 78 14.38 -7.59 11.22
C SER B 78 14.58 -6.16 10.72
N PRO B 79 13.67 -5.24 11.07
CA PRO B 79 13.79 -3.85 10.63
C PRO B 79 15.12 -3.22 11.05
N ILE B 80 15.71 -2.44 10.14
CA ILE B 80 16.98 -1.78 10.40
C ILE B 80 16.73 -0.32 10.75
N ALA B 81 17.06 0.08 11.97
CA ALA B 81 16.86 1.45 12.41
C ALA B 81 18.19 2.20 12.39
N LEU B 82 18.16 3.44 11.90
CA LEU B 82 19.36 4.26 11.81
C LEU B 82 19.14 5.64 12.39
N PHE B 83 20.12 6.13 13.14
CA PHE B 83 20.02 7.46 13.72
C PHE B 83 21.26 8.25 13.34
N ILE B 84 21.04 9.45 12.81
CA ILE B 84 22.14 10.30 12.41
C ILE B 84 22.14 11.57 13.24
N ARG B 85 23.10 11.66 14.15
CA ARG B 85 23.21 12.83 15.03
C ARG B 85 23.30 14.14 14.28
N ASN B 86 22.78 15.19 14.90
CA ASN B 86 22.77 16.52 14.31
C ASN B 86 23.60 17.45 15.20
N ARG B 87 24.83 17.03 15.49
CA ARG B 87 25.79 17.76 16.32
C ARG B 87 25.46 19.22 16.63
N ASP B 88 25.04 19.97 15.62
CA ASP B 88 24.70 21.38 15.79
C ASP B 88 23.55 21.55 16.78
N TRP B 89 23.18 20.45 17.44
CA TRP B 89 22.10 20.47 18.42
C TRP B 89 22.63 20.84 19.80
N ALA B 117 7.18 26.60 -1.27
CA ALA B 117 8.04 25.75 -0.45
C ALA B 117 7.68 25.91 1.02
N ASP B 118 8.37 26.81 1.70
CA ASP B 118 8.11 27.06 3.11
C ASP B 118 6.72 27.67 3.25
N LEU B 119 6.32 28.48 2.28
CA LEU B 119 5.02 29.13 2.29
C LEU B 119 3.88 28.14 2.05
N SER B 120 3.96 27.41 0.93
CA SER B 120 2.93 26.43 0.60
C SER B 120 2.77 25.44 1.74
N GLY B 121 3.90 25.01 2.31
CA GLY B 121 3.86 24.08 3.42
C GLY B 121 3.31 24.76 4.66
N GLY B 122 3.68 26.02 4.85
CA GLY B 122 3.19 26.77 5.99
C GLY B 122 1.68 26.87 5.96
N ILE B 123 1.12 26.97 4.76
CA ILE B 123 -0.33 27.08 4.59
C ILE B 123 -1.00 25.72 4.77
N LYS B 124 -0.45 24.70 4.12
CA LYS B 124 -0.97 23.34 4.19
C LYS B 124 -1.12 22.84 5.62
N TYR B 125 -0.10 23.05 6.43
CA TYR B 125 -0.09 22.59 7.82
C TYR B 125 -0.44 23.69 8.82
N ASN B 126 -0.89 24.84 8.31
CA ASN B 126 -1.23 25.98 9.16
C ASN B 126 -0.12 26.28 10.16
N GLN B 127 1.08 26.50 9.63
CA GLN B 127 2.24 26.81 10.46
C GLN B 127 2.67 28.26 10.21
N ARG B 128 2.33 29.15 11.13
CA ARG B 128 2.69 30.56 10.98
C ARG B 128 4.20 30.73 11.08
N ASP B 129 4.84 29.88 11.86
CA ASP B 129 6.29 29.91 12.01
C ASP B 129 6.85 29.01 10.90
N LEU B 130 7.17 29.62 9.76
CA LEU B 130 7.69 28.88 8.61
C LEU B 130 8.94 28.04 8.89
N ARG B 131 9.48 28.15 10.10
CA ARG B 131 10.67 27.39 10.45
C ARG B 131 10.27 25.94 10.71
N ASN B 132 8.98 25.72 10.96
CA ASN B 132 8.47 24.38 11.22
C ASN B 132 8.39 23.55 9.94
N ILE B 133 8.40 24.24 8.80
CA ILE B 133 8.34 23.56 7.52
C ILE B 133 9.75 23.35 6.98
N LEU B 134 10.55 24.42 6.97
CA LEU B 134 11.92 24.37 6.50
C LEU B 134 12.73 23.27 7.22
N GLU B 135 12.47 23.09 8.50
CA GLU B 135 13.18 22.10 9.30
C GLU B 135 13.02 20.67 8.78
N ARG B 136 11.88 20.38 8.15
CA ARG B 136 11.65 19.04 7.61
C ARG B 136 11.88 18.96 6.11
N ALA B 137 11.49 20.01 5.39
CA ALA B 137 11.65 20.06 3.94
C ALA B 137 13.12 20.10 3.55
N SER B 138 13.91 20.82 4.36
CA SER B 138 15.34 20.97 4.13
C SER B 138 15.99 19.77 3.45
N ALA B 139 16.92 20.05 2.54
CA ALA B 139 17.64 19.00 1.82
C ALA B 139 18.46 18.19 2.82
N ARG B 140 18.25 18.49 4.10
CA ARG B 140 18.93 17.81 5.19
C ARG B 140 18.36 16.39 5.27
N GLU B 141 17.09 16.26 4.90
CA GLU B 141 16.39 14.98 4.92
C GLU B 141 17.09 13.96 4.02
N THR B 142 17.66 14.43 2.92
CA THR B 142 18.36 13.54 1.99
C THR B 142 19.44 12.71 2.68
N ALA B 143 20.00 13.24 3.77
CA ALA B 143 21.02 12.51 4.49
C ALA B 143 20.45 11.16 4.91
N ALA B 144 19.20 11.17 5.37
CA ALA B 144 18.54 9.93 5.80
C ALA B 144 18.33 9.01 4.60
N ARG B 145 17.97 9.59 3.46
CA ARG B 145 17.75 8.80 2.24
C ARG B 145 19.03 8.11 1.82
N VAL B 146 20.15 8.82 1.92
CA VAL B 146 21.44 8.25 1.54
C VAL B 146 21.83 7.10 2.47
N ALA B 147 21.48 7.20 3.74
CA ALA B 147 21.80 6.13 4.68
C ALA B 147 21.00 4.89 4.27
N VAL B 148 19.72 5.07 3.96
CA VAL B 148 18.89 3.97 3.52
C VAL B 148 19.46 3.42 2.21
N GLY B 149 19.82 4.34 1.31
CA GLY B 149 20.38 3.95 0.03
C GLY B 149 21.67 3.14 0.14
N ALA B 150 22.46 3.42 1.17
CA ALA B 150 23.71 2.71 1.37
C ALA B 150 23.48 1.23 1.63
N VAL B 151 22.51 0.93 2.49
CA VAL B 151 22.18 -0.47 2.80
C VAL B 151 21.74 -1.18 1.53
N CYS B 152 20.96 -0.50 0.69
CA CYS B 152 20.49 -1.08 -0.55
C CYS B 152 21.62 -1.34 -1.53
N LYS B 153 22.59 -0.42 -1.58
CA LYS B 153 23.75 -0.58 -2.47
C LYS B 153 24.52 -1.85 -2.10
N LYS B 154 24.75 -2.02 -0.80
CA LYS B 154 25.45 -3.19 -0.30
C LYS B 154 24.70 -4.45 -0.71
N PHE B 155 23.38 -4.41 -0.56
CA PHE B 155 22.56 -5.55 -0.95
C PHE B 155 22.79 -5.82 -2.44
N LEU B 156 22.66 -4.79 -3.25
CA LEU B 156 22.84 -4.91 -4.70
C LEU B 156 24.24 -5.38 -5.11
N SER B 157 25.25 -4.98 -4.34
CA SER B 157 26.61 -5.37 -4.68
C SER B 157 26.80 -6.88 -4.55
N GLU B 158 26.06 -7.49 -3.63
CA GLU B 158 26.16 -8.94 -3.45
C GLU B 158 25.79 -9.69 -4.73
N PHE B 159 25.13 -9.00 -5.67
CA PHE B 159 24.75 -9.61 -6.93
C PHE B 159 25.56 -9.04 -8.09
N GLY B 160 26.57 -8.22 -7.76
CA GLY B 160 27.40 -7.63 -8.80
C GLY B 160 26.82 -6.38 -9.44
N ILE B 161 25.71 -5.89 -8.91
CA ILE B 161 25.06 -4.69 -9.43
C ILE B 161 25.77 -3.47 -8.86
N LYS B 162 26.20 -2.56 -9.72
CA LYS B 162 26.91 -1.37 -9.27
C LYS B 162 26.20 -0.10 -9.67
N ILE B 163 26.18 0.88 -8.77
CA ILE B 163 25.52 2.14 -9.04
C ILE B 163 26.49 3.31 -8.89
N GLY B 164 26.46 4.20 -9.87
CA GLY B 164 27.34 5.36 -9.83
C GLY B 164 26.72 6.55 -10.54
N SER B 165 27.42 7.68 -10.55
CA SER B 165 26.92 8.88 -11.20
C SER B 165 28.02 9.91 -11.38
N PHE B 166 27.69 10.97 -12.13
CA PHE B 166 28.63 12.05 -12.38
C PHE B 166 27.88 13.26 -12.92
N VAL B 167 28.40 14.45 -12.65
CA VAL B 167 27.78 15.70 -13.10
C VAL B 167 28.18 15.98 -14.55
N VAL B 168 27.21 16.39 -15.36
CA VAL B 168 27.48 16.67 -16.76
C VAL B 168 27.33 18.14 -17.15
N SER B 169 26.85 18.96 -16.21
CA SER B 169 26.70 20.38 -16.47
C SER B 169 26.37 21.16 -15.22
N ILE B 170 26.90 22.37 -15.14
CA ILE B 170 26.68 23.29 -14.03
C ILE B 170 26.45 24.64 -14.68
N GLY B 171 25.30 25.26 -14.40
CA GLY B 171 25.01 26.54 -15.01
C GLY B 171 24.91 26.36 -16.52
N GLN B 172 25.52 27.27 -17.26
CA GLN B 172 25.50 27.22 -18.71
C GLN B 172 26.68 26.38 -19.20
N LYS B 173 27.51 25.96 -18.26
CA LYS B 173 28.69 25.17 -18.58
C LYS B 173 28.51 23.66 -18.44
N GLU B 174 28.65 22.96 -19.56
CA GLU B 174 28.50 21.51 -19.58
C GLU B 174 29.75 20.80 -20.11
N VAL B 175 29.98 19.59 -19.63
CA VAL B 175 31.13 18.80 -20.05
C VAL B 175 30.94 18.39 -21.50
N GLU B 176 31.58 19.14 -22.41
CA GLU B 176 31.50 18.92 -23.84
C GLU B 176 31.73 17.49 -24.32
N GLU B 177 32.73 16.83 -23.75
CA GLU B 177 33.04 15.47 -24.15
C GLU B 177 31.91 14.48 -23.94
N LEU B 178 30.89 14.86 -23.17
CA LEU B 178 29.77 13.98 -22.90
C LEU B 178 28.54 14.28 -23.76
N LYS B 179 28.66 15.24 -24.66
CA LYS B 179 27.55 15.60 -25.54
C LYS B 179 27.07 14.34 -26.27
N ASP B 180 28.00 13.52 -26.73
CA ASP B 180 27.67 12.28 -27.42
C ASP B 180 27.35 11.22 -26.37
N LYS B 181 26.09 10.77 -26.35
CA LYS B 181 25.66 9.79 -25.35
C LYS B 181 25.83 8.33 -25.72
N SER B 182 26.71 8.04 -26.67
CA SER B 182 26.93 6.65 -27.08
C SER B 182 27.52 5.84 -25.93
N TYR B 183 28.10 6.52 -24.94
CA TYR B 183 28.69 5.81 -23.80
C TYR B 183 27.64 5.20 -22.87
N PHE B 184 26.36 5.41 -23.17
CA PHE B 184 25.29 4.84 -22.35
C PHE B 184 25.33 3.32 -22.48
N ALA B 185 25.84 2.85 -23.61
CA ALA B 185 25.92 1.41 -23.86
C ALA B 185 27.25 0.83 -23.43
N ASN B 186 28.06 1.63 -22.74
CA ASN B 186 29.38 1.17 -22.34
C ASN B 186 29.60 1.12 -20.83
N PRO B 187 29.43 -0.08 -20.23
CA PRO B 187 29.60 -0.30 -18.78
C PRO B 187 30.92 0.25 -18.26
N GLU B 188 31.99 -0.02 -19.00
CA GLU B 188 33.32 0.44 -18.63
C GLU B 188 33.47 1.95 -18.61
N LYS B 189 32.96 2.62 -19.64
CA LYS B 189 33.04 4.07 -19.68
C LYS B 189 32.30 4.69 -18.50
N LEU B 190 31.06 4.27 -18.31
CA LEU B 190 30.24 4.78 -17.21
C LEU B 190 30.96 4.66 -15.89
N LEU B 191 31.44 3.47 -15.59
CA LEU B 191 32.15 3.22 -14.34
C LEU B 191 33.37 4.12 -14.24
N SER B 192 34.04 4.32 -15.37
CA SER B 192 35.22 5.17 -15.43
C SER B 192 34.88 6.61 -15.09
N TYR B 193 33.80 7.10 -15.68
CA TYR B 193 33.37 8.47 -15.42
C TYR B 193 33.03 8.67 -13.96
N HIS B 194 32.48 7.62 -13.34
CA HIS B 194 32.11 7.70 -11.93
C HIS B 194 33.36 7.76 -11.07
N GLU B 195 34.34 6.90 -11.37
CA GLU B 195 35.57 6.87 -10.60
C GLU B 195 36.29 8.21 -10.76
N LYS B 196 36.32 8.74 -11.98
CA LYS B 196 36.96 10.01 -12.22
C LYS B 196 36.23 11.09 -11.42
N ALA B 197 34.90 11.03 -11.46
CA ALA B 197 34.05 11.99 -10.75
C ALA B 197 34.38 12.00 -9.25
N GLU B 198 34.78 10.84 -8.72
CA GLU B 198 35.11 10.74 -7.30
C GLU B 198 36.39 11.53 -6.99
N ASP B 199 37.07 11.98 -8.03
CA ASP B 199 38.30 12.74 -7.85
C ASP B 199 38.08 14.22 -8.15
N SER B 200 36.82 14.57 -8.43
CA SER B 200 36.47 15.95 -8.74
C SER B 200 35.72 16.60 -7.58
N GLU B 201 35.98 17.88 -7.35
CA GLU B 201 35.32 18.60 -6.27
C GLU B 201 33.90 18.97 -6.70
N LEU B 202 33.58 18.66 -7.96
CA LEU B 202 32.26 18.94 -8.52
C LEU B 202 31.75 17.65 -9.15
N ARG B 203 32.39 16.53 -8.78
CA ARG B 203 32.02 15.22 -9.29
C ARG B 203 31.86 15.19 -10.81
N ILE B 204 32.70 15.93 -11.52
CA ILE B 204 32.64 15.94 -12.98
C ILE B 204 33.59 14.83 -13.46
N PRO B 205 33.22 14.14 -14.55
CA PRO B 205 34.03 13.05 -15.12
C PRO B 205 35.44 13.46 -15.54
N PHE B 206 35.72 14.75 -15.57
CA PHE B 206 37.05 15.23 -15.98
C PHE B 206 37.62 16.19 -14.95
N PRO B 207 38.29 15.66 -13.92
CA PRO B 207 38.91 16.42 -12.83
C PRO B 207 39.80 17.59 -13.27
N GLU B 208 40.38 17.50 -14.46
CA GLU B 208 41.25 18.55 -14.96
C GLU B 208 40.45 19.81 -15.21
N LYS B 209 39.16 19.65 -15.51
CA LYS B 209 38.29 20.78 -15.77
C LYS B 209 37.81 21.45 -14.49
N ASP B 210 38.24 20.92 -13.35
CA ASP B 210 37.84 21.49 -12.07
C ASP B 210 38.06 23.00 -11.96
N GLU B 211 39.31 23.42 -12.05
CA GLU B 211 39.64 24.83 -11.96
C GLU B 211 38.81 25.66 -12.94
N GLU B 212 38.60 25.12 -14.13
CA GLU B 212 37.81 25.81 -15.15
C GLU B 212 36.40 26.08 -14.64
N PHE B 213 35.74 25.04 -14.12
CA PHE B 213 34.39 25.20 -13.60
C PHE B 213 34.38 26.09 -12.37
N LYS B 214 35.32 25.87 -11.45
CA LYS B 214 35.41 26.66 -10.24
C LYS B 214 35.36 28.15 -10.55
N THR B 215 36.16 28.59 -11.52
CA THR B 215 36.20 29.99 -11.89
C THR B 215 34.83 30.45 -12.41
N TYR B 216 34.33 29.77 -13.43
CA TYR B 216 33.02 30.11 -14.00
C TYR B 216 32.01 30.29 -12.89
N ILE B 217 31.98 29.34 -11.97
CA ILE B 217 31.08 29.37 -10.84
C ILE B 217 31.34 30.63 -10.02
N ASP B 218 32.60 30.83 -9.63
CA ASP B 218 32.99 31.98 -8.84
C ASP B 218 32.52 33.28 -9.48
N GLU B 219 32.67 33.38 -10.80
CA GLU B 219 32.23 34.58 -11.51
C GLU B 219 30.73 34.77 -11.32
N VAL B 220 29.98 33.68 -11.44
CA VAL B 220 28.53 33.73 -11.26
C VAL B 220 28.21 34.08 -9.81
N LYS B 221 29.10 33.67 -8.90
CA LYS B 221 28.92 33.94 -7.48
C LYS B 221 29.08 35.44 -7.22
N GLU B 222 30.10 36.04 -7.85
CA GLU B 222 30.38 37.46 -7.69
C GLU B 222 29.13 38.32 -7.88
N LYS B 223 28.43 38.12 -9.01
CA LYS B 223 27.23 38.89 -9.28
C LYS B 223 26.02 38.32 -8.54
N GLY B 224 26.27 37.78 -7.34
CA GLY B 224 25.22 37.22 -6.52
C GLY B 224 24.23 36.34 -7.24
N GLU B 225 24.68 35.17 -7.67
CA GLU B 225 23.81 34.23 -8.38
C GLU B 225 23.95 32.80 -7.87
N SER B 226 22.97 31.98 -8.19
CA SER B 226 22.96 30.58 -7.79
C SER B 226 22.85 29.76 -9.06
N LEU B 227 23.36 28.54 -9.03
CA LEU B 227 23.32 27.69 -10.21
C LEU B 227 22.73 26.31 -9.99
N GLY B 228 22.12 25.78 -11.04
CA GLY B 228 21.54 24.46 -10.98
C GLY B 228 22.47 23.57 -11.76
N GLY B 229 22.06 22.34 -12.04
CA GLY B 229 22.93 21.45 -12.80
C GLY B 229 22.22 20.20 -13.27
N VAL B 230 22.94 19.40 -14.04
CA VAL B 230 22.39 18.17 -14.56
C VAL B 230 23.37 17.04 -14.32
N PHE B 231 22.89 15.93 -13.76
CA PHE B 231 23.77 14.79 -13.54
C PHE B 231 23.14 13.53 -14.08
N GLU B 232 23.95 12.50 -14.26
CA GLU B 232 23.45 11.24 -14.77
C GLU B 232 23.81 10.13 -13.77
N VAL B 233 22.85 9.28 -13.50
CA VAL B 233 23.07 8.18 -12.57
C VAL B 233 22.84 6.88 -13.32
N PHE B 234 23.71 5.90 -13.10
CA PHE B 234 23.59 4.64 -13.80
C PHE B 234 23.64 3.45 -12.85
N ALA B 235 23.22 2.31 -13.36
CA ALA B 235 23.24 1.06 -12.61
C ALA B 235 23.72 -0.02 -13.57
N LEU B 236 24.77 -0.73 -13.16
CA LEU B 236 25.35 -1.77 -14.00
C LEU B 236 25.06 -3.21 -13.56
N ASN B 237 25.00 -4.10 -14.54
CA ASN B 237 24.78 -5.53 -14.34
C ASN B 237 23.39 -5.89 -13.83
N VAL B 238 22.41 -5.07 -14.16
CA VAL B 238 21.05 -5.34 -13.75
C VAL B 238 20.49 -6.28 -14.80
N PRO B 239 19.90 -7.40 -14.37
CA PRO B 239 19.33 -8.34 -15.34
C PRO B 239 18.01 -7.87 -15.95
N PRO B 240 17.62 -8.46 -17.08
CA PRO B 240 16.37 -8.09 -17.74
C PRO B 240 15.24 -8.64 -16.87
N GLY B 241 14.07 -7.99 -16.91
CA GLY B 241 12.94 -8.49 -16.13
C GLY B 241 12.53 -7.75 -14.88
N LEU B 242 13.27 -6.73 -14.47
CA LEU B 242 12.89 -5.97 -13.28
C LEU B 242 11.79 -4.98 -13.67
N GLY B 243 10.78 -4.84 -12.82
CA GLY B 243 9.67 -3.95 -13.12
C GLY B 243 8.73 -4.74 -14.02
N SER B 244 7.58 -4.18 -14.35
CA SER B 244 6.64 -4.91 -15.20
C SER B 244 5.82 -4.00 -16.07
N HIS B 245 5.32 -4.56 -17.16
CA HIS B 245 4.50 -3.83 -18.13
C HIS B 245 3.00 -4.04 -17.91
N ILE B 246 2.64 -4.94 -17.00
CA ILE B 246 1.23 -5.25 -16.79
C ILE B 246 0.34 -4.19 -16.15
N GLN B 247 0.92 -3.31 -15.34
CA GLN B 247 0.13 -2.25 -14.72
C GLN B 247 1.01 -1.01 -14.66
N TRP B 248 0.41 0.15 -14.88
CA TRP B 248 1.14 1.41 -14.93
C TRP B 248 2.10 1.65 -13.78
N ASP B 249 1.67 1.34 -12.56
CA ASP B 249 2.53 1.60 -11.41
C ASP B 249 3.61 0.57 -11.15
N ARG B 250 3.69 -0.45 -12.00
CA ARG B 250 4.71 -1.48 -11.85
C ARG B 250 5.89 -1.22 -12.80
N ARG B 251 5.68 -0.35 -13.80
CA ARG B 251 6.73 -0.04 -14.76
C ARG B 251 7.94 0.62 -14.12
N ILE B 252 9.10 0.06 -14.37
CA ILE B 252 10.36 0.52 -13.79
C ILE B 252 10.68 2.00 -14.04
N ASP B 253 10.42 2.47 -15.25
CA ASP B 253 10.70 3.87 -15.58
C ASP B 253 9.92 4.83 -14.69
N GLY B 254 8.64 4.53 -14.49
CA GLY B 254 7.83 5.38 -13.64
C GLY B 254 8.36 5.36 -12.22
N ARG B 255 8.76 4.20 -11.73
CA ARG B 255 9.28 4.10 -10.36
C ARG B 255 10.57 4.87 -10.18
N ILE B 256 11.41 4.83 -11.21
CA ILE B 256 12.67 5.56 -11.17
C ILE B 256 12.35 7.06 -11.20
N ALA B 257 11.41 7.45 -12.05
CA ALA B 257 11.00 8.86 -12.17
C ALA B 257 10.53 9.47 -10.84
N GLN B 258 9.74 8.72 -10.08
CA GLN B 258 9.26 9.25 -8.81
C GLN B 258 10.39 9.36 -7.80
N ALA B 259 11.22 8.34 -7.75
CA ALA B 259 12.34 8.33 -6.81
C ALA B 259 13.26 9.52 -7.05
N SER B 262 11.57 13.12 -6.69
CA SER B 262 11.20 13.39 -5.30
C SER B 262 12.34 14.06 -4.55
N ILE B 263 13.51 14.12 -5.18
CA ILE B 263 14.67 14.76 -4.54
C ILE B 263 14.47 16.27 -4.65
N GLN B 264 14.76 17.00 -3.58
CA GLN B 264 14.57 18.44 -3.60
C GLN B 264 15.32 19.11 -4.75
N ALA B 265 14.68 20.11 -5.34
CA ALA B 265 15.25 20.88 -6.44
C ALA B 265 15.23 20.19 -7.79
N ILE B 266 14.88 18.92 -7.83
CA ILE B 266 14.85 18.20 -9.11
C ILE B 266 13.58 18.54 -9.89
N LYS B 267 13.75 19.07 -11.10
CA LYS B 267 12.59 19.46 -11.89
C LYS B 267 12.51 18.70 -13.20
N GLY B 268 13.45 17.79 -13.42
CA GLY B 268 13.43 17.05 -14.66
C GLY B 268 14.11 15.72 -14.55
N VAL B 269 13.57 14.74 -15.24
N VAL B 269 13.57 14.74 -15.24
CA VAL B 269 14.17 13.34 -15.22
CA VAL B 269 14.17 13.34 -15.22
C VAL B 269 13.99 12.63 -16.68
C VAL B 269 13.99 12.63 -16.68
N GLU B 270 15.05 12.01 -17.15
CA GLU B 270 15.02 11.32 -18.43
C GLU B 270 15.63 9.95 -18.21
N ILE B 271 15.12 8.99 -18.97
CA ILE B 271 15.62 7.63 -18.93
C ILE B 271 16.29 7.54 -20.29
N GLY B 272 17.61 7.42 -20.29
CA GLY B 272 18.33 7.32 -21.56
C GLY B 272 18.39 8.68 -22.25
N LEU B 273 18.27 8.67 -23.57
CA LEU B 273 18.32 9.90 -24.34
C LEU B 273 17.31 10.95 -23.87
N GLY B 274 16.09 10.51 -23.57
CA GLY B 274 15.07 11.43 -23.08
C GLY B 274 14.44 12.37 -24.10
N PHE B 275 14.40 13.65 -23.78
CA PHE B 275 13.81 14.63 -24.68
C PHE B 275 14.54 14.64 -26.03
N GLU B 276 15.82 14.31 -26.02
CA GLU B 276 16.61 14.28 -27.25
C GLU B 276 16.08 13.17 -28.15
N ALA B 277 15.66 12.06 -27.54
CA ALA B 277 15.11 10.94 -28.30
C ALA B 277 13.81 11.37 -28.97
N ALA B 278 13.06 12.25 -28.31
CA ALA B 278 11.80 12.73 -28.86
C ALA B 278 12.05 13.59 -30.10
N ARG B 279 13.28 14.05 -30.27
CA ARG B 279 13.65 14.89 -31.41
C ARG B 279 14.32 14.09 -32.52
N ARG B 280 14.47 12.78 -32.32
CA ARG B 280 15.13 11.96 -33.32
C ARG B 280 14.22 10.97 -34.02
N PHE B 281 14.72 10.40 -35.12
CA PHE B 281 13.99 9.42 -35.90
C PHE B 281 14.11 8.07 -35.21
N GLY B 282 13.09 7.24 -35.34
CA GLY B 282 13.11 5.92 -34.72
C GLY B 282 14.39 5.14 -34.88
N SER B 283 14.92 5.07 -36.10
CA SER B 283 16.14 4.33 -36.38
C SER B 283 17.37 4.84 -35.64
N GLN B 284 17.43 6.13 -35.35
CA GLN B 284 18.58 6.68 -34.66
C GLN B 284 18.37 6.71 -33.15
N VAL B 285 17.34 6.01 -32.69
CA VAL B 285 17.02 5.95 -31.27
C VAL B 285 16.94 4.50 -30.79
N HIS B 286 16.29 3.66 -31.58
CA HIS B 286 16.14 2.26 -31.22
C HIS B 286 17.47 1.54 -31.06
N ASP B 287 17.53 0.65 -30.06
CA ASP B 287 18.72 -0.13 -29.79
C ASP B 287 18.47 -1.51 -30.37
N GLU B 288 19.12 -1.82 -31.50
CA GLU B 288 18.94 -3.10 -32.15
C GLU B 288 19.35 -4.27 -31.25
N ILE B 289 18.57 -5.35 -31.34
CA ILE B 289 18.80 -6.54 -30.52
C ILE B 289 19.77 -7.54 -31.15
N GLY B 290 20.77 -7.94 -30.38
CA GLY B 290 21.75 -8.91 -30.84
C GLY B 290 21.75 -10.12 -29.92
N TRP B 291 22.26 -11.24 -30.39
CA TRP B 291 22.30 -12.46 -29.59
C TRP B 291 23.65 -13.16 -29.69
N SER B 292 24.06 -13.77 -28.60
CA SER B 292 25.32 -14.51 -28.53
C SER B 292 25.21 -15.69 -27.56
N GLU B 293 26.14 -16.64 -27.70
CA GLU B 293 26.16 -17.80 -26.82
C GLU B 293 26.18 -17.34 -25.37
N GLY B 294 27.22 -16.61 -25.01
CA GLY B 294 27.34 -16.10 -23.66
C GLY B 294 26.52 -14.83 -23.49
N LYS B 295 25.96 -14.64 -22.30
CA LYS B 295 25.14 -13.47 -22.02
C LYS B 295 24.17 -13.23 -23.17
N GLY B 296 23.51 -14.31 -23.61
CA GLY B 296 22.57 -14.23 -24.71
C GLY B 296 21.69 -13.00 -24.73
N TYR B 297 21.40 -12.50 -25.92
CA TYR B 297 20.56 -11.31 -26.11
C TYR B 297 21.13 -10.07 -25.45
N PHE B 298 21.48 -9.09 -26.28
CA PHE B 298 22.03 -7.83 -25.82
C PHE B 298 21.65 -6.74 -26.82
N ARG B 299 21.96 -5.49 -26.49
CA ARG B 299 21.65 -4.37 -27.37
C ARG B 299 22.92 -3.76 -27.94
N HIS B 300 22.85 -3.23 -29.15
CA HIS B 300 24.01 -2.62 -29.80
C HIS B 300 24.21 -1.18 -29.36
N SER B 301 23.19 -0.59 -28.76
CA SER B 301 23.25 0.77 -28.26
C SER B 301 22.31 0.83 -27.07
N ASN B 302 22.38 1.91 -26.29
CA ASN B 302 21.54 2.03 -25.11
C ASN B 302 20.88 3.41 -24.99
N ASN B 303 20.19 3.82 -26.05
CA ASN B 303 19.50 5.10 -26.07
C ASN B 303 18.29 5.06 -25.13
N LEU B 304 17.73 3.87 -24.95
CA LEU B 304 16.57 3.65 -24.10
C LEU B 304 16.87 3.78 -22.61
N GLY B 305 18.13 3.72 -22.22
CA GLY B 305 18.48 3.86 -20.82
C GLY B 305 18.39 2.59 -19.98
N GLY B 306 18.34 1.43 -20.63
CA GLY B 306 18.29 0.18 -19.90
C GLY B 306 16.89 -0.34 -19.59
N THR B 307 15.89 0.32 -20.12
CA THR B 307 14.50 -0.10 -19.90
C THR B 307 13.71 0.01 -21.18
N GLU B 308 12.75 -0.89 -21.35
CA GLU B 308 11.90 -0.90 -22.52
C GLU B 308 10.56 -1.51 -22.13
N GLY B 309 9.48 -0.78 -22.41
CA GLY B 309 8.16 -1.28 -22.09
C GLY B 309 7.88 -1.38 -20.60
N GLY B 310 8.70 -0.71 -19.79
CA GLY B 310 8.51 -0.73 -18.35
C GLY B 310 9.34 -1.79 -17.64
N ILE B 311 10.18 -2.49 -18.40
CA ILE B 311 11.01 -3.56 -17.87
C ILE B 311 12.48 -3.30 -18.18
N THR B 312 13.38 -3.64 -17.27
CA THR B 312 14.81 -3.48 -17.51
C THR B 312 15.20 -4.48 -18.59
N ASN B 313 16.08 -4.09 -19.50
CA ASN B 313 16.46 -4.99 -20.59
C ASN B 313 17.87 -5.59 -20.50
N GLY B 314 18.53 -5.40 -19.37
CA GLY B 314 19.86 -5.97 -19.24
C GLY B 314 20.97 -4.98 -19.49
N PRO B 316 22.82 -1.16 -19.40
CA PRO B 316 23.00 -0.28 -18.23
C PRO B 316 21.80 0.64 -18.06
N ILE B 317 21.33 0.81 -16.83
CA ILE B 317 20.22 1.71 -16.57
C ILE B 317 20.83 3.09 -16.43
N VAL B 318 20.32 4.04 -17.21
CA VAL B 318 20.86 5.38 -17.17
C VAL B 318 19.77 6.41 -17.03
N VAL B 319 19.93 7.27 -16.03
CA VAL B 319 18.96 8.31 -15.75
C VAL B 319 19.62 9.69 -15.78
N ARG B 320 18.99 10.64 -16.44
CA ARG B 320 19.52 12.01 -16.49
C ARG B 320 18.59 12.83 -15.60
N VAL B 321 19.17 13.53 -14.63
CA VAL B 321 18.38 14.32 -13.69
C VAL B 321 18.75 15.80 -13.68
N ALA B 322 17.73 16.66 -13.71
CA ALA B 322 17.95 18.11 -13.73
C ALA B 322 17.60 18.79 -12.41
N LYS B 324 17.28 22.38 -10.34
CA LYS B 324 17.14 23.82 -10.48
C LYS B 324 18.09 24.55 -9.53
N PRO B 325 18.33 25.85 -9.80
CA PRO B 325 19.21 26.69 -8.98
C PRO B 325 18.67 26.80 -7.56
N ILE B 326 19.54 26.61 -6.57
CA ILE B 326 19.15 26.69 -5.17
C ILE B 326 19.82 27.90 -4.52
N PRO B 327 19.03 28.89 -4.07
CA PRO B 327 17.57 28.90 -4.15
C PRO B 327 17.03 29.97 -5.12
N THR B 328 17.07 31.23 -4.68
CA THR B 328 16.58 32.34 -5.49
C THR B 328 17.23 32.37 -6.87
N VAL B 354 25.84 25.94 -5.79
CA VAL B 354 26.00 24.70 -6.54
C VAL B 354 25.91 23.48 -5.64
N ALA B 355 24.77 22.80 -5.66
CA ALA B 355 24.57 21.61 -4.84
C ALA B 355 24.38 20.39 -5.73
N VAL B 356 24.57 20.58 -7.04
CA VAL B 356 24.40 19.47 -7.98
C VAL B 356 25.29 18.26 -7.66
N PRO B 357 26.50 18.48 -7.11
CA PRO B 357 27.34 17.32 -6.81
C PRO B 357 26.72 16.45 -5.71
N ALA B 358 26.22 17.10 -4.66
CA ALA B 358 25.60 16.40 -3.54
C ALA B 358 24.34 15.70 -4.07
N ALA B 359 23.62 16.38 -4.94
CA ALA B 359 22.40 15.85 -5.52
C ALA B 359 22.66 14.53 -6.26
N SER B 360 23.82 14.42 -6.90
CA SER B 360 24.14 13.21 -7.64
C SER B 360 24.29 12.04 -6.68
N VAL B 361 24.81 12.32 -5.48
CA VAL B 361 25.00 11.27 -4.49
C VAL B 361 23.65 10.79 -3.97
N VAL B 362 22.68 11.71 -3.86
CA VAL B 362 21.35 11.36 -3.39
C VAL B 362 20.67 10.59 -4.52
N GLY B 363 20.96 10.98 -5.75
CA GLY B 363 20.39 10.31 -6.89
C GLY B 363 20.82 8.84 -6.92
N GLU B 364 22.05 8.57 -6.48
CA GLU B 364 22.56 7.21 -6.46
C GLU B 364 21.78 6.41 -5.42
N ALA B 365 21.59 7.01 -4.26
CA ALA B 365 20.85 6.37 -3.18
C ALA B 365 19.44 5.99 -3.61
N LEU B 367 18.28 5.50 -6.73
CA LEU B 367 18.27 4.47 -7.76
C LEU B 367 18.53 3.10 -7.13
N ALA B 368 19.38 3.09 -6.10
CA ALA B 368 19.70 1.85 -5.40
C ALA B 368 18.47 1.31 -4.69
N ILE B 369 17.73 2.19 -4.04
CA ILE B 369 16.52 1.81 -3.32
C ILE B 369 15.52 1.21 -4.30
N VAL B 370 15.27 1.92 -5.40
CA VAL B 370 14.33 1.46 -6.42
C VAL B 370 14.72 0.09 -6.96
N LEU B 371 15.99 -0.06 -7.33
CA LEU B 371 16.50 -1.31 -7.87
C LEU B 371 16.53 -2.45 -6.86
N ALA B 372 16.92 -2.16 -5.62
CA ALA B 372 16.94 -3.22 -4.61
C ALA B 372 15.51 -3.71 -4.42
N ASP B 373 14.56 -2.78 -4.38
CA ASP B 373 13.15 -3.14 -4.23
C ASP B 373 12.65 -3.94 -5.44
N ALA B 374 13.01 -3.50 -6.64
CA ALA B 374 12.56 -4.22 -7.83
C ALA B 374 13.21 -5.61 -7.90
N LEU B 375 14.46 -5.73 -7.46
CA LEU B 375 15.14 -7.02 -7.48
C LEU B 375 14.49 -7.99 -6.47
N LEU B 376 14.19 -7.48 -5.28
CA LEU B 376 13.55 -8.28 -4.25
C LEU B 376 12.14 -8.69 -4.70
N GLU B 377 11.46 -7.78 -5.40
CA GLU B 377 10.12 -8.04 -5.90
C GLU B 377 10.14 -9.27 -6.81
N LYS B 378 11.15 -9.34 -7.67
CA LYS B 378 11.30 -10.44 -8.62
C LYS B 378 11.80 -11.73 -7.97
N LEU B 379 12.78 -11.61 -7.09
CA LEU B 379 13.36 -12.77 -6.42
C LEU B 379 12.66 -13.26 -5.17
N GLY B 380 12.19 -12.35 -4.34
CA GLY B 380 11.55 -12.75 -3.09
C GLY B 380 12.69 -13.25 -2.22
N GLY B 381 12.38 -13.85 -1.07
CA GLY B 381 13.44 -14.36 -0.21
C GLY B 381 13.62 -13.63 1.11
N ASP B 382 14.02 -14.37 2.13
CA ASP B 382 14.21 -13.79 3.46
C ASP B 382 15.66 -13.82 3.94
N PHE B 383 16.50 -14.60 3.28
CA PHE B 383 17.91 -14.65 3.62
C PHE B 383 18.75 -14.64 2.34
N GLU B 385 21.45 -16.29 1.17
CA GLU B 385 21.74 -17.52 0.45
C GLU B 385 20.57 -17.94 -0.43
N GLU B 386 19.36 -17.70 0.05
CA GLU B 386 18.15 -18.02 -0.69
C GLU B 386 17.98 -17.10 -1.90
N VAL B 387 18.13 -15.81 -1.68
CA VAL B 387 17.98 -14.83 -2.76
C VAL B 387 19.04 -15.01 -3.84
N LYS B 388 20.28 -15.29 -3.43
CA LYS B 388 21.36 -15.48 -4.38
C LYS B 388 21.17 -16.68 -5.32
N LYS B 389 20.61 -17.77 -4.81
CA LYS B 389 20.40 -18.92 -5.67
C LYS B 389 19.30 -18.64 -6.68
N ARG B 390 18.29 -17.89 -6.26
CA ARG B 390 17.19 -17.54 -7.16
C ARG B 390 17.72 -16.62 -8.25
N PHE B 391 18.62 -15.72 -7.87
CA PHE B 391 19.20 -14.81 -8.84
C PHE B 391 19.99 -15.62 -9.88
N GLU B 392 20.80 -16.56 -9.39
CA GLU B 392 21.62 -17.41 -10.25
C GLU B 392 20.72 -18.19 -11.20
N ASP B 393 19.68 -18.80 -10.64
CA ASP B 393 18.74 -19.55 -11.43
C ASP B 393 18.09 -18.66 -12.48
N TYR B 394 17.65 -17.48 -12.07
CA TYR B 394 17.01 -16.56 -13.01
C TYR B 394 17.95 -16.16 -14.14
N VAL B 395 19.18 -15.76 -13.80
CA VAL B 395 20.15 -15.36 -14.82
C VAL B 395 20.39 -16.54 -15.79
N ASN B 396 20.38 -17.74 -15.24
CA ASN B 396 20.56 -18.97 -16.01
C ASN B 396 19.43 -19.06 -17.02
N HIS B 397 18.23 -18.68 -16.59
CA HIS B 397 17.03 -18.69 -17.42
C HIS B 397 17.16 -17.61 -18.50
N VAL B 398 17.73 -16.47 -18.12
CA VAL B 398 17.91 -15.36 -19.04
C VAL B 398 18.85 -15.72 -20.19
N LYS B 399 20.05 -16.19 -19.85
CA LYS B 399 21.05 -16.54 -20.84
C LYS B 399 20.63 -17.62 -21.83
N SER B 400 19.69 -18.47 -21.42
CA SER B 400 19.25 -19.56 -22.29
C SER B 400 17.87 -19.39 -22.90
N PHE B 401 17.21 -18.27 -22.62
CA PHE B 401 15.88 -18.04 -23.15
C PHE B 401 15.88 -18.09 -24.67
N SER C 5 2.55 4.89 -6.44
CA SER C 5 1.10 4.54 -6.45
C SER C 5 0.25 5.75 -6.06
N LEU C 6 -0.99 5.51 -5.66
CA LEU C 6 -1.89 6.57 -5.26
C LEU C 6 -2.09 6.55 -3.74
N ARG C 7 -2.46 7.70 -3.17
CA ARG C 7 -2.64 7.82 -1.73
C ARG C 7 -4.08 7.65 -1.21
N TYR C 8 -5.07 7.80 -2.08
CA TYR C 8 -6.46 7.70 -1.65
C TYR C 8 -7.28 6.90 -2.65
N LEU C 9 -7.20 7.29 -3.91
CA LEU C 9 -7.91 6.60 -4.97
C LEU C 9 -7.22 5.26 -5.20
N ARG C 10 -7.95 4.32 -5.79
CA ARG C 10 -7.43 3.00 -6.11
C ARG C 10 -8.08 2.56 -7.40
N PHE C 11 -7.27 2.05 -8.33
CA PHE C 11 -7.83 1.57 -9.58
C PHE C 11 -6.93 0.54 -10.21
N LEU C 12 -7.51 -0.29 -11.08
CA LEU C 12 -6.77 -1.32 -11.78
C LEU C 12 -7.38 -1.42 -13.17
N THR C 13 -6.54 -1.70 -14.17
CA THR C 13 -6.99 -1.87 -15.54
C THR C 13 -6.56 -3.26 -15.95
N ALA C 14 -7.26 -3.82 -16.92
CA ALA C 14 -6.96 -5.16 -17.41
C ALA C 14 -7.42 -5.22 -18.84
N GLY C 15 -6.96 -6.23 -19.56
CA GLY C 15 -7.37 -6.38 -20.94
C GLY C 15 -6.20 -6.49 -21.90
N GLU C 16 -6.39 -7.30 -22.93
CA GLU C 16 -5.39 -7.49 -23.96
C GLU C 16 -5.80 -6.69 -25.18
N SER C 17 -4.81 -6.23 -25.93
CA SER C 17 -5.04 -5.43 -27.13
C SER C 17 -6.14 -6.00 -28.02
N HIS C 18 -6.06 -7.29 -28.31
CA HIS C 18 -7.05 -7.93 -29.18
C HIS C 18 -7.97 -8.91 -28.45
N GLY C 19 -8.09 -8.76 -27.14
CA GLY C 19 -8.97 -9.64 -26.38
C GLY C 19 -10.40 -9.14 -26.50
N LYS C 20 -11.26 -9.57 -25.58
CA LYS C 20 -12.67 -9.16 -25.61
C LYS C 20 -12.88 -7.67 -25.36
N GLY C 21 -11.98 -7.06 -24.59
CA GLY C 21 -12.12 -5.65 -24.30
C GLY C 21 -11.22 -5.23 -23.15
N LEU C 22 -11.33 -3.97 -22.75
CA LEU C 22 -10.52 -3.46 -21.64
C LEU C 22 -11.42 -3.28 -20.44
N THR C 23 -10.90 -3.62 -19.26
CA THR C 23 -11.68 -3.48 -18.03
C THR C 23 -10.92 -2.60 -17.04
N ALA C 24 -11.67 -1.86 -16.23
CA ALA C 24 -11.08 -0.99 -15.23
C ALA C 24 -12.01 -0.84 -14.05
N ILE C 25 -11.43 -0.73 -12.86
CA ILE C 25 -12.21 -0.54 -11.63
C ILE C 25 -11.57 0.62 -10.90
N LEU C 26 -12.38 1.62 -10.57
CA LEU C 26 -11.92 2.82 -9.86
C LEU C 26 -12.67 2.96 -8.54
N GLU C 27 -11.91 3.09 -7.45
CA GLU C 27 -12.51 3.22 -6.13
C GLU C 27 -12.05 4.46 -5.37
N GLY C 28 -12.99 5.12 -4.70
CA GLY C 28 -12.64 6.30 -3.92
C GLY C 28 -13.33 7.58 -4.36
N ILE C 29 -13.96 7.58 -5.53
CA ILE C 29 -14.65 8.77 -5.99
C ILE C 29 -15.87 8.93 -5.09
N PRO C 30 -16.09 10.14 -4.55
CA PRO C 30 -17.25 10.37 -3.66
C PRO C 30 -18.59 10.08 -4.32
N ALA C 31 -19.61 9.85 -3.49
CA ALA C 31 -20.96 9.59 -3.97
C ALA C 31 -21.63 10.89 -4.40
N ASN C 32 -22.63 10.77 -5.27
CA ASN C 32 -23.39 11.91 -5.77
C ASN C 32 -22.71 12.78 -6.82
N LEU C 33 -21.70 12.23 -7.47
CA LEU C 33 -21.01 12.95 -8.53
C LEU C 33 -21.71 12.59 -9.83
N PRO C 34 -22.26 13.60 -10.54
CA PRO C 34 -22.94 13.33 -11.81
C PRO C 34 -21.93 12.71 -12.77
N LEU C 35 -22.28 11.57 -13.37
CA LEU C 35 -21.38 10.90 -14.29
C LEU C 35 -22.14 10.12 -15.34
N SER C 36 -21.74 10.28 -16.60
CA SER C 36 -22.41 9.58 -17.69
C SER C 36 -21.38 8.91 -18.59
N GLU C 37 -21.80 7.90 -19.35
CA GLU C 37 -20.91 7.20 -20.25
C GLU C 37 -20.44 8.15 -21.35
N GLU C 38 -21.28 9.14 -21.67
CA GLU C 38 -20.96 10.10 -22.71
C GLU C 38 -19.73 10.93 -22.35
N GLU C 39 -19.61 11.29 -21.08
CA GLU C 39 -18.45 12.08 -20.61
C GLU C 39 -17.17 11.25 -20.70
N ILE C 40 -17.32 9.93 -20.63
CA ILE C 40 -16.18 9.03 -20.72
C ILE C 40 -15.81 8.84 -22.19
N ASN C 41 -16.82 8.53 -23.00
CA ASN C 41 -16.59 8.32 -24.42
C ASN C 41 -15.99 9.54 -25.09
N HIS C 42 -16.36 10.72 -24.61
CA HIS C 42 -15.84 11.96 -25.16
C HIS C 42 -14.31 11.91 -25.12
N GLU C 43 -13.76 11.52 -23.98
CA GLU C 43 -12.31 11.44 -23.83
C GLU C 43 -11.75 10.29 -24.66
N LEU C 44 -12.41 9.15 -24.62
CA LEU C 44 -11.95 8.00 -25.40
C LEU C 44 -11.83 8.36 -26.88
N ARG C 45 -12.74 9.21 -27.37
CA ARG C 45 -12.71 9.62 -28.77
C ARG C 45 -11.55 10.58 -29.05
N ARG C 46 -11.27 11.46 -28.09
CA ARG C 46 -10.17 12.40 -28.25
C ARG C 46 -8.87 11.62 -28.39
N ARG C 47 -8.79 10.51 -27.67
CA ARG C 47 -7.60 9.67 -27.70
C ARG C 47 -7.39 9.01 -29.06
N GLN C 48 -8.48 8.52 -29.65
CA GLN C 48 -8.41 7.85 -30.95
C GLN C 48 -8.01 8.81 -32.06
N ARG C 49 -8.59 10.01 -32.06
CA ARG C 49 -8.28 11.01 -33.07
C ARG C 49 -6.79 11.33 -32.99
N GLY C 50 -6.17 10.99 -31.86
CA GLY C 50 -4.76 11.25 -31.68
C GLY C 50 -3.88 10.26 -32.42
N TYR C 51 -4.51 9.32 -33.12
CA TYR C 51 -3.78 8.32 -33.88
C TYR C 51 -3.83 8.63 -35.37
N LYS C 61 -15.98 5.50 -32.10
CA LYS C 61 -15.68 4.08 -31.97
C LYS C 61 -15.59 3.64 -30.51
N ASP C 62 -14.40 3.73 -29.92
CA ASP C 62 -14.21 3.33 -28.53
C ASP C 62 -15.32 3.83 -27.64
N THR C 63 -16.02 2.88 -27.04
CA THR C 63 -17.13 3.20 -26.15
C THR C 63 -16.99 2.44 -24.83
N ALA C 64 -17.28 3.13 -23.74
CA ALA C 64 -17.20 2.52 -22.43
C ALA C 64 -18.58 2.33 -21.83
N GLU C 65 -18.81 1.15 -21.26
CA GLU C 65 -20.07 0.84 -20.61
C GLU C 65 -19.81 0.86 -19.12
N ILE C 66 -20.62 1.61 -18.38
CA ILE C 66 -20.46 1.68 -16.93
C ILE C 66 -21.17 0.47 -16.36
N LEU C 67 -20.42 -0.42 -15.73
CA LEU C 67 -20.98 -1.64 -15.16
C LEU C 67 -21.43 -1.53 -13.72
N SER C 68 -20.98 -0.50 -13.00
CA SER C 68 -21.38 -0.36 -11.61
C SER C 68 -20.93 0.98 -11.04
N GLY C 69 -21.48 1.34 -9.88
CA GLY C 69 -21.10 2.58 -9.23
C GLY C 69 -21.90 3.82 -9.59
N VAL C 70 -22.75 3.70 -10.61
CA VAL C 70 -23.54 4.84 -11.03
C VAL C 70 -25.02 4.46 -11.16
N ARG C 71 -25.87 5.28 -10.56
CA ARG C 71 -27.31 5.05 -10.61
C ARG C 71 -28.00 6.39 -10.74
N PHE C 72 -28.94 6.48 -11.69
CA PHE C 72 -29.68 7.71 -11.94
C PHE C 72 -28.71 8.86 -12.27
N GLY C 73 -27.65 8.54 -12.99
CA GLY C 73 -26.67 9.55 -13.38
C GLY C 73 -25.68 10.00 -12.33
N LYS C 74 -25.81 9.51 -11.09
CA LYS C 74 -24.88 9.91 -10.02
C LYS C 74 -24.07 8.74 -9.48
N THR C 75 -22.86 9.02 -9.01
CA THR C 75 -22.01 7.98 -8.44
C THR C 75 -22.63 7.54 -7.11
N LEU C 76 -22.57 6.24 -6.84
CA LEU C 76 -23.12 5.68 -5.60
C LEU C 76 -22.13 5.78 -4.45
N GLY C 77 -20.85 5.88 -4.78
CA GLY C 77 -19.82 5.94 -3.77
C GLY C 77 -19.08 4.62 -3.74
N SER C 78 -19.66 3.62 -4.40
CA SER C 78 -19.04 2.29 -4.47
C SER C 78 -18.10 2.27 -5.67
N PRO C 79 -17.35 1.16 -5.86
CA PRO C 79 -16.42 1.08 -6.99
C PRO C 79 -17.08 1.22 -8.36
N ILE C 80 -16.42 1.96 -9.24
CA ILE C 80 -16.93 2.16 -10.59
C ILE C 80 -16.19 1.24 -11.55
N ALA C 81 -16.93 0.33 -12.17
CA ALA C 81 -16.35 -0.61 -13.13
C ALA C 81 -16.70 -0.19 -14.55
N LEU C 82 -15.70 -0.22 -15.41
CA LEU C 82 -15.91 0.16 -16.81
C LEU C 82 -15.40 -0.93 -17.73
N PHE C 83 -16.07 -1.09 -18.87
CA PHE C 83 -15.66 -2.07 -19.85
C PHE C 83 -15.66 -1.43 -21.23
N ILE C 84 -14.54 -1.56 -21.94
CA ILE C 84 -14.42 -1.02 -23.28
C ILE C 84 -14.32 -2.19 -24.23
N ARG C 85 -15.46 -2.55 -24.80
CA ARG C 85 -15.55 -3.68 -25.72
C ARG C 85 -14.72 -3.51 -26.99
N ASN C 86 -13.81 -4.46 -27.23
CA ASN C 86 -12.98 -4.44 -28.43
C ASN C 86 -13.86 -5.00 -29.54
N ARG C 87 -14.65 -4.11 -30.15
CA ARG C 87 -15.60 -4.44 -31.21
C ARG C 87 -15.19 -5.43 -32.31
N ASP C 88 -13.93 -5.41 -32.74
CA ASP C 88 -13.50 -6.34 -33.77
C ASP C 88 -12.95 -7.64 -33.17
N TRP C 89 -13.58 -8.08 -32.08
CA TRP C 89 -13.16 -9.31 -31.41
C TRP C 89 -13.45 -10.54 -32.25
N GLU C 90 -14.25 -10.37 -33.30
CA GLU C 90 -14.60 -11.48 -34.18
C GLU C 90 -13.38 -12.32 -34.54
N ALA C 117 8.76 -4.00 -23.76
CA ALA C 117 8.56 -4.13 -25.19
C ALA C 117 8.01 -5.52 -25.51
N ASP C 118 8.92 -6.46 -25.77
CA ASP C 118 8.54 -7.84 -26.09
C ASP C 118 9.52 -8.82 -25.46
N LEU C 119 10.78 -8.73 -25.88
CA LEU C 119 11.82 -9.62 -25.39
C LEU C 119 11.97 -9.61 -23.87
N SER C 120 12.14 -8.44 -23.28
CA SER C 120 12.31 -8.32 -21.84
C SER C 120 11.14 -8.97 -21.08
N GLY C 121 9.93 -8.71 -21.54
CA GLY C 121 8.75 -9.29 -20.91
C GLY C 121 8.69 -10.78 -21.17
N GLY C 122 9.13 -11.19 -22.36
CA GLY C 122 9.12 -12.60 -22.71
C GLY C 122 9.99 -13.39 -21.76
N ILE C 123 11.21 -12.88 -21.54
CA ILE C 123 12.14 -13.52 -20.63
C ILE C 123 11.56 -13.52 -19.23
N LYS C 124 11.12 -12.33 -18.79
CA LYS C 124 10.56 -12.14 -17.46
C LYS C 124 9.42 -13.09 -17.11
N TYR C 125 8.48 -13.25 -18.03
CA TYR C 125 7.32 -14.10 -17.82
C TYR C 125 7.40 -15.47 -18.47
N ASN C 126 8.57 -15.81 -18.98
CA ASN C 126 8.76 -17.09 -19.63
C ASN C 126 7.68 -17.30 -20.70
N GLN C 127 7.47 -16.27 -21.52
CA GLN C 127 6.50 -16.35 -22.60
C GLN C 127 7.24 -16.54 -23.92
N ARG C 128 7.23 -17.78 -24.39
CA ARG C 128 7.89 -18.14 -25.65
C ARG C 128 7.25 -17.33 -26.78
N ASP C 129 5.92 -17.27 -26.77
CA ASP C 129 5.18 -16.50 -27.76
C ASP C 129 5.07 -15.06 -27.26
N LEU C 130 5.89 -14.18 -27.83
CA LEU C 130 5.91 -12.78 -27.43
C LEU C 130 4.59 -12.03 -27.63
N ARG C 131 3.65 -12.63 -28.34
CA ARG C 131 2.37 -11.99 -28.56
C ARG C 131 1.66 -11.83 -27.20
N ASN C 132 1.96 -12.74 -26.28
CA ASN C 132 1.35 -12.72 -24.97
C ASN C 132 1.84 -11.52 -24.15
N ILE C 133 3.00 -10.98 -24.52
CA ILE C 133 3.56 -9.83 -23.84
C ILE C 133 3.04 -8.57 -24.53
N LEU C 134 3.04 -8.60 -25.86
CA LEU C 134 2.58 -7.47 -26.67
C LEU C 134 1.13 -7.08 -26.41
N GLU C 135 0.24 -8.07 -26.35
CA GLU C 135 -1.18 -7.84 -26.13
C GLU C 135 -1.49 -6.95 -24.92
N ARG C 136 -0.68 -7.07 -23.87
CA ARG C 136 -0.91 -6.27 -22.67
C ARG C 136 -0.06 -5.01 -22.65
N ALA C 137 1.11 -5.05 -23.26
CA ALA C 137 2.00 -3.90 -23.29
C ALA C 137 1.55 -2.83 -24.28
N SER C 138 0.73 -3.22 -25.25
CA SER C 138 0.21 -2.31 -26.27
C SER C 138 -0.32 -0.99 -25.72
N ALA C 139 -0.10 0.09 -26.46
CA ALA C 139 -0.56 1.41 -26.07
C ALA C 139 -2.09 1.40 -26.00
N ARG C 140 -2.68 0.33 -26.52
CA ARG C 140 -4.13 0.17 -26.50
C ARG C 140 -4.62 0.20 -25.05
N GLU C 141 -3.76 -0.21 -24.14
CA GLU C 141 -4.07 -0.23 -22.72
C GLU C 141 -4.42 1.17 -22.21
N THR C 142 -3.79 2.19 -22.80
CA THR C 142 -4.00 3.57 -22.40
C THR C 142 -5.44 4.03 -22.48
N ALA C 143 -6.27 3.33 -23.25
CA ALA C 143 -7.67 3.69 -23.37
C ALA C 143 -8.38 3.51 -22.04
N ALA C 144 -8.03 2.45 -21.31
CA ALA C 144 -8.64 2.19 -20.00
C ALA C 144 -8.19 3.25 -19.02
N ARG C 145 -6.96 3.73 -19.19
CA ARG C 145 -6.44 4.76 -18.32
C ARG C 145 -7.15 6.07 -18.62
N VAL C 146 -7.50 6.28 -19.88
CA VAL C 146 -8.20 7.49 -20.27
C VAL C 146 -9.62 7.45 -19.71
N ALA C 147 -10.21 6.26 -19.68
CA ALA C 147 -11.57 6.09 -19.16
C ALA C 147 -11.59 6.40 -17.67
N VAL C 148 -10.57 5.95 -16.94
CA VAL C 148 -10.50 6.21 -15.51
C VAL C 148 -10.25 7.69 -15.33
N GLY C 149 -9.36 8.23 -16.16
CA GLY C 149 -9.05 9.65 -16.08
C GLY C 149 -10.26 10.52 -16.31
N ALA C 150 -11.13 10.11 -17.24
CA ALA C 150 -12.32 10.91 -17.53
C ALA C 150 -13.18 11.08 -16.30
N VAL C 151 -13.25 10.06 -15.45
CA VAL C 151 -14.05 10.17 -14.25
C VAL C 151 -13.40 11.16 -13.29
N CYS C 152 -12.08 11.11 -13.18
CA CYS C 152 -11.37 12.01 -12.29
C CYS C 152 -11.47 13.45 -12.78
N LYS C 153 -11.51 13.63 -14.10
CA LYS C 153 -11.63 14.96 -14.67
C LYS C 153 -12.98 15.58 -14.27
N LYS C 154 -14.04 14.77 -14.33
CA LYS C 154 -15.37 15.26 -13.97
C LYS C 154 -15.38 15.61 -12.49
N PHE C 155 -14.79 14.75 -11.67
CA PHE C 155 -14.72 15.02 -10.23
C PHE C 155 -14.01 16.36 -10.01
N LEU C 156 -12.89 16.52 -10.70
CA LEU C 156 -12.06 17.72 -10.59
C LEU C 156 -12.78 18.98 -11.07
N SER C 157 -13.54 18.85 -12.14
CA SER C 157 -14.26 20.00 -12.68
C SER C 157 -15.26 20.55 -11.66
N GLU C 158 -15.78 19.68 -10.80
CA GLU C 158 -16.74 20.11 -9.79
C GLU C 158 -16.09 21.14 -8.85
N PHE C 159 -14.77 21.29 -8.97
CA PHE C 159 -14.04 22.23 -8.13
C PHE C 159 -13.45 23.37 -8.96
N GLY C 160 -13.82 23.45 -10.23
CA GLY C 160 -13.29 24.50 -11.08
C GLY C 160 -11.90 24.18 -11.61
N ILE C 161 -11.41 22.97 -11.33
CA ILE C 161 -10.09 22.58 -11.81
C ILE C 161 -10.19 22.10 -13.25
N LYS C 162 -9.35 22.68 -14.10
CA LYS C 162 -9.36 22.34 -15.52
C LYS C 162 -8.06 21.69 -15.94
N ILE C 163 -8.16 20.69 -16.80
CA ILE C 163 -6.99 19.98 -17.28
C ILE C 163 -6.94 20.02 -18.80
N GLY C 164 -5.78 20.37 -19.35
CA GLY C 164 -5.64 20.43 -20.79
C GLY C 164 -4.22 20.16 -21.24
N SER C 165 -4.01 20.15 -22.55
CA SER C 165 -2.69 19.89 -23.11
C SER C 165 -2.60 20.28 -24.59
N PHE C 166 -1.39 20.22 -25.13
CA PHE C 166 -1.15 20.52 -26.53
C PHE C 166 0.23 20.03 -26.92
N VAL C 167 0.39 19.70 -28.20
CA VAL C 167 1.68 19.22 -28.69
C VAL C 167 2.62 20.40 -28.91
N VAL C 168 3.86 20.22 -28.50
CA VAL C 168 4.86 21.28 -28.61
C VAL C 168 5.92 21.01 -29.67
N SER C 169 6.11 19.75 -30.03
CA SER C 169 7.08 19.40 -31.05
C SER C 169 6.89 17.97 -31.52
N ILE C 170 7.30 17.72 -32.76
CA ILE C 170 7.23 16.42 -33.40
C ILE C 170 8.50 16.33 -34.23
N GLY C 171 9.34 15.35 -33.93
CA GLY C 171 10.59 15.22 -34.67
C GLY C 171 11.45 16.44 -34.38
N GLN C 172 12.15 16.92 -35.40
CA GLN C 172 13.00 18.10 -35.25
C GLN C 172 12.20 19.39 -35.36
N LYS C 173 10.93 19.29 -35.70
CA LYS C 173 10.07 20.46 -35.84
C LYS C 173 9.35 20.84 -34.55
N GLU C 174 9.69 22.01 -34.01
CA GLU C 174 9.09 22.51 -32.78
C GLU C 174 8.25 23.75 -33.06
N VAL C 175 7.28 24.03 -32.20
CA VAL C 175 6.44 25.21 -32.36
C VAL C 175 7.22 26.40 -31.80
N GLU C 176 7.75 27.23 -32.70
CA GLU C 176 8.55 28.38 -32.35
C GLU C 176 7.90 29.41 -31.42
N GLU C 177 6.64 29.73 -31.68
CA GLU C 177 5.94 30.71 -30.87
C GLU C 177 5.90 30.35 -29.39
N LEU C 178 6.18 29.09 -29.08
CA LEU C 178 6.15 28.63 -27.69
C LEU C 178 7.53 28.41 -27.10
N LYS C 179 8.57 28.90 -27.78
CA LYS C 179 9.94 28.75 -27.30
C LYS C 179 10.03 29.37 -25.91
N ASP C 180 9.47 30.57 -25.77
CA ASP C 180 9.47 31.28 -24.49
C ASP C 180 8.37 30.70 -23.61
N LYS C 181 8.74 30.17 -22.46
CA LYS C 181 7.77 29.54 -21.56
C LYS C 181 7.11 30.47 -20.55
N SER C 182 6.93 31.74 -20.93
CA SER C 182 6.30 32.72 -20.05
C SER C 182 4.84 32.38 -19.80
N TYR C 183 4.19 31.78 -20.80
CA TYR C 183 2.79 31.42 -20.71
C TYR C 183 2.47 30.36 -19.64
N PHE C 184 3.49 29.84 -18.96
CA PHE C 184 3.26 28.83 -17.91
C PHE C 184 2.51 29.45 -16.75
N ALA C 185 2.60 30.77 -16.63
CA ALA C 185 1.93 31.49 -15.54
C ALA C 185 0.68 32.21 -16.02
N ASN C 186 0.19 31.83 -17.20
CA ASN C 186 -0.99 32.46 -17.77
C ASN C 186 -2.10 31.47 -18.09
N PRO C 187 -3.07 31.30 -17.17
CA PRO C 187 -4.20 30.39 -17.32
C PRO C 187 -4.96 30.60 -18.63
N GLU C 188 -5.19 31.85 -18.98
CA GLU C 188 -5.91 32.17 -20.20
C GLU C 188 -5.18 31.65 -21.43
N LYS C 189 -3.87 31.87 -21.48
CA LYS C 189 -3.08 31.40 -22.62
C LYS C 189 -3.08 29.87 -22.71
N LEU C 190 -2.81 29.21 -21.59
CA LEU C 190 -2.79 27.75 -21.58
C LEU C 190 -4.14 27.20 -22.05
N LEU C 191 -5.22 27.74 -21.51
CA LEU C 191 -6.56 27.30 -21.88
C LEU C 191 -6.79 27.54 -23.38
N SER C 192 -6.33 28.68 -23.86
CA SER C 192 -6.47 29.04 -25.27
C SER C 192 -5.70 28.07 -26.16
N TYR C 193 -4.46 27.77 -25.79
CA TYR C 193 -3.66 26.85 -26.57
C TYR C 193 -4.32 25.48 -26.62
N HIS C 194 -4.96 25.08 -25.52
CA HIS C 194 -5.64 23.80 -25.48
C HIS C 194 -6.79 23.82 -26.46
N GLU C 195 -7.58 24.90 -26.43
CA GLU C 195 -8.73 25.04 -27.31
C GLU C 195 -8.36 24.88 -28.78
N LYS C 196 -7.32 25.60 -29.21
CA LYS C 196 -6.87 25.51 -30.59
C LYS C 196 -6.43 24.09 -30.90
N ALA C 197 -5.68 23.50 -29.96
CA ALA C 197 -5.21 22.13 -30.13
C ALA C 197 -6.39 21.23 -30.45
N GLU C 198 -7.52 21.47 -29.81
CA GLU C 198 -8.71 20.67 -30.05
C GLU C 198 -9.21 20.80 -31.48
N ASP C 199 -8.73 21.82 -32.19
CA ASP C 199 -9.13 22.02 -33.58
C ASP C 199 -8.00 21.58 -34.52
N SER C 200 -6.86 21.21 -33.93
CA SER C 200 -5.70 20.75 -34.70
C SER C 200 -5.66 19.23 -34.87
N GLU C 201 -5.25 18.80 -36.06
CA GLU C 201 -5.16 17.38 -36.39
C GLU C 201 -4.04 16.71 -35.59
N LEU C 202 -3.07 17.50 -35.14
CA LEU C 202 -1.93 16.99 -34.37
C LEU C 202 -1.93 17.65 -33.00
N ARG C 203 -3.06 18.26 -32.65
CA ARG C 203 -3.21 18.95 -31.38
C ARG C 203 -2.11 19.97 -31.13
N ILE C 204 -1.70 20.68 -32.19
CA ILE C 204 -0.69 21.72 -32.03
C ILE C 204 -1.50 22.97 -31.68
N PRO C 205 -0.96 23.85 -30.82
CA PRO C 205 -1.61 25.08 -30.38
C PRO C 205 -1.85 26.10 -31.50
N PHE C 206 -1.45 25.76 -32.72
CA PHE C 206 -1.63 26.66 -33.85
C PHE C 206 -2.08 25.88 -35.08
N PRO C 207 -3.38 25.65 -35.21
CA PRO C 207 -3.98 24.90 -36.33
C PRO C 207 -3.43 25.35 -37.69
N GLU C 208 -3.11 26.63 -37.81
CA GLU C 208 -2.59 27.17 -39.06
C GLU C 208 -1.32 26.44 -39.50
N LYS C 209 -0.57 25.93 -38.53
CA LYS C 209 0.67 25.21 -38.82
C LYS C 209 0.46 23.74 -39.13
N ASP C 210 -0.80 23.30 -39.10
CA ASP C 210 -1.12 21.89 -39.37
C ASP C 210 -0.44 21.35 -40.62
N GLU C 211 -0.53 22.11 -41.72
CA GLU C 211 0.06 21.66 -42.98
C GLU C 211 1.57 21.51 -42.94
N GLU C 212 2.26 22.46 -42.30
CA GLU C 212 3.71 22.39 -42.22
C GLU C 212 4.11 21.08 -41.54
N PHE C 213 3.38 20.74 -40.47
CA PHE C 213 3.64 19.53 -39.71
C PHE C 213 3.26 18.27 -40.46
N LYS C 214 2.04 18.23 -40.99
CA LYS C 214 1.57 17.06 -41.73
C LYS C 214 2.51 16.76 -42.91
N THR C 215 2.96 17.82 -43.57
CA THR C 215 3.86 17.66 -44.71
C THR C 215 5.16 17.00 -44.27
N TYR C 216 5.75 17.55 -43.20
CA TYR C 216 7.00 17.04 -42.64
C TYR C 216 6.85 15.57 -42.27
N ILE C 217 5.74 15.24 -41.62
CA ILE C 217 5.48 13.87 -41.21
C ILE C 217 5.44 12.94 -42.42
N ASP C 218 4.75 13.37 -43.48
CA ASP C 218 4.66 12.55 -44.69
C ASP C 218 6.06 12.35 -45.28
N GLU C 219 6.87 13.39 -45.28
CA GLU C 219 8.23 13.30 -45.80
C GLU C 219 8.99 12.19 -45.08
N VAL C 220 9.14 12.35 -43.77
CA VAL C 220 9.84 11.36 -42.95
C VAL C 220 9.20 9.98 -43.09
N LYS C 221 7.89 9.97 -43.25
CA LYS C 221 7.17 8.71 -43.41
C LYS C 221 7.43 8.14 -44.81
N GLU C 222 7.71 9.01 -45.77
CA GLU C 222 7.99 8.58 -47.14
C GLU C 222 9.22 7.68 -47.05
N LYS C 223 10.09 8.02 -46.11
CA LYS C 223 11.31 7.25 -45.88
C LYS C 223 10.91 6.15 -44.89
N GLY C 224 11.85 5.27 -44.55
CA GLY C 224 11.55 4.22 -43.60
C GLY C 224 11.85 4.78 -42.23
N GLU C 225 10.99 5.68 -41.73
CA GLU C 225 11.23 6.28 -40.44
C GLU C 225 9.96 6.67 -39.67
N SER C 226 10.11 6.86 -38.37
CA SER C 226 8.99 7.23 -37.50
C SER C 226 9.41 8.39 -36.60
N LEU C 227 8.44 9.06 -36.00
CA LEU C 227 8.73 10.20 -35.14
C LEU C 227 8.13 10.16 -33.74
N GLY C 228 8.81 10.85 -32.83
CA GLY C 228 8.36 10.97 -31.46
C GLY C 228 7.97 12.43 -31.31
N GLY C 229 7.77 12.89 -30.08
CA GLY C 229 7.40 14.29 -29.91
C GLY C 229 7.26 14.70 -28.46
N VAL C 230 7.06 15.99 -28.26
CA VAL C 230 6.91 16.54 -26.93
C VAL C 230 5.57 17.26 -26.82
N PHE C 231 4.93 17.12 -25.66
CA PHE C 231 3.66 17.79 -25.43
C PHE C 231 3.67 18.33 -24.03
N GLU C 232 2.77 19.27 -23.74
CA GLU C 232 2.70 19.86 -22.42
C GLU C 232 1.30 19.62 -21.88
N VAL C 233 1.22 19.38 -20.57
CA VAL C 233 -0.05 19.13 -19.91
C VAL C 233 -0.13 20.11 -18.76
N PHE C 234 -1.31 20.66 -18.53
CA PHE C 234 -1.47 21.61 -17.43
C PHE C 234 -2.78 21.39 -16.69
N ALA C 235 -2.87 21.93 -15.48
CA ALA C 235 -4.07 21.86 -14.67
C ALA C 235 -4.24 23.24 -14.06
N LEU C 236 -5.43 23.83 -14.26
CA LEU C 236 -5.71 25.16 -13.76
C LEU C 236 -6.59 25.16 -12.51
N ASN C 237 -6.38 26.17 -11.68
CA ASN C 237 -7.16 26.37 -10.45
C ASN C 237 -6.93 25.34 -9.35
N VAL C 238 -5.73 24.76 -9.32
CA VAL C 238 -5.40 23.80 -8.29
C VAL C 238 -4.94 24.61 -7.10
N PRO C 239 -5.46 24.31 -5.90
CA PRO C 239 -5.11 25.01 -4.66
C PRO C 239 -3.71 24.65 -4.17
N PRO C 240 -3.10 25.53 -3.38
CA PRO C 240 -1.76 25.26 -2.85
C PRO C 240 -1.97 24.20 -1.77
N GLY C 241 -0.93 23.45 -1.44
CA GLY C 241 -1.07 22.45 -0.39
C GLY C 241 -1.26 21.00 -0.78
N LEU C 242 -1.52 20.72 -2.05
CA LEU C 242 -1.69 19.34 -2.49
C LEU C 242 -0.33 18.65 -2.48
N GLY C 243 -0.29 17.42 -2.02
CA GLY C 243 0.96 16.70 -1.92
C GLY C 243 1.61 17.07 -0.60
N SER C 244 2.79 16.56 -0.31
CA SER C 244 3.46 16.90 0.94
C SER C 244 4.97 16.75 0.83
N HIS C 245 5.69 17.46 1.70
CA HIS C 245 7.15 17.42 1.72
C HIS C 245 7.68 16.49 2.81
N ILE C 246 6.82 16.09 3.74
CA ILE C 246 7.24 15.25 4.87
C ILE C 246 7.82 13.88 4.56
N GLN C 247 7.56 13.34 3.38
CA GLN C 247 8.09 12.03 3.00
C GLN C 247 8.25 12.01 1.48
N TRP C 248 9.37 11.46 1.01
CA TRP C 248 9.67 11.41 -0.42
C TRP C 248 8.54 10.97 -1.33
N ASP C 249 7.83 9.91 -0.94
CA ASP C 249 6.76 9.38 -1.78
C ASP C 249 5.46 10.19 -1.79
N ARG C 250 5.38 11.22 -0.96
CA ARG C 250 4.17 12.04 -0.93
C ARG C 250 4.32 13.37 -1.66
N ARG C 251 5.51 13.65 -2.19
CA ARG C 251 5.75 14.89 -2.91
C ARG C 251 5.05 14.82 -4.25
N ILE C 252 4.20 15.81 -4.51
CA ILE C 252 3.40 15.85 -5.72
C ILE C 252 4.19 15.76 -7.02
N ASP C 253 5.40 16.31 -7.02
N ASP C 253 5.40 16.31 -7.02
CA ASP C 253 6.29 16.28 -8.25
CA ASP C 253 6.29 16.28 -8.25
C ASP C 253 6.69 14.74 -8.63
C ASP C 253 6.69 14.74 -8.63
N GLY C 254 7.02 13.96 -7.59
CA GLY C 254 7.38 12.56 -7.81
C GLY C 254 6.18 11.76 -8.27
N ARG C 255 5.01 12.09 -7.75
CA ARG C 255 3.78 11.39 -8.11
C ARG C 255 3.39 11.69 -9.55
N ILE C 256 3.49 12.96 -9.94
CA ILE C 256 3.18 13.33 -11.31
C ILE C 256 4.19 12.68 -12.25
N ALA C 257 5.45 12.65 -11.83
CA ALA C 257 6.52 12.06 -12.64
C ALA C 257 6.30 10.57 -12.94
N GLN C 258 5.88 9.81 -11.93
CA GLN C 258 5.63 8.39 -12.15
C GLN C 258 4.48 8.21 -13.11
N ALA C 259 3.40 8.95 -12.87
CA ALA C 259 2.20 8.86 -13.70
C ALA C 259 2.50 9.12 -15.17
N SER C 262 4.96 6.56 -16.75
CA SER C 262 4.38 5.22 -16.85
C SER C 262 3.70 5.04 -18.20
N ILE C 263 3.48 6.14 -18.91
CA ILE C 263 2.84 6.06 -20.21
C ILE C 263 3.80 5.45 -21.22
N GLN C 264 3.28 4.55 -22.05
CA GLN C 264 4.08 3.88 -23.06
C GLN C 264 4.85 4.87 -23.94
N ALA C 265 6.14 4.60 -24.13
CA ALA C 265 7.00 5.42 -24.97
C ALA C 265 7.48 6.75 -24.38
N ILE C 266 7.12 7.03 -23.13
CA ILE C 266 7.58 8.27 -22.52
C ILE C 266 8.95 8.01 -21.92
N LYS C 267 9.93 8.84 -22.28
CA LYS C 267 11.28 8.66 -21.78
C LYS C 267 11.75 9.89 -21.04
N GLY C 268 10.91 10.92 -21.05
CA GLY C 268 11.29 12.14 -20.37
C GLY C 268 10.13 12.94 -19.80
N VAL C 269 10.39 13.52 -18.64
N VAL C 269 10.39 13.52 -18.64
CA VAL C 269 9.35 14.37 -17.93
CA VAL C 269 9.35 14.37 -17.93
C VAL C 269 10.03 15.58 -17.08
C VAL C 269 10.03 15.58 -17.08
N GLU C 270 9.39 16.75 -17.13
CA GLU C 270 9.88 17.88 -16.38
C GLU C 270 8.68 18.66 -15.90
N ILE C 271 8.84 19.27 -14.73
CA ILE C 271 7.79 20.09 -14.16
C ILE C 271 8.28 21.50 -14.33
N GLY C 272 7.53 22.33 -15.05
CA GLY C 272 7.96 23.69 -15.28
C GLY C 272 9.03 23.69 -16.35
N LEU C 273 10.02 24.58 -16.21
CA LEU C 273 11.11 24.71 -17.17
C LEU C 273 11.90 23.42 -17.37
N GLY C 274 11.97 22.59 -16.33
CA GLY C 274 12.69 21.33 -16.41
C GLY C 274 14.19 21.47 -16.57
N PHE C 275 14.73 20.82 -17.60
CA PHE C 275 16.16 20.86 -17.86
C PHE C 275 16.68 22.28 -18.15
N GLU C 276 15.84 23.13 -18.72
CA GLU C 276 16.25 24.51 -18.99
C GLU C 276 16.54 25.26 -17.70
N ALA C 277 15.70 25.05 -16.69
CA ALA C 277 15.87 25.70 -15.41
C ALA C 277 17.22 25.32 -14.81
N ALA C 278 17.72 24.14 -15.17
CA ALA C 278 19.00 23.67 -14.66
C ALA C 278 20.17 24.40 -15.31
N ARG C 279 19.90 25.09 -16.42
CA ARG C 279 20.95 25.82 -17.13
C ARG C 279 20.99 27.30 -16.75
N ARG C 280 19.86 27.86 -16.36
CA ARG C 280 19.77 29.28 -16.02
C ARG C 280 20.22 29.65 -14.60
N PHE C 281 20.28 30.95 -14.34
CA PHE C 281 20.69 31.45 -13.03
C PHE C 281 19.50 31.42 -12.08
N GLY C 282 19.78 31.33 -10.78
CA GLY C 282 18.72 31.31 -9.80
C GLY C 282 17.68 32.39 -10.01
N SER C 283 18.12 33.64 -10.03
CA SER C 283 17.21 34.77 -10.22
C SER C 283 16.33 34.65 -11.46
N GLN C 284 16.80 33.89 -12.45
CA GLN C 284 16.06 33.72 -13.69
C GLN C 284 14.88 32.76 -13.60
N VAL C 285 15.03 31.67 -12.85
CA VAL C 285 13.95 30.71 -12.73
C VAL C 285 12.97 31.06 -11.60
N HIS C 286 13.52 31.60 -10.50
CA HIS C 286 12.73 31.98 -9.33
C HIS C 286 11.39 32.64 -9.64
N ASP C 287 10.33 32.09 -9.07
CA ASP C 287 8.99 32.64 -9.25
C ASP C 287 8.73 33.54 -8.04
N GLU C 288 8.83 34.85 -8.25
CA GLU C 288 8.63 35.82 -7.18
C GLU C 288 7.23 35.73 -6.58
N ILE C 289 7.16 35.69 -5.25
CA ILE C 289 5.89 35.61 -4.54
C ILE C 289 5.19 36.97 -4.54
N GLY C 290 3.89 36.94 -4.80
CA GLY C 290 3.09 38.14 -4.82
C GLY C 290 1.88 37.95 -3.92
N TRP C 291 1.18 39.03 -3.60
CA TRP C 291 0.02 38.94 -2.73
C TRP C 291 -0.90 40.13 -2.97
N SER C 292 -2.19 39.92 -2.75
CA SER C 292 -3.16 40.98 -2.91
C SER C 292 -4.38 40.63 -2.06
N GLU C 293 -5.02 41.65 -1.51
CA GLU C 293 -6.20 41.47 -0.66
C GLU C 293 -7.20 40.46 -1.19
N GLY C 294 -7.67 40.67 -2.41
CA GLY C 294 -8.66 39.77 -2.98
C GLY C 294 -8.13 38.69 -3.91
N LYS C 295 -7.04 38.05 -3.53
CA LYS C 295 -6.46 36.99 -4.36
C LYS C 295 -5.48 36.16 -3.55
N GLY C 296 -5.02 36.72 -2.43
CA GLY C 296 -4.07 36.02 -1.60
C GLY C 296 -2.71 35.89 -2.27
N TYR C 297 -1.93 34.91 -1.84
CA TYR C 297 -0.60 34.68 -2.39
C TYR C 297 -0.65 34.08 -3.79
N PHE C 298 0.33 34.45 -4.60
CA PHE C 298 0.45 33.96 -5.97
C PHE C 298 1.91 34.15 -6.41
N ARG C 299 2.21 33.83 -7.66
CA ARG C 299 3.57 33.97 -8.18
C ARG C 299 3.58 34.81 -9.45
N HIS C 300 4.63 35.60 -9.66
CA HIS C 300 4.74 36.44 -10.84
C HIS C 300 5.18 35.72 -12.12
N SER C 301 5.73 34.52 -11.94
CA SER C 301 6.15 33.69 -13.06
C SER C 301 5.90 32.25 -12.62
N ASN C 302 5.89 31.30 -13.54
CA ASN C 302 5.66 29.90 -13.19
C ASN C 302 6.68 28.96 -13.81
N ASN C 303 7.96 29.22 -13.57
CA ASN C 303 9.01 28.36 -14.10
C ASN C 303 9.01 27.03 -13.35
N LEU C 304 8.43 27.03 -12.14
CA LEU C 304 8.36 25.84 -11.31
C LEU C 304 7.26 24.85 -11.71
N GLY C 305 6.39 25.28 -12.61
CA GLY C 305 5.33 24.40 -13.05
C GLY C 305 4.26 24.14 -12.00
N GLY C 306 4.05 25.12 -11.12
CA GLY C 306 3.04 24.99 -10.09
C GLY C 306 3.35 24.12 -8.90
N THR C 307 4.63 23.86 -8.64
CA THR C 307 5.02 23.03 -7.51
C THR C 307 6.26 23.59 -6.82
N GLU C 308 6.23 23.59 -5.49
CA GLU C 308 7.35 24.07 -4.68
C GLU C 308 7.62 23.13 -3.52
N GLY C 309 8.87 22.71 -3.39
CA GLY C 309 9.24 21.82 -2.30
C GLY C 309 8.38 20.59 -2.08
N GLY C 310 7.73 20.11 -3.12
CA GLY C 310 6.90 18.92 -3.00
C GLY C 310 5.41 19.19 -2.93
N ILE C 311 5.03 20.46 -2.85
CA ILE C 311 3.62 20.82 -2.77
C ILE C 311 3.20 21.72 -3.92
N THR C 312 1.90 21.74 -4.22
CA THR C 312 1.41 22.60 -5.27
C THR C 312 1.44 24.01 -4.67
N ASN C 313 1.71 25.03 -5.48
CA ASN C 313 1.78 26.37 -4.93
C ASN C 313 0.69 27.31 -5.38
N GLY C 314 -0.33 26.77 -6.05
CA GLY C 314 -1.43 27.59 -6.49
C GLY C 314 -1.39 28.01 -7.94
N PRO C 316 -0.60 27.44 -12.15
CA PRO C 316 -0.96 26.33 -13.04
C PRO C 316 0.07 25.22 -12.91
N ILE C 317 -0.39 23.97 -12.88
CA ILE C 317 0.54 22.86 -12.82
C ILE C 317 0.91 22.60 -14.27
N VAL C 318 2.19 22.62 -14.58
CA VAL C 318 2.63 22.39 -15.95
C VAL C 318 3.66 21.30 -16.03
N VAL C 319 3.40 20.35 -16.91
CA VAL C 319 4.27 19.20 -17.11
C VAL C 319 4.66 19.05 -18.57
N ARG C 320 5.95 18.84 -18.83
CA ARG C 320 6.43 18.65 -20.19
C ARG C 320 6.78 17.17 -20.35
N VAL C 321 6.27 16.55 -21.39
CA VAL C 321 6.50 15.13 -21.60
C VAL C 321 7.12 14.77 -22.96
N ALA C 322 8.17 13.96 -22.92
CA ALA C 322 8.86 13.53 -24.13
C ALA C 322 8.56 12.08 -24.50
N LYS C 324 9.44 9.03 -27.15
CA LYS C 324 10.39 8.55 -28.16
C LYS C 324 9.60 8.04 -29.37
N PRO C 325 10.26 7.92 -30.53
CA PRO C 325 9.62 7.44 -31.77
C PRO C 325 9.09 6.02 -31.66
N ILE C 326 7.89 5.80 -32.20
CA ILE C 326 7.21 4.51 -32.20
C ILE C 326 7.58 3.65 -31.00
N VAL C 356 2.07 11.15 -30.92
CA VAL C 356 2.20 12.10 -29.82
C VAL C 356 0.89 12.82 -29.48
N PRO C 357 0.00 13.01 -30.48
CA PRO C 357 -1.25 13.70 -30.15
C PRO C 357 -2.08 12.87 -29.19
N ALA C 358 -2.18 11.57 -29.47
CA ALA C 358 -2.93 10.65 -28.64
C ALA C 358 -2.30 10.55 -27.25
N ALA C 359 -0.97 10.55 -27.22
CA ALA C 359 -0.25 10.46 -25.94
C ALA C 359 -0.57 11.64 -25.04
N SER C 360 -0.72 12.83 -25.63
CA SER C 360 -1.03 14.02 -24.86
C SER C 360 -2.38 13.89 -24.19
N VAL C 361 -3.29 13.17 -24.84
CA VAL C 361 -4.63 12.96 -24.28
C VAL C 361 -4.51 12.01 -23.09
N VAL C 362 -3.55 11.09 -23.16
CA VAL C 362 -3.33 10.14 -22.06
C VAL C 362 -2.69 10.92 -20.91
N GLY C 363 -1.82 11.86 -21.27
CA GLY C 363 -1.15 12.67 -20.28
C GLY C 363 -2.15 13.43 -19.43
N GLU C 364 -3.22 13.90 -20.07
CA GLU C 364 -4.27 14.63 -19.36
C GLU C 364 -4.92 13.71 -18.33
N ALA C 365 -5.25 12.50 -18.77
CA ALA C 365 -5.87 11.49 -17.91
C ALA C 365 -5.02 11.19 -16.69
N LEU C 367 -2.64 13.06 -15.29
CA LEU C 367 -2.55 14.21 -14.40
C LEU C 367 -3.87 14.36 -13.64
N ALA C 368 -4.97 14.01 -14.28
CA ALA C 368 -6.27 14.10 -13.61
C ALA C 368 -6.32 13.13 -12.44
N ILE C 369 -5.88 11.90 -12.68
CA ILE C 369 -5.87 10.85 -11.66
C ILE C 369 -5.02 11.25 -10.46
N VAL C 370 -3.81 11.72 -10.72
CA VAL C 370 -2.92 12.13 -9.63
C VAL C 370 -3.48 13.34 -8.87
N LEU C 371 -4.01 14.33 -9.57
CA LEU C 371 -4.54 15.50 -8.90
C LEU C 371 -5.82 15.18 -8.12
N ALA C 372 -6.69 14.36 -8.70
CA ALA C 372 -7.91 13.97 -8.00
C ALA C 372 -7.54 13.23 -6.70
N ASP C 373 -6.53 12.38 -6.80
CA ASP C 373 -6.05 11.60 -5.66
C ASP C 373 -5.49 12.52 -4.59
N ALA C 374 -4.67 13.46 -5.02
CA ALA C 374 -4.05 14.42 -4.11
C ALA C 374 -5.10 15.33 -3.48
N LEU C 375 -6.17 15.65 -4.21
CA LEU C 375 -7.22 16.51 -3.70
C LEU C 375 -7.98 15.77 -2.59
N LEU C 376 -8.38 14.54 -2.88
CA LEU C 376 -9.11 13.71 -1.92
C LEU C 376 -8.26 13.39 -0.70
N GLU C 377 -6.95 13.31 -0.90
CA GLU C 377 -6.03 13.01 0.18
C GLU C 377 -6.07 14.13 1.21
N LYS C 378 -6.17 15.36 0.72
CA LYS C 378 -6.21 16.53 1.58
C LYS C 378 -7.57 16.81 2.21
N LEU C 379 -8.64 16.55 1.46
CA LEU C 379 -9.98 16.82 1.93
C LEU C 379 -10.76 15.66 2.55
N GLY C 380 -10.53 14.45 2.06
CA GLY C 380 -11.28 13.31 2.58
C GLY C 380 -12.73 13.52 2.17
N GLY C 381 -13.65 12.75 2.74
CA GLY C 381 -15.05 12.91 2.39
C GLY C 381 -15.59 11.76 1.56
N ASP C 382 -16.86 11.41 1.79
CA ASP C 382 -17.47 10.31 1.06
C ASP C 382 -18.53 10.73 0.06
N PHE C 383 -18.97 11.99 0.16
CA PHE C 383 -19.96 12.52 -0.77
C PHE C 383 -19.58 13.94 -1.20
N GLU C 385 -21.00 16.87 -1.70
CA GLU C 385 -21.39 18.00 -0.85
C GLU C 385 -20.38 18.20 0.28
N GLU C 386 -20.02 17.09 0.91
CA GLU C 386 -19.07 17.08 2.02
C GLU C 386 -17.68 17.55 1.56
N VAL C 387 -17.24 17.03 0.42
CA VAL C 387 -15.94 17.37 -0.13
C VAL C 387 -15.88 18.84 -0.57
N LYS C 388 -16.90 19.28 -1.30
CA LYS C 388 -16.96 20.65 -1.79
C LYS C 388 -16.95 21.68 -0.65
N LYS C 389 -17.59 21.33 0.46
CA LYS C 389 -17.65 22.23 1.60
C LYS C 389 -16.26 22.32 2.25
N ARG C 390 -15.55 21.21 2.31
CA ARG C 390 -14.22 21.20 2.89
C ARG C 390 -13.26 21.94 1.96
N PHE C 391 -13.57 21.92 0.68
CA PHE C 391 -12.75 22.61 -0.31
C PHE C 391 -12.85 24.11 -0.09
N GLU C 392 -14.07 24.61 -0.05
CA GLU C 392 -14.33 26.04 0.14
C GLU C 392 -13.68 26.51 1.43
N ASP C 393 -13.82 25.73 2.49
CA ASP C 393 -13.23 26.07 3.78
C ASP C 393 -11.71 26.11 3.66
N TYR C 394 -11.14 25.21 2.87
CA TYR C 394 -9.70 25.17 2.71
C TYR C 394 -9.19 26.35 1.87
N VAL C 395 -9.86 26.62 0.76
CA VAL C 395 -9.47 27.71 -0.12
C VAL C 395 -9.54 29.04 0.63
N ASN C 396 -10.59 29.22 1.43
CA ASN C 396 -10.71 30.46 2.19
C ASN C 396 -9.52 30.55 3.14
N HIS C 397 -9.16 29.43 3.72
CA HIS C 397 -8.03 29.37 4.66
C HIS C 397 -6.74 29.80 3.98
N VAL C 398 -6.59 29.43 2.71
CA VAL C 398 -5.39 29.78 1.97
C VAL C 398 -5.32 31.28 1.71
N LYS C 399 -6.38 31.83 1.13
CA LYS C 399 -6.45 33.25 0.83
C LYS C 399 -6.18 34.12 2.05
N SER C 400 -6.83 33.79 3.16
CA SER C 400 -6.67 34.57 4.39
C SER C 400 -5.56 34.08 5.31
N PHE C 401 -4.52 33.49 4.74
CA PHE C 401 -3.41 33.01 5.56
C PHE C 401 -2.43 34.13 5.87
N SER D 5 -2.67 -3.70 7.51
CA SER D 5 -2.08 -2.34 7.38
C SER D 5 -3.12 -1.26 7.70
N LEU D 6 -2.73 0.00 7.52
CA LEU D 6 -3.60 1.14 7.79
C LEU D 6 -3.91 1.88 6.49
N ARG D 7 -4.96 2.70 6.51
CA ARG D 7 -5.35 3.45 5.32
C ARG D 7 -4.92 4.91 5.27
N TYR D 8 -4.48 5.45 6.40
CA TYR D 8 -4.06 6.86 6.43
C TYR D 8 -2.72 7.02 7.16
N LEU D 9 -2.67 6.52 8.38
CA LEU D 9 -1.44 6.61 9.18
C LEU D 9 -0.45 5.58 8.67
N ARG D 10 0.82 5.81 8.99
CA ARG D 10 1.88 4.88 8.61
C ARG D 10 2.89 4.86 9.74
N PHE D 11 3.31 3.66 10.12
CA PHE D 11 4.30 3.55 11.17
C PHE D 11 5.07 2.25 11.05
N LEU D 12 6.24 2.23 11.67
CA LEU D 12 7.12 1.06 11.68
C LEU D 12 7.80 1.05 13.04
N THR D 13 8.07 -0.15 13.55
CA THR D 13 8.77 -0.30 14.82
C THR D 13 10.00 -1.13 14.51
N ALA D 14 11.04 -0.96 15.32
CA ALA D 14 12.28 -1.68 15.12
C ALA D 14 12.95 -1.89 16.46
N GLY D 15 13.86 -2.85 16.51
CA GLY D 15 14.56 -3.12 17.76
C GLY D 15 14.42 -4.54 18.24
N GLU D 16 15.48 -5.04 18.85
CA GLU D 16 15.51 -6.39 19.41
C GLU D 16 15.32 -6.26 20.91
N SER D 17 14.82 -7.33 21.53
CA SER D 17 14.57 -7.32 22.97
C SER D 17 15.77 -6.94 23.84
N HIS D 18 16.96 -7.45 23.50
CA HIS D 18 18.14 -7.14 24.28
C HIS D 18 19.15 -6.28 23.53
N GLY D 19 18.65 -5.41 22.66
CA GLY D 19 19.52 -4.54 21.90
C GLY D 19 19.62 -3.17 22.55
N LYS D 20 20.07 -2.17 21.79
CA LYS D 20 20.20 -0.82 22.34
C LYS D 20 18.85 -0.27 22.79
N GLY D 21 17.79 -0.60 22.05
CA GLY D 21 16.47 -0.12 22.40
C GLY D 21 15.44 -0.37 21.30
N LEU D 22 14.28 0.25 21.43
CA LEU D 22 13.20 0.09 20.44
C LEU D 22 12.96 1.42 19.75
N THR D 23 12.90 1.38 18.42
CA THR D 23 12.67 2.59 17.64
C THR D 23 11.32 2.52 16.95
N ALA D 24 10.68 3.68 16.79
CA ALA D 24 9.39 3.73 16.13
C ALA D 24 9.23 5.06 15.41
N ILE D 25 8.63 5.00 14.22
CA ILE D 25 8.37 6.21 13.44
C ILE D 25 6.90 6.20 13.07
N LEU D 26 6.20 7.28 13.43
CA LEU D 26 4.77 7.40 13.13
C LEU D 26 4.53 8.64 12.27
N GLU D 27 3.82 8.44 11.17
CA GLU D 27 3.52 9.54 10.26
C GLU D 27 2.02 9.69 10.01
N GLY D 28 1.56 10.93 9.86
CA GLY D 28 0.15 11.15 9.60
C GLY D 28 -0.64 11.91 10.64
N ILE D 29 -0.08 12.06 11.84
CA ILE D 29 -0.79 12.78 12.88
C ILE D 29 -0.76 14.26 12.51
N PRO D 30 -1.92 14.93 12.55
CA PRO D 30 -2.00 16.35 12.21
C PRO D 30 -1.08 17.22 13.05
N ALA D 31 -0.75 18.39 12.52
CA ALA D 31 0.12 19.33 13.21
C ALA D 31 -0.66 20.05 14.31
N ASN D 32 0.07 20.57 15.29
CA ASN D 32 -0.53 21.30 16.40
C ASN D 32 -1.21 20.44 17.45
N LEU D 33 -0.75 19.21 17.61
CA LEU D 33 -1.32 18.31 18.61
C LEU D 33 -0.43 18.32 19.83
N PRO D 34 -0.93 18.81 20.98
CA PRO D 34 -0.11 18.85 22.20
C PRO D 34 0.35 17.42 22.48
N LEU D 35 1.64 17.23 22.66
CA LEU D 35 2.18 15.89 22.92
C LEU D 35 3.45 15.97 23.73
N SER D 36 3.54 15.15 24.77
CA SER D 36 4.71 15.14 25.64
C SER D 36 5.17 13.70 25.89
N GLU D 37 6.38 13.56 26.41
CA GLU D 37 6.93 12.24 26.68
C GLU D 37 6.24 11.57 27.86
N GLU D 38 5.70 12.37 28.77
CA GLU D 38 5.02 11.83 29.94
C GLU D 38 3.76 11.09 29.50
N GLU D 39 3.06 11.66 28.54
CA GLU D 39 1.83 11.04 28.02
C GLU D 39 2.16 9.68 27.43
N ILE D 40 3.37 9.55 26.88
CA ILE D 40 3.82 8.30 26.31
C ILE D 40 4.29 7.37 27.42
N ASN D 41 5.17 7.89 28.27
CA ASN D 41 5.71 7.13 29.39
C ASN D 41 4.58 6.56 30.25
N HIS D 42 3.51 7.33 30.40
CA HIS D 42 2.36 6.89 31.19
C HIS D 42 1.86 5.54 30.68
N GLU D 43 1.64 5.44 29.37
CA GLU D 43 1.18 4.20 28.78
C GLU D 43 2.24 3.10 28.91
N LEU D 44 3.50 3.45 28.67
CA LEU D 44 4.57 2.48 28.79
C LEU D 44 4.60 1.85 30.18
N ARG D 45 4.39 2.68 31.20
CA ARG D 45 4.38 2.19 32.57
C ARG D 45 3.22 1.24 32.83
N ARG D 46 2.04 1.57 32.29
CA ARG D 46 0.87 0.70 32.47
C ARG D 46 1.15 -0.67 31.85
N ARG D 47 1.90 -0.67 30.76
CA ARG D 47 2.25 -1.92 30.07
C ARG D 47 3.13 -2.81 30.95
N GLN D 48 4.20 -2.24 31.49
CA GLN D 48 5.13 -2.98 32.35
C GLN D 48 4.40 -3.47 33.59
N ARG D 49 3.56 -2.61 34.14
CA ARG D 49 2.78 -2.91 35.32
C ARG D 49 1.97 -4.19 35.10
N GLY D 50 1.57 -4.41 33.86
CA GLY D 50 0.79 -5.60 33.53
C GLY D 50 1.69 -6.79 33.22
N TYR D 51 3.00 -6.55 33.18
CA TYR D 51 3.99 -7.58 32.92
C TYR D 51 3.98 -8.02 31.45
N LYS D 61 10.16 2.54 34.74
CA LYS D 61 11.51 2.31 34.26
C LYS D 61 11.60 2.45 32.74
N ASP D 62 10.55 2.04 32.05
CA ASP D 62 10.50 2.14 30.59
C ASP D 62 10.06 3.54 30.19
N THR D 63 10.89 4.24 29.42
CA THR D 63 10.57 5.58 28.98
C THR D 63 10.87 5.77 27.50
N ALA D 64 10.24 6.76 26.89
CA ALA D 64 10.45 7.04 25.49
C ALA D 64 10.94 8.45 25.26
N GLU D 65 11.89 8.60 24.34
CA GLU D 65 12.43 9.90 24.01
C GLU D 65 11.94 10.27 22.61
N ILE D 66 11.32 11.43 22.49
CA ILE D 66 10.82 11.91 21.21
C ILE D 66 12.00 12.51 20.47
N LEU D 67 12.30 11.95 19.30
CA LEU D 67 13.43 12.41 18.50
C LEU D 67 13.07 13.41 17.42
N SER D 68 11.80 13.51 17.08
CA SER D 68 11.39 14.44 16.05
C SER D 68 9.88 14.54 15.97
N GLY D 69 9.39 15.52 15.21
CA GLY D 69 7.97 15.70 15.05
C GLY D 69 7.27 16.51 16.12
N VAL D 70 8.01 16.96 17.13
CA VAL D 70 7.42 17.74 18.21
C VAL D 70 8.26 18.95 18.57
N ARG D 71 7.63 20.11 18.62
CA ARG D 71 8.31 21.36 18.97
C ARG D 71 7.45 22.20 19.90
N PHE D 72 8.05 22.64 21.01
CA PHE D 72 7.33 23.45 21.99
C PHE D 72 6.06 22.75 22.46
N GLY D 73 6.16 21.43 22.67
CA GLY D 73 5.03 20.65 23.13
C GLY D 73 3.94 20.35 22.11
N LYS D 74 4.19 20.63 20.84
CA LYS D 74 3.20 20.37 19.81
C LYS D 74 3.78 19.75 18.55
N THR D 75 3.00 18.87 17.92
CA THR D 75 3.43 18.19 16.70
C THR D 75 3.58 19.19 15.57
N LEU D 76 4.60 19.00 14.74
CA LEU D 76 4.88 19.86 13.60
C LEU D 76 4.13 19.36 12.36
N GLY D 77 3.65 18.13 12.44
CA GLY D 77 2.94 17.54 11.31
C GLY D 77 3.88 16.64 10.53
N SER D 78 5.15 16.65 10.92
CA SER D 78 6.18 15.83 10.29
C SER D 78 6.24 14.49 11.02
N PRO D 79 7.04 13.53 10.51
CA PRO D 79 7.14 12.22 11.16
C PRO D 79 7.62 12.31 12.61
N ILE D 80 7.00 11.52 13.47
CA ILE D 80 7.35 11.48 14.88
C ILE D 80 8.19 10.24 15.14
N ALA D 81 9.44 10.43 15.55
CA ALA D 81 10.33 9.32 15.84
C ALA D 81 10.48 9.15 17.34
N LEU D 82 10.36 7.92 17.81
CA LEU D 82 10.47 7.62 19.22
C LEU D 82 11.53 6.56 19.48
N PHE D 83 12.22 6.69 20.61
CA PHE D 83 13.24 5.72 20.98
C PHE D 83 13.07 5.36 22.45
N ILE D 84 13.01 4.07 22.74
CA ILE D 84 12.86 3.59 24.10
C ILE D 84 14.15 2.89 24.48
N ARG D 85 15.08 3.65 25.03
CA ARG D 85 16.38 3.14 25.44
C ARG D 85 16.26 1.89 26.29
N ASN D 86 17.11 0.90 25.98
CA ASN D 86 17.14 -0.35 26.73
C ASN D 86 18.14 -0.20 27.87
N ARG D 87 17.62 -0.11 29.09
CA ARG D 87 18.46 0.05 30.27
C ARG D 87 19.43 -1.10 30.52
N ASP D 88 19.02 -2.32 30.19
CA ASP D 88 19.87 -3.48 30.39
C ASP D 88 20.92 -3.55 29.29
N TRP D 89 21.50 -2.41 28.98
CA TRP D 89 22.52 -2.30 27.95
C TRP D 89 23.47 -1.15 28.27
N ALA D 117 7.50 -17.39 17.59
CA ALA D 117 8.04 -17.35 16.24
C ALA D 117 9.32 -18.18 16.13
N ASP D 118 9.89 -18.52 17.28
CA ASP D 118 11.11 -19.32 17.32
C ASP D 118 11.00 -20.58 16.49
N LEU D 119 12.11 -20.99 15.90
CA LEU D 119 12.18 -22.18 15.04
C LEU D 119 11.56 -21.89 13.68
N SER D 120 10.25 -21.69 13.63
CA SER D 120 9.60 -21.39 12.36
C SER D 120 10.33 -20.17 11.77
N GLY D 121 10.60 -19.20 12.64
CA GLY D 121 11.32 -18.01 12.21
C GLY D 121 12.73 -18.42 11.85
N GLY D 122 13.29 -19.35 12.61
CA GLY D 122 14.64 -19.82 12.36
C GLY D 122 14.72 -20.46 10.99
N ILE D 123 13.72 -21.27 10.66
CA ILE D 123 13.67 -21.92 9.35
C ILE D 123 13.45 -20.86 8.28
N LYS D 124 12.47 -20.00 8.53
CA LYS D 124 12.14 -18.93 7.60
C LYS D 124 13.34 -18.07 7.23
N TYR D 125 14.01 -17.50 8.24
CA TYR D 125 15.15 -16.64 7.99
C TYR D 125 16.52 -17.34 8.02
N ASN D 126 16.50 -18.67 7.94
CA ASN D 126 17.73 -19.46 7.96
C ASN D 126 18.63 -18.98 9.09
N GLN D 127 18.04 -18.83 10.28
CA GLN D 127 18.77 -18.40 11.47
C GLN D 127 19.03 -19.60 12.36
N ARG D 128 20.27 -20.08 12.38
CA ARG D 128 20.62 -21.23 13.20
C ARG D 128 20.68 -20.79 14.66
N ASP D 129 21.17 -19.57 14.90
CA ASP D 129 21.24 -19.02 16.25
C ASP D 129 19.85 -18.49 16.57
N LEU D 130 18.95 -19.40 16.89
CA LEU D 130 17.56 -19.11 17.20
C LEU D 130 17.30 -17.80 17.93
N ARG D 131 18.21 -17.39 18.81
CA ARG D 131 18.04 -16.15 19.57
C ARG D 131 17.85 -14.94 18.65
N ASN D 132 18.32 -15.07 17.41
CA ASN D 132 18.21 -13.98 16.43
C ASN D 132 16.77 -13.65 16.08
N ILE D 133 15.88 -14.62 16.20
CA ILE D 133 14.47 -14.40 15.88
C ILE D 133 13.68 -14.14 17.16
N LEU D 134 13.92 -14.97 18.18
CA LEU D 134 13.24 -14.83 19.47
C LEU D 134 13.37 -13.39 19.95
N GLU D 135 14.54 -12.81 19.70
CA GLU D 135 14.86 -11.45 20.08
C GLU D 135 13.84 -10.43 19.55
N ARG D 136 13.50 -10.55 18.26
CA ARG D 136 12.55 -9.63 17.64
C ARG D 136 11.09 -10.03 17.82
N ALA D 137 10.83 -11.32 18.02
CA ALA D 137 9.48 -11.81 18.20
C ALA D 137 8.98 -11.56 19.62
N SER D 138 9.91 -11.40 20.55
CA SER D 138 9.59 -11.17 21.96
C SER D 138 8.54 -10.09 22.16
N ALA D 139 7.67 -10.29 23.15
CA ALA D 139 6.61 -9.34 23.45
C ALA D 139 7.17 -7.97 23.82
N ARG D 140 8.49 -7.86 23.96
CA ARG D 140 9.10 -6.58 24.29
C ARG D 140 8.79 -5.58 23.18
N GLU D 141 8.61 -6.09 21.97
CA GLU D 141 8.31 -5.27 20.80
C GLU D 141 7.00 -4.50 21.02
N THR D 142 6.08 -5.08 21.80
CA THR D 142 4.81 -4.44 22.06
C THR D 142 4.96 -3.08 22.74
N ALA D 143 6.10 -2.85 23.37
CA ALA D 143 6.34 -1.58 24.04
C ALA D 143 6.34 -0.46 23.00
N ALA D 144 6.97 -0.71 21.86
CA ALA D 144 7.02 0.27 20.79
C ALA D 144 5.61 0.52 20.27
N ARG D 145 4.81 -0.55 20.25
CA ARG D 145 3.43 -0.46 19.79
C ARG D 145 2.63 0.44 20.73
N VAL D 146 2.83 0.24 22.02
CA VAL D 146 2.12 1.04 23.02
C VAL D 146 2.55 2.49 22.89
N ALA D 147 3.83 2.70 22.59
CA ALA D 147 4.36 4.05 22.43
C ALA D 147 3.61 4.74 21.30
N VAL D 148 3.48 4.05 20.17
CA VAL D 148 2.77 4.60 19.02
C VAL D 148 1.31 4.81 19.40
N GLY D 149 0.72 3.81 20.04
CA GLY D 149 -0.67 3.90 20.44
C GLY D 149 -0.95 5.10 21.34
N ALA D 150 -0.02 5.40 22.23
CA ALA D 150 -0.18 6.53 23.13
C ALA D 150 -0.43 7.82 22.35
N VAL D 151 0.35 8.04 21.30
CA VAL D 151 0.17 9.25 20.50
C VAL D 151 -1.21 9.25 19.88
N CYS D 152 -1.64 8.08 19.39
CA CYS D 152 -2.95 7.96 18.78
C CYS D 152 -4.07 8.22 19.78
N LYS D 153 -3.89 7.78 21.02
CA LYS D 153 -4.89 8.00 22.07
C LYS D 153 -5.04 9.51 22.33
N LYS D 154 -3.91 10.20 22.45
CA LYS D 154 -3.95 11.63 22.69
C LYS D 154 -4.70 12.29 21.53
N PHE D 155 -4.40 11.84 20.31
CA PHE D 155 -5.07 12.37 19.14
C PHE D 155 -6.59 12.18 19.31
N LEU D 156 -7.00 10.97 19.61
CA LEU D 156 -8.42 10.64 19.80
C LEU D 156 -9.10 11.41 20.92
N SER D 157 -8.42 11.58 22.05
CA SER D 157 -9.00 12.31 23.18
C SER D 157 -9.44 13.70 22.75
N GLU D 158 -8.73 14.29 21.80
CA GLU D 158 -9.08 15.62 21.32
C GLU D 158 -10.50 15.66 20.78
N PHE D 159 -11.04 14.48 20.44
CA PHE D 159 -12.39 14.40 19.90
C PHE D 159 -13.35 13.78 20.91
N GLY D 160 -12.89 13.60 22.15
CA GLY D 160 -13.74 13.02 23.17
C GLY D 160 -13.78 11.51 23.14
N ILE D 161 -13.02 10.91 22.23
CA ILE D 161 -12.97 9.45 22.12
C ILE D 161 -12.06 8.90 23.22
N LYS D 162 -12.59 7.96 23.99
CA LYS D 162 -11.86 7.35 25.09
C LYS D 162 -11.66 5.86 24.86
N ILE D 163 -10.44 5.39 25.11
CA ILE D 163 -10.12 3.96 24.93
C ILE D 163 -9.81 3.34 26.29
N GLY D 164 -10.32 2.14 26.50
CA GLY D 164 -10.07 1.45 27.75
C GLY D 164 -10.21 -0.06 27.63
N SER D 165 -9.95 -0.76 28.72
CA SER D 165 -10.06 -2.21 28.72
C SER D 165 -9.96 -2.78 30.13
N PHE D 166 -10.20 -4.08 30.24
CA PHE D 166 -10.13 -4.79 31.51
C PHE D 166 -10.15 -6.30 31.27
N VAL D 167 -9.48 -7.04 32.15
CA VAL D 167 -9.40 -8.49 32.06
C VAL D 167 -10.69 -9.13 32.57
N VAL D 168 -11.21 -10.12 31.87
CA VAL D 168 -12.45 -10.78 32.30
C VAL D 168 -12.25 -12.23 32.73
N SER D 169 -11.08 -12.79 32.46
CA SER D 169 -10.79 -14.16 32.85
C SER D 169 -9.31 -14.47 32.76
N ILE D 170 -8.85 -15.33 33.66
CA ILE D 170 -7.47 -15.77 33.70
C ILE D 170 -7.53 -17.27 33.97
N GLY D 171 -7.05 -18.05 33.02
CA GLY D 171 -7.11 -19.49 33.19
C GLY D 171 -8.56 -19.90 33.21
N GLN D 172 -8.90 -20.77 34.15
N GLN D 172 -8.90 -20.77 34.15
CA GLN D 172 -10.34 -21.25 34.29
CA GLN D 172 -10.35 -21.26 34.29
C GLN D 172 -11.26 -20.25 35.23
C GLN D 172 -11.26 -20.25 35.23
N LYS D 173 -10.62 -19.24 35.80
CA LYS D 173 -11.31 -18.30 36.66
C LYS D 173 -11.82 -17.07 35.87
N GLU D 174 -13.14 -16.92 35.86
CA GLU D 174 -13.77 -15.81 35.17
C GLU D 174 -14.43 -14.85 36.15
N VAL D 175 -14.61 -13.60 35.71
CA VAL D 175 -15.25 -12.60 36.53
C VAL D 175 -16.75 -12.75 36.27
N GLU D 176 -17.38 -13.61 37.07
CA GLU D 176 -18.80 -13.91 36.96
C GLU D 176 -19.74 -12.72 36.78
N GLU D 177 -19.43 -11.60 37.42
CA GLU D 177 -20.27 -10.42 37.31
C GLU D 177 -20.40 -9.97 35.86
N LEU D 178 -19.30 -10.14 35.11
CA LEU D 178 -19.26 -9.75 33.71
C LEU D 178 -19.81 -10.80 32.74
N LYS D 179 -20.46 -11.83 33.29
CA LYS D 179 -21.03 -12.90 32.46
C LYS D 179 -22.06 -12.32 31.48
N ASP D 180 -22.95 -11.49 32.01
CA ASP D 180 -23.99 -10.86 31.19
C ASP D 180 -23.35 -9.67 30.45
N LYS D 181 -23.35 -9.73 29.12
CA LYS D 181 -22.72 -8.68 28.32
C LYS D 181 -23.60 -7.48 27.97
N SER D 182 -24.67 -7.29 28.74
CA SER D 182 -25.57 -6.17 28.52
C SER D 182 -24.85 -4.84 28.67
N TYR D 183 -23.77 -4.82 29.46
CA TYR D 183 -23.00 -3.60 29.68
C TYR D 183 -22.24 -3.12 28.42
N PHE D 184 -22.31 -3.89 27.34
CA PHE D 184 -21.64 -3.49 26.11
C PHE D 184 -22.26 -2.18 25.61
N ALA D 185 -23.54 -1.98 25.94
CA ALA D 185 -24.27 -0.78 25.51
C ALA D 185 -24.27 0.31 26.58
N ASN D 186 -23.44 0.16 27.60
CA ASN D 186 -23.39 1.12 28.69
C ASN D 186 -22.02 1.78 28.85
N PRO D 187 -21.84 2.98 28.28
CA PRO D 187 -20.57 3.71 28.35
C PRO D 187 -20.08 3.97 29.78
N GLU D 188 -21.01 4.24 30.69
CA GLU D 188 -20.66 4.50 32.08
C GLU D 188 -20.10 3.24 32.71
N LYS D 189 -20.79 2.12 32.56
CA LYS D 189 -20.32 0.87 33.11
C LYS D 189 -18.94 0.53 32.58
N LEU D 190 -18.79 0.57 31.25
CA LEU D 190 -17.51 0.26 30.63
C LEU D 190 -16.38 1.12 31.22
N LEU D 191 -16.63 2.42 31.34
CA LEU D 191 -15.62 3.32 31.87
C LEU D 191 -15.25 3.00 33.31
N SER D 192 -16.26 2.69 34.13
CA SER D 192 -16.02 2.38 35.53
C SER D 192 -15.21 1.09 35.67
N TYR D 193 -15.50 0.11 34.81
CA TYR D 193 -14.76 -1.15 34.86
C TYR D 193 -13.29 -0.88 34.54
N HIS D 194 -13.06 0.01 33.58
CA HIS D 194 -11.69 0.36 33.21
C HIS D 194 -11.01 1.00 34.41
N GLU D 195 -11.67 2.00 34.99
CA GLU D 195 -11.11 2.70 36.14
C GLU D 195 -10.75 1.75 37.28
N LYS D 196 -11.69 0.88 37.65
CA LYS D 196 -11.44 -0.07 38.72
C LYS D 196 -10.30 -1.00 38.31
N ALA D 197 -10.26 -1.35 37.03
CA ALA D 197 -9.21 -2.23 36.52
C ALA D 197 -7.84 -1.58 36.78
N GLU D 198 -7.77 -0.26 36.69
CA GLU D 198 -6.52 0.43 36.93
C GLU D 198 -6.05 0.26 38.37
N ASP D 199 -6.96 -0.10 39.27
CA ASP D 199 -6.60 -0.29 40.67
C ASP D 199 -6.38 -1.78 40.99
N SER D 200 -6.60 -2.64 40.00
CA SER D 200 -6.41 -4.08 40.18
C SER D 200 -5.02 -4.49 39.74
N GLU D 201 -4.43 -5.43 40.49
CA GLU D 201 -3.10 -5.93 40.17
C GLU D 201 -3.13 -6.80 38.93
N LEU D 202 -4.33 -7.20 38.51
CA LEU D 202 -4.50 -8.04 37.33
C LEU D 202 -5.46 -7.36 36.35
N ARG D 203 -5.70 -6.07 36.59
CA ARG D 203 -6.58 -5.28 35.75
C ARG D 203 -7.98 -5.87 35.61
N ILE D 204 -8.48 -6.48 36.68
CA ILE D 204 -9.83 -7.03 36.66
C ILE D 204 -10.71 -5.90 37.19
N PRO D 205 -11.96 -5.81 36.71
CA PRO D 205 -12.90 -4.77 37.13
C PRO D 205 -13.34 -4.81 38.59
N PHE D 206 -12.81 -5.76 39.37
CA PHE D 206 -13.18 -5.88 40.77
C PHE D 206 -11.95 -6.18 41.65
N PRO D 207 -11.17 -5.14 41.98
CA PRO D 207 -9.95 -5.20 42.79
C PRO D 207 -10.03 -6.08 44.05
N GLU D 208 -11.22 -6.18 44.65
CA GLU D 208 -11.38 -6.98 45.86
C GLU D 208 -11.20 -8.47 45.58
N LYS D 209 -11.23 -8.85 44.30
CA LYS D 209 -11.08 -10.24 43.93
C LYS D 209 -9.64 -10.58 43.55
N ASP D 210 -8.76 -9.58 43.66
CA ASP D 210 -7.34 -9.77 43.32
C ASP D 210 -6.72 -10.94 44.08
N GLU D 211 -7.00 -11.03 45.38
CA GLU D 211 -6.45 -12.10 46.20
C GLU D 211 -7.02 -13.45 45.76
N GLU D 212 -8.31 -13.48 45.46
CA GLU D 212 -8.95 -14.70 45.03
C GLU D 212 -8.30 -15.17 43.73
N PHE D 213 -7.92 -14.24 42.86
CA PHE D 213 -7.26 -14.58 41.60
C PHE D 213 -5.78 -14.89 41.83
N LYS D 214 -5.12 -14.06 42.60
CA LYS D 214 -3.70 -14.26 42.90
C LYS D 214 -3.45 -15.62 43.53
N THR D 215 -4.36 -16.06 44.40
CA THR D 215 -4.23 -17.35 45.05
C THR D 215 -4.29 -18.43 43.99
N TYR D 216 -5.20 -18.25 43.04
CA TYR D 216 -5.39 -19.20 41.95
C TYR D 216 -4.13 -19.24 41.08
N ILE D 217 -3.59 -18.07 40.76
CA ILE D 217 -2.40 -17.98 39.92
C ILE D 217 -1.19 -18.58 40.63
N ASP D 218 -0.94 -18.15 41.87
CA ASP D 218 0.19 -18.66 42.64
C ASP D 218 0.06 -20.18 42.70
N GLU D 219 -1.17 -20.64 42.83
CA GLU D 219 -1.47 -22.07 42.91
C GLU D 219 -1.03 -22.80 41.64
N VAL D 220 -1.48 -22.32 40.49
CA VAL D 220 -1.12 -22.94 39.21
C VAL D 220 0.38 -22.83 39.00
N LYS D 221 0.97 -21.76 39.54
CA LYS D 221 2.40 -21.55 39.40
C LYS D 221 3.14 -22.51 40.33
N GLU D 222 2.45 -22.98 41.36
CA GLU D 222 3.03 -23.94 42.31
C GLU D 222 3.41 -25.16 41.49
N LYS D 223 2.54 -25.49 40.54
CA LYS D 223 2.79 -26.60 39.62
C LYS D 223 3.59 -25.95 38.51
N GLY D 224 4.06 -26.74 37.56
CA GLY D 224 4.83 -26.16 36.47
C GLY D 224 3.86 -25.73 35.37
N GLU D 225 3.03 -24.74 35.65
CA GLU D 225 2.05 -24.31 34.67
C GLU D 225 1.92 -22.81 34.42
N SER D 226 1.52 -22.47 33.20
CA SER D 226 1.32 -21.09 32.79
C SER D 226 -0.16 -20.87 32.46
N LEU D 227 -0.59 -19.61 32.47
CA LEU D 227 -1.98 -19.30 32.19
C LEU D 227 -2.21 -18.26 31.09
N GLY D 228 -3.32 -18.40 30.40
CA GLY D 228 -3.67 -17.45 29.36
C GLY D 228 -4.78 -16.61 29.97
N GLY D 229 -5.50 -15.86 29.15
CA GLY D 229 -6.57 -15.04 29.68
C GLY D 229 -7.38 -14.36 28.60
N VAL D 230 -8.44 -13.68 29.02
CA VAL D 230 -9.30 -12.97 28.08
C VAL D 230 -9.59 -11.56 28.57
N PHE D 231 -9.43 -10.59 27.70
CA PHE D 231 -9.72 -9.21 28.06
C PHE D 231 -10.66 -8.58 27.05
N GLU D 232 -11.29 -7.48 27.45
CA GLU D 232 -12.20 -6.77 26.58
C GLU D 232 -11.67 -5.36 26.46
N VAL D 233 -11.62 -4.86 25.24
CA VAL D 233 -11.14 -3.52 24.99
C VAL D 233 -12.29 -2.75 24.35
N PHE D 234 -12.42 -1.48 24.68
CA PHE D 234 -13.52 -0.67 24.15
C PHE D 234 -13.11 0.74 23.78
N ALA D 235 -13.96 1.38 22.98
CA ALA D 235 -13.75 2.76 22.55
C ALA D 235 -15.09 3.49 22.69
N LEU D 236 -15.07 4.60 23.43
CA LEU D 236 -16.30 5.36 23.63
C LEU D 236 -16.38 6.65 22.82
N ASN D 237 -17.60 7.02 22.46
CA ASN D 237 -17.86 8.24 21.70
C ASN D 237 -17.33 8.21 20.27
N VAL D 238 -17.18 7.02 19.70
CA VAL D 238 -16.70 6.93 18.33
C VAL D 238 -17.91 7.16 17.44
N PRO D 239 -17.77 8.05 16.44
CA PRO D 239 -18.84 8.39 15.51
C PRO D 239 -19.16 7.26 14.54
N PRO D 240 -20.41 7.19 14.07
CA PRO D 240 -20.78 6.13 13.12
C PRO D 240 -20.20 6.55 11.78
N GLY D 241 -19.93 5.58 10.90
CA GLY D 241 -19.38 5.96 9.61
C GLY D 241 -17.91 5.65 9.40
N LEU D 242 -17.20 5.22 10.44
CA LEU D 242 -15.78 4.91 10.28
C LEU D 242 -15.63 3.54 9.61
N GLY D 243 -14.68 3.44 8.68
CA GLY D 243 -14.49 2.20 7.96
C GLY D 243 -15.46 2.26 6.80
N SER D 244 -15.49 1.23 5.96
CA SER D 244 -16.41 1.22 4.83
C SER D 244 -16.73 -0.18 4.35
N HIS D 245 -17.90 -0.32 3.74
CA HIS D 245 -18.36 -1.60 3.21
C HIS D 245 -18.01 -1.77 1.73
N ILE D 246 -17.53 -0.71 1.08
CA ILE D 246 -17.24 -0.81 -0.34
C ILE D 246 -16.17 -1.81 -0.79
N GLN D 247 -15.25 -2.16 0.11
CA GLN D 247 -14.19 -3.11 -0.22
C GLN D 247 -13.80 -3.88 1.05
N TRP D 248 -13.66 -5.20 0.93
CA TRP D 248 -13.33 -6.06 2.07
C TRP D 248 -12.24 -5.51 3.01
N ASP D 249 -11.18 -4.95 2.46
CA ASP D 249 -10.10 -4.45 3.31
C ASP D 249 -10.34 -3.11 4.01
N ARG D 250 -11.48 -2.48 3.73
CA ARG D 250 -11.77 -1.20 4.37
C ARG D 250 -12.75 -1.36 5.52
N ARG D 251 -13.38 -2.54 5.63
CA ARG D 251 -14.34 -2.77 6.70
C ARG D 251 -13.62 -2.65 8.05
N ILE D 252 -14.18 -1.85 8.93
CA ILE D 252 -13.59 -1.59 10.23
C ILE D 252 -13.38 -2.84 11.10
N ASP D 253 -14.30 -3.78 11.00
N ASP D 253 -14.30 -3.78 11.00
CA ASP D 253 -14.21 -5.07 11.83
CA ASP D 253 -14.21 -5.07 11.83
C ASP D 253 -12.85 -5.91 11.45
C ASP D 253 -12.85 -5.91 11.45
N GLY D 254 -12.58 -6.02 10.15
CA GLY D 254 -11.39 -6.72 9.71
C GLY D 254 -10.13 -6.02 10.16
N ARG D 255 -10.15 -4.69 10.13
CA ARG D 255 -9.01 -3.89 10.54
C ARG D 255 -8.76 -4.04 12.03
N ILE D 256 -9.84 -4.10 12.80
CA ILE D 256 -9.72 -4.29 14.24
C ILE D 256 -9.21 -5.71 14.50
N ALA D 257 -9.73 -6.67 13.73
CA ALA D 257 -9.33 -8.07 13.89
C ALA D 257 -7.85 -8.31 13.63
N GLN D 258 -7.30 -7.69 12.58
CA GLN D 258 -5.88 -7.86 12.29
C GLN D 258 -5.02 -7.27 13.40
N ALA D 259 -5.28 -6.02 13.72
CA ALA D 259 -4.53 -5.32 14.74
C ALA D 259 -4.47 -6.10 16.05
N SER D 262 -2.75 -9.54 15.78
CA SER D 262 -1.33 -9.40 15.49
C SER D 262 -0.54 -9.36 16.79
N ILE D 263 -1.23 -9.18 17.90
CA ILE D 263 -0.60 -9.14 19.21
C ILE D 263 -0.10 -10.55 19.55
N GLN D 264 1.11 -10.62 20.09
CA GLN D 264 1.71 -11.89 20.46
C GLN D 264 0.79 -12.73 21.37
N ALA D 265 0.74 -14.02 21.08
CA ALA D 265 -0.06 -14.98 21.87
C ALA D 265 -1.57 -14.86 21.75
N ILE D 266 -2.05 -13.92 20.94
CA ILE D 266 -3.50 -13.77 20.76
C ILE D 266 -3.96 -14.79 19.73
N LYS D 267 -4.97 -15.59 20.11
CA LYS D 267 -5.49 -16.64 19.23
C LYS D 267 -6.97 -16.50 18.93
N GLY D 268 -7.61 -15.51 19.53
CA GLY D 268 -9.02 -15.34 19.30
C GLY D 268 -9.46 -13.91 19.42
N VAL D 269 -10.43 -13.55 18.59
N VAL D 269 -10.43 -13.55 18.59
CA VAL D 269 -10.99 -12.12 18.58
CA VAL D 269 -10.99 -12.12 18.58
C VAL D 269 -12.58 -12.10 18.21
C VAL D 269 -12.58 -12.10 18.21
N GLU D 270 -13.32 -11.29 18.94
CA GLU D 270 -14.74 -11.17 18.71
C GLU D 270 -15.07 -9.68 18.77
N ILE D 271 -16.05 -9.28 17.98
CA ILE D 271 -16.51 -7.90 18.01
C ILE D 271 -17.89 -8.06 18.63
N GLY D 272 -18.10 -7.53 19.82
CA GLY D 272 -19.39 -7.67 20.47
C GLY D 272 -19.54 -9.07 21.04
N LEU D 273 -20.75 -9.63 20.97
CA LEU D 273 -21.00 -10.96 21.50
C LEU D 273 -20.11 -12.06 20.94
N GLY D 274 -19.79 -11.96 19.65
CA GLY D 274 -18.93 -12.94 19.01
C GLY D 274 -19.52 -14.31 18.75
N PHE D 275 -18.77 -15.35 19.12
CA PHE D 275 -19.21 -16.72 18.92
C PHE D 275 -20.56 -16.97 19.61
N GLU D 276 -20.81 -16.25 20.69
CA GLU D 276 -22.07 -16.37 21.42
C GLU D 276 -23.23 -15.91 20.55
N ALA D 277 -23.00 -14.86 19.77
CA ALA D 277 -24.04 -14.34 18.89
C ALA D 277 -24.38 -15.37 17.83
N ALA D 278 -23.39 -16.15 17.42
CA ALA D 278 -23.59 -17.18 16.39
C ALA D 278 -24.50 -18.30 16.88
N ARG D 279 -24.69 -18.39 18.19
CA ARG D 279 -25.54 -19.44 18.76
C ARG D 279 -26.94 -18.98 19.12
N ARG D 280 -27.21 -17.68 19.00
CA ARG D 280 -28.52 -17.15 19.37
C ARG D 280 -29.48 -16.92 18.20
N PHE D 281 -30.71 -16.59 18.52
CA PHE D 281 -31.73 -16.31 17.52
C PHE D 281 -31.48 -14.89 17.01
N GLY D 282 -31.91 -14.59 15.80
CA GLY D 282 -31.70 -13.26 15.25
C GLY D 282 -32.22 -12.14 16.15
N SER D 283 -33.36 -12.36 16.79
CA SER D 283 -33.95 -11.33 17.65
C SER D 283 -33.20 -11.14 18.96
N GLN D 284 -32.38 -12.12 19.33
CA GLN D 284 -31.62 -12.02 20.58
C GLN D 284 -30.26 -11.34 20.39
N VAL D 285 -29.90 -11.10 19.14
CA VAL D 285 -28.62 -10.47 18.83
C VAL D 285 -28.86 -9.05 18.30
N HIS D 286 -29.90 -8.90 17.49
CA HIS D 286 -30.25 -7.62 16.90
C HIS D 286 -30.22 -6.41 17.85
N ASP D 287 -29.52 -5.36 17.42
CA ASP D 287 -29.46 -4.14 18.22
C ASP D 287 -30.45 -3.17 17.56
N GLU D 288 -31.66 -3.13 18.11
CA GLU D 288 -32.71 -2.28 17.57
C GLU D 288 -32.27 -0.83 17.44
N ILE D 289 -32.64 -0.23 16.32
CA ILE D 289 -32.30 1.16 16.05
C ILE D 289 -33.27 2.11 16.72
N GLY D 290 -32.73 3.10 17.42
CA GLY D 290 -33.55 4.08 18.09
C GLY D 290 -33.11 5.46 17.65
N TRP D 291 -33.95 6.46 17.88
CA TRP D 291 -33.64 7.83 17.50
C TRP D 291 -34.39 8.81 18.40
N SER D 292 -33.79 9.97 18.60
CA SER D 292 -34.42 11.01 19.41
C SER D 292 -33.85 12.34 18.96
N GLU D 293 -34.59 13.42 19.18
CA GLU D 293 -34.12 14.75 18.79
C GLU D 293 -32.84 15.07 19.55
N GLY D 294 -31.87 15.64 18.86
CA GLY D 294 -30.62 15.98 19.53
C GLY D 294 -29.64 14.84 19.63
N LYS D 295 -30.06 13.72 20.21
CA LYS D 295 -29.19 12.55 20.35
C LYS D 295 -28.96 11.84 19.02
N GLY D 296 -29.86 12.05 18.07
CA GLY D 296 -29.71 11.40 16.78
C GLY D 296 -29.94 9.90 16.91
N TYR D 297 -29.41 9.14 15.95
CA TYR D 297 -29.56 7.68 15.94
C TYR D 297 -28.68 6.97 16.96
N PHE D 298 -29.20 5.85 17.46
CA PHE D 298 -28.49 5.04 18.44
C PHE D 298 -29.11 3.65 18.47
N ARG D 299 -28.59 2.77 19.32
CA ARG D 299 -29.11 1.42 19.42
C ARG D 299 -29.49 1.10 20.87
N HIS D 300 -30.48 0.24 21.06
CA HIS D 300 -30.93 -0.12 22.41
C HIS D 300 -30.08 -1.20 23.08
N SER D 301 -29.21 -1.85 22.31
CA SER D 301 -28.30 -2.86 22.84
C SER D 301 -27.03 -2.81 21.97
N ASN D 302 -25.97 -3.48 22.40
CA ASN D 302 -24.72 -3.46 21.65
C ASN D 302 -24.11 -4.85 21.50
N ASN D 303 -24.92 -5.81 21.09
CA ASN D 303 -24.43 -7.16 20.88
C ASN D 303 -23.49 -7.19 19.68
N LEU D 304 -23.60 -6.18 18.81
CA LEU D 304 -22.75 -6.09 17.63
C LEU D 304 -21.36 -5.53 17.94
N GLY D 305 -21.19 -4.98 19.13
CA GLY D 305 -19.90 -4.44 19.50
C GLY D 305 -19.52 -3.09 18.88
N GLY D 306 -20.51 -2.31 18.44
CA GLY D 306 -20.22 -1.01 17.88
C GLY D 306 -19.98 -0.92 16.38
N THR D 307 -20.20 -2.00 15.64
CA THR D 307 -20.01 -1.97 14.20
C THR D 307 -21.10 -2.79 13.50
N GLU D 308 -21.51 -2.33 12.32
CA GLU D 308 -22.55 -3.00 11.54
C GLU D 308 -22.21 -2.88 10.06
N GLY D 309 -22.12 -4.01 9.38
CA GLY D 309 -21.81 -3.98 7.95
C GLY D 309 -20.45 -3.42 7.59
N GLY D 310 -19.49 -3.53 8.50
CA GLY D 310 -18.16 -3.03 8.23
C GLY D 310 -17.92 -1.57 8.59
N ILE D 311 -18.88 -0.95 9.24
CA ILE D 311 -18.74 0.45 9.62
C ILE D 311 -19.14 0.66 11.07
N THR D 312 -18.56 1.65 11.74
CA THR D 312 -18.92 1.92 13.13
C THR D 312 -20.34 2.44 13.13
N ASN D 313 -21.10 2.13 14.19
CA ASN D 313 -22.49 2.59 14.24
C ASN D 313 -22.79 3.61 15.34
N GLY D 314 -21.76 4.08 16.03
CA GLY D 314 -21.97 5.08 17.06
C GLY D 314 -21.98 4.53 18.48
N PRO D 316 -20.63 1.95 21.65
CA PRO D 316 -19.28 1.65 22.11
C PRO D 316 -18.66 0.52 21.29
N ILE D 317 -17.41 0.67 20.87
CA ILE D 317 -16.76 -0.39 20.14
C ILE D 317 -16.23 -1.34 21.20
N VAL D 318 -16.62 -2.60 21.11
CA VAL D 318 -16.19 -3.57 22.10
C VAL D 318 -15.55 -4.75 21.42
N VAL D 319 -14.35 -5.08 21.87
CA VAL D 319 -13.59 -6.18 21.29
C VAL D 319 -13.16 -7.16 22.38
N ARG D 320 -13.37 -8.44 22.13
CA ARG D 320 -12.98 -9.46 23.10
C ARG D 320 -11.76 -10.17 22.52
N VAL D 321 -10.69 -10.25 23.31
CA VAL D 321 -9.45 -10.86 22.86
C VAL D 321 -9.01 -12.02 23.73
N ALA D 322 -8.64 -13.12 23.07
CA ALA D 322 -8.21 -14.33 23.77
C ALA D 322 -6.71 -14.57 23.66
N LYS D 324 -3.46 -17.01 24.61
CA LYS D 324 -3.07 -18.36 25.00
C LYS D 324 -1.95 -18.30 26.03
N PRO D 325 -1.80 -19.37 26.84
CA PRO D 325 -0.75 -19.45 27.86
C PRO D 325 0.61 -19.51 27.17
N ILE D 326 1.64 -19.01 27.84
CA ILE D 326 2.99 -19.03 27.28
C ILE D 326 3.87 -20.01 28.05
N VAL D 354 -1.25 -13.36 34.41
CA VAL D 354 0.19 -13.32 34.23
C VAL D 354 0.61 -12.26 33.22
N ALA D 355 0.37 -12.55 31.95
CA ALA D 355 0.72 -11.61 30.87
C ALA D 355 -0.52 -10.97 30.26
N VAL D 356 -1.70 -11.50 30.59
CA VAL D 356 -2.93 -10.96 30.05
C VAL D 356 -3.18 -9.49 30.43
N PRO D 357 -2.76 -9.08 31.65
CA PRO D 357 -3.00 -7.67 32.00
C PRO D 357 -2.20 -6.74 31.08
N ALA D 358 -0.96 -7.12 30.79
CA ALA D 358 -0.11 -6.32 29.91
C ALA D 358 -0.65 -6.39 28.49
N ALA D 359 -1.26 -7.51 28.13
CA ALA D 359 -1.81 -7.67 26.79
C ALA D 359 -2.95 -6.69 26.61
N SER D 360 -3.83 -6.60 27.60
CA SER D 360 -4.97 -5.70 27.53
C SER D 360 -4.53 -4.28 27.22
N VAL D 361 -3.42 -3.86 27.82
CA VAL D 361 -2.89 -2.52 27.59
C VAL D 361 -2.45 -2.38 26.14
N VAL D 362 -1.85 -3.43 25.60
CA VAL D 362 -1.40 -3.46 24.22
C VAL D 362 -2.62 -3.44 23.32
N GLY D 363 -3.68 -4.07 23.78
CA GLY D 363 -4.92 -4.11 23.00
C GLY D 363 -5.49 -2.71 22.87
N GLU D 364 -5.32 -1.91 23.92
CA GLU D 364 -5.82 -0.54 23.89
C GLU D 364 -5.06 0.26 22.85
N ALA D 365 -3.75 0.05 22.80
CA ALA D 365 -2.89 0.74 21.85
C ALA D 365 -3.25 0.38 20.40
N LEU D 367 -6.14 -0.70 19.30
CA LEU D 367 -7.45 -0.17 18.99
C LEU D 367 -7.37 1.34 18.71
N ALA D 368 -6.49 2.01 19.44
CA ALA D 368 -6.32 3.45 19.28
C ALA D 368 -5.72 3.75 17.92
N ILE D 369 -4.77 2.92 17.50
CA ILE D 369 -4.13 3.11 16.20
C ILE D 369 -5.13 2.91 15.08
N VAL D 370 -5.91 1.84 15.15
CA VAL D 370 -6.89 1.56 14.10
C VAL D 370 -7.96 2.64 14.04
N LEU D 371 -8.41 3.12 15.20
CA LEU D 371 -9.43 4.16 15.22
C LEU D 371 -8.89 5.53 14.80
N ALA D 372 -7.67 5.86 15.21
CA ALA D 372 -7.09 7.13 14.82
C ALA D 372 -6.98 7.13 13.30
N ASP D 373 -6.52 6.01 12.75
CA ASP D 373 -6.37 5.85 11.32
C ASP D 373 -7.71 5.96 10.60
N ALA D 374 -8.72 5.27 11.12
CA ALA D 374 -10.04 5.28 10.50
C ALA D 374 -10.68 6.68 10.57
N LEU D 375 -10.42 7.41 11.66
CA LEU D 375 -10.97 8.74 11.80
C LEU D 375 -10.31 9.69 10.82
N LEU D 376 -8.97 9.62 10.71
CA LEU D 376 -8.24 10.48 9.80
C LEU D 376 -8.60 10.16 8.34
N GLU D 377 -8.88 8.90 8.07
CA GLU D 377 -9.25 8.48 6.73
C GLU D 377 -10.56 9.16 6.32
N LYS D 378 -11.46 9.29 7.27
CA LYS D 378 -12.77 9.91 7.04
C LYS D 378 -12.70 11.44 7.01
N LEU D 379 -11.90 12.01 7.90
CA LEU D 379 -11.80 13.47 7.99
C LEU D 379 -10.67 14.11 7.18
N GLY D 380 -9.53 13.44 7.08
CA GLY D 380 -8.41 14.03 6.36
C GLY D 380 -8.01 15.30 7.09
N GLY D 381 -7.03 16.03 6.56
CA GLY D 381 -6.59 17.25 7.20
C GLY D 381 -5.14 17.17 7.63
N ASP D 382 -4.50 18.33 7.79
CA ASP D 382 -3.10 18.37 8.18
C ASP D 382 -2.82 19.02 9.54
N PHE D 383 -3.82 19.70 10.09
CA PHE D 383 -3.67 20.33 11.40
C PHE D 383 -4.95 20.16 12.20
N GLU D 385 -6.86 22.03 14.10
CA GLU D 385 -7.92 23.01 13.87
C GLU D 385 -8.79 22.58 12.69
N GLU D 386 -8.14 22.18 11.61
CA GLU D 386 -8.81 21.74 10.40
C GLU D 386 -9.58 20.43 10.62
N VAL D 387 -8.92 19.47 11.24
CA VAL D 387 -9.52 18.16 11.51
C VAL D 387 -10.72 18.26 12.46
N LYS D 388 -10.62 19.10 13.49
CA LYS D 388 -11.72 19.25 14.45
C LYS D 388 -12.95 19.90 13.81
N LYS D 389 -12.72 20.86 12.92
CA LYS D 389 -13.83 21.52 12.25
C LYS D 389 -14.61 20.50 11.42
N ARG D 390 -13.88 19.64 10.73
CA ARG D 390 -14.50 18.61 9.91
C ARG D 390 -15.27 17.62 10.79
N PHE D 391 -14.72 17.33 11.97
CA PHE D 391 -15.36 16.42 12.90
C PHE D 391 -16.73 16.96 13.29
N GLU D 392 -16.75 18.23 13.70
CA GLU D 392 -17.99 18.90 14.10
C GLU D 392 -19.05 18.82 13.02
N ASP D 393 -18.68 19.20 11.80
CA ASP D 393 -19.63 19.18 10.70
C ASP D 393 -20.14 17.77 10.42
N TYR D 394 -19.25 16.79 10.52
CA TYR D 394 -19.65 15.42 10.27
C TYR D 394 -20.63 14.93 11.34
N VAL D 395 -20.30 15.21 12.59
CA VAL D 395 -21.16 14.79 13.69
C VAL D 395 -22.54 15.42 13.59
N ASN D 396 -22.61 16.72 13.29
CA ASN D 396 -23.90 17.38 13.14
C ASN D 396 -24.66 16.72 12.00
N HIS D 397 -23.93 16.34 10.97
CA HIS D 397 -24.49 15.68 9.79
C HIS D 397 -25.09 14.34 10.20
N VAL D 398 -24.40 13.65 11.11
CA VAL D 398 -24.85 12.35 11.60
C VAL D 398 -26.16 12.50 12.36
N LYS D 399 -26.17 13.37 13.36
CA LYS D 399 -27.35 13.60 14.17
C LYS D 399 -28.51 14.08 13.31
N SER D 400 -28.26 15.14 12.54
CA SER D 400 -29.27 15.73 11.66
C SER D 400 -29.70 14.83 10.50
N PHE D 401 -29.22 13.58 10.49
CA PHE D 401 -29.59 12.68 9.42
C PHE D 401 -31.01 12.14 9.59
#